data_1U6T
# 
_entry.id   1U6T 
# 
_audit_conform.dict_name       mmcif_pdbx.dic 
_audit_conform.dict_version    5.388 
_audit_conform.dict_location   http://mmcif.pdb.org/dictionaries/ascii/mmcif_pdbx.dic 
# 
loop_
_database_2.database_id 
_database_2.database_code 
_database_2.pdbx_database_accession 
_database_2.pdbx_DOI 
PDB   1U6T         pdb_00001u6t 10.2210/pdb1u6t/pdb 
RCSB  RCSB023317   ?            ?                   
WWPDB D_1000023317 ?            ?                   
# 
loop_
_pdbx_audit_revision_history.ordinal 
_pdbx_audit_revision_history.data_content_type 
_pdbx_audit_revision_history.major_revision 
_pdbx_audit_revision_history.minor_revision 
_pdbx_audit_revision_history.revision_date 
1 'Structure model' 1 0 2005-08-09 
2 'Structure model' 1 1 2008-03-14 
3 'Structure model' 1 2 2011-07-13 
4 'Structure model' 1 3 2024-03-13 
# 
_pdbx_audit_revision_details.ordinal             1 
_pdbx_audit_revision_details.revision_ordinal    1 
_pdbx_audit_revision_details.data_content_type   'Structure model' 
_pdbx_audit_revision_details.provider            repository 
_pdbx_audit_revision_details.type                'Initial release' 
_pdbx_audit_revision_details.description         ? 
_pdbx_audit_revision_details.details             ? 
# 
loop_
_pdbx_audit_revision_group.ordinal 
_pdbx_audit_revision_group.revision_ordinal 
_pdbx_audit_revision_group.data_content_type 
_pdbx_audit_revision_group.group 
1 2 'Structure model' 'Version format compliance' 
2 3 'Structure model' 'Version format compliance' 
3 4 'Structure model' 'Data collection'           
4 4 'Structure model' 'Database references'       
5 4 'Structure model' 'Derived calculations'      
# 
loop_
_pdbx_audit_revision_category.ordinal 
_pdbx_audit_revision_category.revision_ordinal 
_pdbx_audit_revision_category.data_content_type 
_pdbx_audit_revision_category.category 
1 4 'Structure model' chem_comp_atom     
2 4 'Structure model' chem_comp_bond     
3 4 'Structure model' database_2         
4 4 'Structure model' struct_ref_seq_dif 
5 4 'Structure model' struct_site        
# 
loop_
_pdbx_audit_revision_item.ordinal 
_pdbx_audit_revision_item.revision_ordinal 
_pdbx_audit_revision_item.data_content_type 
_pdbx_audit_revision_item.item 
1 4 'Structure model' '_database_2.pdbx_DOI'                
2 4 'Structure model' '_database_2.pdbx_database_accession' 
3 4 'Structure model' '_struct_ref_seq_dif.details'         
4 4 'Structure model' '_struct_site.pdbx_auth_asym_id'      
5 4 'Structure model' '_struct_site.pdbx_auth_comp_id'      
6 4 'Structure model' '_struct_site.pdbx_auth_seq_id'       
# 
_pdbx_database_status.status_code                     REL 
_pdbx_database_status.entry_id                        1U6T 
_pdbx_database_status.recvd_initial_deposition_date   2004-08-01 
_pdbx_database_status.deposit_site                    RCSB 
_pdbx_database_status.process_site                    PDBJ 
_pdbx_database_status.status_code_sf                  REL 
_pdbx_database_status.status_code_mr                  ? 
_pdbx_database_status.SG_entry                        ? 
_pdbx_database_status.pdb_format_compatible           Y 
_pdbx_database_status.status_code_cs                  ? 
_pdbx_database_status.status_code_nmr_data            ? 
_pdbx_database_status.methods_development_category    ? 
# 
loop_
_audit_author.name 
_audit_author.pdbx_ordinal 
'Yin, L.'      1 
'Xiang, Y.'    2 
'Yang, N.'     3 
'Zhu, D.-Y.'   4 
'Huang, R.-H.' 5 
'Wang, D.-C.'  6 
# 
_citation.id                        primary 
_citation.title                     
;Crystal structure of human SH3BGRL protein: the first structure of the human SH3BGR family representing a novel class of thioredoxin fold proteins
;
_citation.journal_abbrev            Proteins 
_citation.journal_volume            61 
_citation.page_first                213 
_citation.page_last                 216 
_citation.year                      2005 
_citation.journal_id_ASTM           PSFGEY 
_citation.country                   US 
_citation.journal_id_ISSN           0887-3585 
_citation.journal_id_CSD            0867 
_citation.book_publisher            ? 
_citation.pdbx_database_id_PubMed   16080146 
_citation.pdbx_database_id_DOI      10.1002/prot.20523 
# 
loop_
_citation_author.citation_id 
_citation_author.name 
_citation_author.ordinal 
_citation_author.identifier_ORCID 
primary 'Yin, L.'      1 ? 
primary 'Xiang, Y.'    2 ? 
primary 'Zhu, D.-Y.'   3 ? 
primary 'Yan, N.'      4 ? 
primary 'Huang, R.-H.' 5 ? 
primary 'Zhang, Y.'    6 ? 
primary 'Wang, D.-C.'  7 ? 
# 
loop_
_entity.id 
_entity.type 
_entity.src_method 
_entity.pdbx_description 
_entity.formula_weight 
_entity.pdbx_number_of_molecules 
_entity.pdbx_ec 
_entity.pdbx_mutation 
_entity.pdbx_fragment 
_entity.details 
1 polymer     man 'SH3 domain-binding glutamic acid-rich-like protein' 13728.157 1   ? ? ? ? 
2 non-polymer syn 'CITRIC ACID'                                        192.124   1   ? ? ? ? 
3 water       nat water                                                18.015    192 ? ? ? ? 
# 
_entity_name_com.entity_id   1 
_entity_name_com.name        'SH3 Binding Glutamic-rich Protein Like' 
# 
_entity_poly.entity_id                      1 
_entity_poly.type                           'polypeptide(L)' 
_entity_poly.nstd_linkage                   no 
_entity_poly.nstd_monomer                   no 
_entity_poly.pdbx_seq_one_letter_code       
;VIRVYIASSSGSTAIKKKQQDVLGFLEANKIGFEEKDIAANEENRKWMRENVPENSRPATGYPLPPQIFNESQYRGDYDA
FFEARENNAVYAFLGLTAPPGSKEAEVQAKQQALEHHHHHH
;
_entity_poly.pdbx_seq_one_letter_code_can   
;VIRVYIASSSGSTAIKKKQQDVLGFLEANKIGFEEKDIAANEENRKWMRENVPENSRPATGYPLPPQIFNESQYRGDYDA
FFEARENNAVYAFLGLTAPPGSKEAEVQAKQQALEHHHHHH
;
_entity_poly.pdbx_strand_id                 A 
_entity_poly.pdbx_target_identifier         ? 
# 
loop_
_pdbx_entity_nonpoly.entity_id 
_pdbx_entity_nonpoly.name 
_pdbx_entity_nonpoly.comp_id 
2 'CITRIC ACID' CIT 
3 water         HOH 
# 
loop_
_entity_poly_seq.entity_id 
_entity_poly_seq.num 
_entity_poly_seq.mon_id 
_entity_poly_seq.hetero 
1 1   VAL n 
1 2   ILE n 
1 3   ARG n 
1 4   VAL n 
1 5   TYR n 
1 6   ILE n 
1 7   ALA n 
1 8   SER n 
1 9   SER n 
1 10  SER n 
1 11  GLY n 
1 12  SER n 
1 13  THR n 
1 14  ALA n 
1 15  ILE n 
1 16  LYS n 
1 17  LYS n 
1 18  LYS n 
1 19  GLN n 
1 20  GLN n 
1 21  ASP n 
1 22  VAL n 
1 23  LEU n 
1 24  GLY n 
1 25  PHE n 
1 26  LEU n 
1 27  GLU n 
1 28  ALA n 
1 29  ASN n 
1 30  LYS n 
1 31  ILE n 
1 32  GLY n 
1 33  PHE n 
1 34  GLU n 
1 35  GLU n 
1 36  LYS n 
1 37  ASP n 
1 38  ILE n 
1 39  ALA n 
1 40  ALA n 
1 41  ASN n 
1 42  GLU n 
1 43  GLU n 
1 44  ASN n 
1 45  ARG n 
1 46  LYS n 
1 47  TRP n 
1 48  MET n 
1 49  ARG n 
1 50  GLU n 
1 51  ASN n 
1 52  VAL n 
1 53  PRO n 
1 54  GLU n 
1 55  ASN n 
1 56  SER n 
1 57  ARG n 
1 58  PRO n 
1 59  ALA n 
1 60  THR n 
1 61  GLY n 
1 62  TYR n 
1 63  PRO n 
1 64  LEU n 
1 65  PRO n 
1 66  PRO n 
1 67  GLN n 
1 68  ILE n 
1 69  PHE n 
1 70  ASN n 
1 71  GLU n 
1 72  SER n 
1 73  GLN n 
1 74  TYR n 
1 75  ARG n 
1 76  GLY n 
1 77  ASP n 
1 78  TYR n 
1 79  ASP n 
1 80  ALA n 
1 81  PHE n 
1 82  PHE n 
1 83  GLU n 
1 84  ALA n 
1 85  ARG n 
1 86  GLU n 
1 87  ASN n 
1 88  ASN n 
1 89  ALA n 
1 90  VAL n 
1 91  TYR n 
1 92  ALA n 
1 93  PHE n 
1 94  LEU n 
1 95  GLY n 
1 96  LEU n 
1 97  THR n 
1 98  ALA n 
1 99  PRO n 
1 100 PRO n 
1 101 GLY n 
1 102 SER n 
1 103 LYS n 
1 104 GLU n 
1 105 ALA n 
1 106 GLU n 
1 107 VAL n 
1 108 GLN n 
1 109 ALA n 
1 110 LYS n 
1 111 GLN n 
1 112 GLN n 
1 113 ALA n 
1 114 LEU n 
1 115 GLU n 
1 116 HIS n 
1 117 HIS n 
1 118 HIS n 
1 119 HIS n 
1 120 HIS n 
1 121 HIS n 
# 
_entity_src_gen.entity_id                          1 
_entity_src_gen.pdbx_src_id                        1 
_entity_src_gen.pdbx_alt_source_flag               sample 
_entity_src_gen.pdbx_seq_type                      ? 
_entity_src_gen.pdbx_beg_seq_num                   ? 
_entity_src_gen.pdbx_end_seq_num                   ? 
_entity_src_gen.gene_src_common_name               human 
_entity_src_gen.gene_src_genus                     Homo 
_entity_src_gen.pdbx_gene_src_gene                 ? 
_entity_src_gen.gene_src_species                   ? 
_entity_src_gen.gene_src_strain                    ? 
_entity_src_gen.gene_src_tissue                    ? 
_entity_src_gen.gene_src_tissue_fraction           ? 
_entity_src_gen.gene_src_details                   ? 
_entity_src_gen.pdbx_gene_src_fragment             ? 
_entity_src_gen.pdbx_gene_src_scientific_name      'Homo sapiens' 
_entity_src_gen.pdbx_gene_src_ncbi_taxonomy_id     9606 
_entity_src_gen.pdbx_gene_src_variant              ? 
_entity_src_gen.pdbx_gene_src_cell_line            ? 
_entity_src_gen.pdbx_gene_src_atcc                 ? 
_entity_src_gen.pdbx_gene_src_organ                ? 
_entity_src_gen.pdbx_gene_src_organelle            ? 
_entity_src_gen.pdbx_gene_src_cell                 ? 
_entity_src_gen.pdbx_gene_src_cellular_location    ? 
_entity_src_gen.host_org_common_name               ? 
_entity_src_gen.pdbx_host_org_scientific_name      'Escherichia coli BL21(DE3)' 
_entity_src_gen.pdbx_host_org_ncbi_taxonomy_id     469008 
_entity_src_gen.host_org_genus                     Escherichia 
_entity_src_gen.pdbx_host_org_gene                 ? 
_entity_src_gen.pdbx_host_org_organ                ? 
_entity_src_gen.host_org_species                   'Escherichia coli' 
_entity_src_gen.pdbx_host_org_tissue               ? 
_entity_src_gen.pdbx_host_org_tissue_fraction      ? 
_entity_src_gen.pdbx_host_org_strain               'BL21(DE3)' 
_entity_src_gen.pdbx_host_org_variant              ? 
_entity_src_gen.pdbx_host_org_cell_line            ? 
_entity_src_gen.pdbx_host_org_atcc                 ? 
_entity_src_gen.pdbx_host_org_culture_collection   ? 
_entity_src_gen.pdbx_host_org_cell                 ? 
_entity_src_gen.pdbx_host_org_organelle            ? 
_entity_src_gen.pdbx_host_org_cellular_location    ? 
_entity_src_gen.pdbx_host_org_vector_type          PLASMID 
_entity_src_gen.pdbx_host_org_vector               ? 
_entity_src_gen.host_org_details                   ? 
_entity_src_gen.expression_system_id               ? 
_entity_src_gen.plasmid_name                       PET22b 
_entity_src_gen.plasmid_details                    ? 
_entity_src_gen.pdbx_description                   ? 
# 
loop_
_chem_comp.id 
_chem_comp.type 
_chem_comp.mon_nstd_flag 
_chem_comp.name 
_chem_comp.pdbx_synonyms 
_chem_comp.formula 
_chem_comp.formula_weight 
ALA 'L-peptide linking' y ALANINE         ? 'C3 H7 N O2'     89.093  
ARG 'L-peptide linking' y ARGININE        ? 'C6 H15 N4 O2 1' 175.209 
ASN 'L-peptide linking' y ASPARAGINE      ? 'C4 H8 N2 O3'    132.118 
ASP 'L-peptide linking' y 'ASPARTIC ACID' ? 'C4 H7 N O4'     133.103 
CIT non-polymer         . 'CITRIC ACID'   ? 'C6 H8 O7'       192.124 
GLN 'L-peptide linking' y GLUTAMINE       ? 'C5 H10 N2 O3'   146.144 
GLU 'L-peptide linking' y 'GLUTAMIC ACID' ? 'C5 H9 N O4'     147.129 
GLY 'peptide linking'   y GLYCINE         ? 'C2 H5 N O2'     75.067  
HIS 'L-peptide linking' y HISTIDINE       ? 'C6 H10 N3 O2 1' 156.162 
HOH non-polymer         . WATER           ? 'H2 O'           18.015  
ILE 'L-peptide linking' y ISOLEUCINE      ? 'C6 H13 N O2'    131.173 
LEU 'L-peptide linking' y LEUCINE         ? 'C6 H13 N O2'    131.173 
LYS 'L-peptide linking' y LYSINE          ? 'C6 H15 N2 O2 1' 147.195 
MET 'L-peptide linking' y METHIONINE      ? 'C5 H11 N O2 S'  149.211 
PHE 'L-peptide linking' y PHENYLALANINE   ? 'C9 H11 N O2'    165.189 
PRO 'L-peptide linking' y PROLINE         ? 'C5 H9 N O2'     115.130 
SER 'L-peptide linking' y SERINE          ? 'C3 H7 N O3'     105.093 
THR 'L-peptide linking' y THREONINE       ? 'C4 H9 N O3'     119.119 
TRP 'L-peptide linking' y TRYPTOPHAN      ? 'C11 H12 N2 O2'  204.225 
TYR 'L-peptide linking' y TYROSINE        ? 'C9 H11 N O3'    181.189 
VAL 'L-peptide linking' y VALINE          ? 'C5 H11 N O2'    117.146 
# 
loop_
_pdbx_poly_seq_scheme.asym_id 
_pdbx_poly_seq_scheme.entity_id 
_pdbx_poly_seq_scheme.seq_id 
_pdbx_poly_seq_scheme.mon_id 
_pdbx_poly_seq_scheme.ndb_seq_num 
_pdbx_poly_seq_scheme.pdb_seq_num 
_pdbx_poly_seq_scheme.auth_seq_num 
_pdbx_poly_seq_scheme.pdb_mon_id 
_pdbx_poly_seq_scheme.auth_mon_id 
_pdbx_poly_seq_scheme.pdb_strand_id 
_pdbx_poly_seq_scheme.pdb_ins_code 
_pdbx_poly_seq_scheme.hetero 
A 1 1   VAL 1   1   1   VAL VAL A . n 
A 1 2   ILE 2   2   2   ILE ILE A . n 
A 1 3   ARG 3   3   3   ARG ARG A . n 
A 1 4   VAL 4   4   4   VAL VAL A . n 
A 1 5   TYR 5   5   5   TYR TYR A . n 
A 1 6   ILE 6   6   6   ILE ILE A . n 
A 1 7   ALA 7   7   7   ALA ALA A . n 
A 1 8   SER 8   8   8   SER SER A . n 
A 1 9   SER 9   9   9   SER SER A . n 
A 1 10  SER 10  10  10  SER SER A . n 
A 1 11  GLY 11  11  11  GLY GLY A . n 
A 1 12  SER 12  12  12  SER SER A . n 
A 1 13  THR 13  13  13  THR THR A . n 
A 1 14  ALA 14  14  14  ALA ALA A . n 
A 1 15  ILE 15  15  15  ILE ILE A . n 
A 1 16  LYS 16  16  16  LYS LYS A . n 
A 1 17  LYS 17  17  17  LYS LYS A . n 
A 1 18  LYS 18  18  18  LYS LYS A . n 
A 1 19  GLN 19  19  19  GLN GLN A . n 
A 1 20  GLN 20  20  20  GLN GLN A . n 
A 1 21  ASP 21  21  21  ASP ASP A . n 
A 1 22  VAL 22  22  22  VAL VAL A . n 
A 1 23  LEU 23  23  23  LEU LEU A . n 
A 1 24  GLY 24  24  24  GLY GLY A . n 
A 1 25  PHE 25  25  25  PHE PHE A . n 
A 1 26  LEU 26  26  26  LEU LEU A . n 
A 1 27  GLU 27  27  27  GLU GLU A . n 
A 1 28  ALA 28  28  28  ALA ALA A . n 
A 1 29  ASN 29  29  29  ASN ASN A . n 
A 1 30  LYS 30  30  30  LYS LYS A . n 
A 1 31  ILE 31  31  31  ILE ILE A . n 
A 1 32  GLY 32  32  32  GLY GLY A . n 
A 1 33  PHE 33  33  33  PHE PHE A . n 
A 1 34  GLU 34  34  34  GLU GLU A . n 
A 1 35  GLU 35  35  35  GLU GLU A . n 
A 1 36  LYS 36  36  36  LYS LYS A . n 
A 1 37  ASP 37  37  37  ASP ASP A . n 
A 1 38  ILE 38  38  38  ILE ILE A . n 
A 1 39  ALA 39  39  39  ALA ALA A . n 
A 1 40  ALA 40  40  40  ALA ALA A . n 
A 1 41  ASN 41  41  41  ASN ASN A . n 
A 1 42  GLU 42  42  42  GLU GLU A . n 
A 1 43  GLU 43  43  43  GLU GLU A . n 
A 1 44  ASN 44  44  44  ASN ASN A . n 
A 1 45  ARG 45  45  45  ARG ARG A . n 
A 1 46  LYS 46  46  46  LYS LYS A . n 
A 1 47  TRP 47  47  47  TRP TRP A . n 
A 1 48  MET 48  48  48  MET MET A . n 
A 1 49  ARG 49  49  49  ARG ARG A . n 
A 1 50  GLU 50  50  50  GLU GLU A . n 
A 1 51  ASN 51  51  51  ASN ASN A . n 
A 1 52  VAL 52  52  52  VAL VAL A . n 
A 1 53  PRO 53  53  53  PRO PRO A . n 
A 1 54  GLU 54  54  54  GLU GLU A . n 
A 1 55  ASN 55  55  55  ASN ASN A . n 
A 1 56  SER 56  56  56  SER SER A . n 
A 1 57  ARG 57  57  57  ARG ARG A . n 
A 1 58  PRO 58  58  58  PRO PRO A . n 
A 1 59  ALA 59  59  59  ALA ALA A . n 
A 1 60  THR 60  60  60  THR THR A . n 
A 1 61  GLY 61  61  61  GLY GLY A . n 
A 1 62  TYR 62  62  62  TYR TYR A . n 
A 1 63  PRO 63  63  63  PRO PRO A . n 
A 1 64  LEU 64  64  64  LEU LEU A . n 
A 1 65  PRO 65  65  65  PRO PRO A . n 
A 1 66  PRO 66  66  66  PRO PRO A . n 
A 1 67  GLN 67  67  67  GLN GLN A . n 
A 1 68  ILE 68  68  68  ILE ILE A . n 
A 1 69  PHE 69  69  69  PHE PHE A . n 
A 1 70  ASN 70  70  70  ASN ASN A . n 
A 1 71  GLU 71  71  71  GLU GLU A . n 
A 1 72  SER 72  72  72  SER SER A . n 
A 1 73  GLN 73  73  73  GLN GLN A . n 
A 1 74  TYR 74  74  74  TYR TYR A . n 
A 1 75  ARG 75  75  75  ARG ARG A . n 
A 1 76  GLY 76  76  76  GLY GLY A . n 
A 1 77  ASP 77  77  77  ASP ASP A . n 
A 1 78  TYR 78  78  78  TYR TYR A . n 
A 1 79  ASP 79  79  79  ASP ASP A . n 
A 1 80  ALA 80  80  80  ALA ALA A . n 
A 1 81  PHE 81  81  81  PHE PHE A . n 
A 1 82  PHE 82  82  82  PHE PHE A . n 
A 1 83  GLU 83  83  83  GLU GLU A . n 
A 1 84  ALA 84  84  84  ALA ALA A . n 
A 1 85  ARG 85  85  85  ARG ARG A . n 
A 1 86  GLU 86  86  86  GLU GLU A . n 
A 1 87  ASN 87  87  87  ASN ASN A . n 
A 1 88  ASN 88  88  88  ASN ASN A . n 
A 1 89  ALA 89  89  89  ALA ALA A . n 
A 1 90  VAL 90  90  90  VAL VAL A . n 
A 1 91  TYR 91  91  91  TYR TYR A . n 
A 1 92  ALA 92  92  92  ALA ALA A . n 
A 1 93  PHE 93  93  93  PHE PHE A . n 
A 1 94  LEU 94  94  94  LEU LEU A . n 
A 1 95  GLY 95  95  95  GLY GLY A . n 
A 1 96  LEU 96  96  96  LEU LEU A . n 
A 1 97  THR 97  97  97  THR THR A . n 
A 1 98  ALA 98  98  98  ALA ALA A . n 
A 1 99  PRO 99  99  99  PRO PRO A . n 
A 1 100 PRO 100 100 100 PRO PRO A . n 
A 1 101 GLY 101 101 101 GLY GLY A . n 
A 1 102 SER 102 102 102 SER SER A . n 
A 1 103 LYS 103 103 103 LYS LYS A . n 
A 1 104 GLU 104 104 104 GLU GLU A . n 
A 1 105 ALA 105 105 105 ALA ALA A . n 
A 1 106 GLU 106 106 106 GLU GLU A . n 
A 1 107 VAL 107 107 107 VAL VAL A . n 
A 1 108 GLN 108 108 108 GLN GLN A . n 
A 1 109 ALA 109 109 109 ALA ALA A . n 
A 1 110 LYS 110 110 110 LYS LYS A . n 
A 1 111 GLN 111 111 111 GLN GLN A . n 
A 1 112 GLN 112 112 112 GLN GLN A . n 
A 1 113 ALA 113 113 113 ALA ALA A . n 
A 1 114 LEU 114 114 114 LEU LEU A . n 
A 1 115 GLU 115 115 115 GLU GLU A . n 
A 1 116 HIS 116 116 116 HIS HIS A . n 
A 1 117 HIS 117 117 117 HIS HIS A . n 
A 1 118 HIS 118 118 118 HIS HIS A . n 
A 1 119 HIS 119 119 119 HIS HIS A . n 
A 1 120 HIS 120 120 120 HIS HIS A . n 
A 1 121 HIS 121 121 121 HIS HIS A . n 
# 
loop_
_pdbx_nonpoly_scheme.asym_id 
_pdbx_nonpoly_scheme.entity_id 
_pdbx_nonpoly_scheme.mon_id 
_pdbx_nonpoly_scheme.ndb_seq_num 
_pdbx_nonpoly_scheme.pdb_seq_num 
_pdbx_nonpoly_scheme.auth_seq_num 
_pdbx_nonpoly_scheme.pdb_mon_id 
_pdbx_nonpoly_scheme.auth_mon_id 
_pdbx_nonpoly_scheme.pdb_strand_id 
_pdbx_nonpoly_scheme.pdb_ins_code 
B 2 CIT 1   200 200 CIT CIT A . 
C 3 HOH 1   201 1   HOH WAT A . 
C 3 HOH 2   202 2   HOH WAT A . 
C 3 HOH 3   203 3   HOH WAT A . 
C 3 HOH 4   204 4   HOH WAT A . 
C 3 HOH 5   205 5   HOH WAT A . 
C 3 HOH 6   206 6   HOH WAT A . 
C 3 HOH 7   207 7   HOH WAT A . 
C 3 HOH 8   208 8   HOH WAT A . 
C 3 HOH 9   209 9   HOH WAT A . 
C 3 HOH 10  210 10  HOH WAT A . 
C 3 HOH 11  211 11  HOH WAT A . 
C 3 HOH 12  212 12  HOH WAT A . 
C 3 HOH 13  213 13  HOH WAT A . 
C 3 HOH 14  214 14  HOH WAT A . 
C 3 HOH 15  215 15  HOH WAT A . 
C 3 HOH 16  216 16  HOH WAT A . 
C 3 HOH 17  217 17  HOH WAT A . 
C 3 HOH 18  218 18  HOH WAT A . 
C 3 HOH 19  219 19  HOH WAT A . 
C 3 HOH 20  220 20  HOH WAT A . 
C 3 HOH 21  221 21  HOH WAT A . 
C 3 HOH 22  222 22  HOH WAT A . 
C 3 HOH 23  223 23  HOH WAT A . 
C 3 HOH 24  224 24  HOH WAT A . 
C 3 HOH 25  225 25  HOH WAT A . 
C 3 HOH 26  226 26  HOH WAT A . 
C 3 HOH 27  227 27  HOH WAT A . 
C 3 HOH 28  228 28  HOH WAT A . 
C 3 HOH 29  229 29  HOH WAT A . 
C 3 HOH 30  230 30  HOH WAT A . 
C 3 HOH 31  231 31  HOH WAT A . 
C 3 HOH 32  232 32  HOH WAT A . 
C 3 HOH 33  233 33  HOH WAT A . 
C 3 HOH 34  234 34  HOH WAT A . 
C 3 HOH 35  235 35  HOH WAT A . 
C 3 HOH 36  236 36  HOH WAT A . 
C 3 HOH 37  237 37  HOH WAT A . 
C 3 HOH 38  238 38  HOH WAT A . 
C 3 HOH 39  239 39  HOH WAT A . 
C 3 HOH 40  240 40  HOH WAT A . 
C 3 HOH 41  241 41  HOH WAT A . 
C 3 HOH 42  242 42  HOH WAT A . 
C 3 HOH 43  243 43  HOH WAT A . 
C 3 HOH 44  244 44  HOH WAT A . 
C 3 HOH 45  245 45  HOH WAT A . 
C 3 HOH 46  246 46  HOH WAT A . 
C 3 HOH 47  247 47  HOH WAT A . 
C 3 HOH 48  248 48  HOH WAT A . 
C 3 HOH 49  249 49  HOH WAT A . 
C 3 HOH 50  250 50  HOH WAT A . 
C 3 HOH 51  251 51  HOH WAT A . 
C 3 HOH 52  252 52  HOH WAT A . 
C 3 HOH 53  253 53  HOH WAT A . 
C 3 HOH 54  254 54  HOH WAT A . 
C 3 HOH 55  255 55  HOH WAT A . 
C 3 HOH 56  256 56  HOH WAT A . 
C 3 HOH 57  257 57  HOH WAT A . 
C 3 HOH 58  258 58  HOH WAT A . 
C 3 HOH 59  259 59  HOH WAT A . 
C 3 HOH 60  260 60  HOH WAT A . 
C 3 HOH 61  261 61  HOH WAT A . 
C 3 HOH 62  262 62  HOH WAT A . 
C 3 HOH 63  263 63  HOH WAT A . 
C 3 HOH 64  264 64  HOH WAT A . 
C 3 HOH 65  265 65  HOH WAT A . 
C 3 HOH 66  266 66  HOH WAT A . 
C 3 HOH 67  267 67  HOH WAT A . 
C 3 HOH 68  268 68  HOH WAT A . 
C 3 HOH 69  269 69  HOH WAT A . 
C 3 HOH 70  270 70  HOH WAT A . 
C 3 HOH 71  271 71  HOH WAT A . 
C 3 HOH 72  272 72  HOH WAT A . 
C 3 HOH 73  273 73  HOH WAT A . 
C 3 HOH 74  274 74  HOH WAT A . 
C 3 HOH 75  275 75  HOH WAT A . 
C 3 HOH 76  276 76  HOH WAT A . 
C 3 HOH 77  277 77  HOH WAT A . 
C 3 HOH 78  278 78  HOH WAT A . 
C 3 HOH 79  279 79  HOH WAT A . 
C 3 HOH 80  280 80  HOH WAT A . 
C 3 HOH 81  281 81  HOH WAT A . 
C 3 HOH 82  282 82  HOH WAT A . 
C 3 HOH 83  283 83  HOH WAT A . 
C 3 HOH 84  284 84  HOH WAT A . 
C 3 HOH 85  285 85  HOH WAT A . 
C 3 HOH 86  286 86  HOH WAT A . 
C 3 HOH 87  287 87  HOH WAT A . 
C 3 HOH 88  288 88  HOH WAT A . 
C 3 HOH 89  289 89  HOH WAT A . 
C 3 HOH 90  290 90  HOH WAT A . 
C 3 HOH 91  291 91  HOH WAT A . 
C 3 HOH 92  292 92  HOH WAT A . 
C 3 HOH 93  293 93  HOH WAT A . 
C 3 HOH 94  294 94  HOH WAT A . 
C 3 HOH 95  295 95  HOH WAT A . 
C 3 HOH 96  296 96  HOH WAT A . 
C 3 HOH 97  297 97  HOH WAT A . 
C 3 HOH 98  298 98  HOH WAT A . 
C 3 HOH 99  299 99  HOH WAT A . 
C 3 HOH 100 300 100 HOH WAT A . 
C 3 HOH 101 301 101 HOH WAT A . 
C 3 HOH 102 302 102 HOH WAT A . 
C 3 HOH 103 303 103 HOH WAT A . 
C 3 HOH 104 304 104 HOH WAT A . 
C 3 HOH 105 305 105 HOH WAT A . 
C 3 HOH 106 306 106 HOH WAT A . 
C 3 HOH 107 307 107 HOH WAT A . 
C 3 HOH 108 308 108 HOH WAT A . 
C 3 HOH 109 309 109 HOH WAT A . 
C 3 HOH 110 310 110 HOH WAT A . 
C 3 HOH 111 311 111 HOH WAT A . 
C 3 HOH 112 312 112 HOH WAT A . 
C 3 HOH 113 313 113 HOH WAT A . 
C 3 HOH 114 314 114 HOH WAT A . 
C 3 HOH 115 315 115 HOH WAT A . 
C 3 HOH 116 316 116 HOH WAT A . 
C 3 HOH 117 317 117 HOH WAT A . 
C 3 HOH 118 318 118 HOH WAT A . 
C 3 HOH 119 319 119 HOH WAT A . 
C 3 HOH 120 320 120 HOH WAT A . 
C 3 HOH 121 321 121 HOH WAT A . 
C 3 HOH 122 322 122 HOH WAT A . 
C 3 HOH 123 323 123 HOH WAT A . 
C 3 HOH 124 324 124 HOH WAT A . 
C 3 HOH 125 325 125 HOH WAT A . 
C 3 HOH 126 326 126 HOH WAT A . 
C 3 HOH 127 327 127 HOH WAT A . 
C 3 HOH 128 328 128 HOH WAT A . 
C 3 HOH 129 329 129 HOH WAT A . 
C 3 HOH 130 330 130 HOH WAT A . 
C 3 HOH 131 331 131 HOH WAT A . 
C 3 HOH 132 332 132 HOH WAT A . 
C 3 HOH 133 333 133 HOH WAT A . 
C 3 HOH 134 334 134 HOH WAT A . 
C 3 HOH 135 335 135 HOH WAT A . 
C 3 HOH 136 336 136 HOH WAT A . 
C 3 HOH 137 337 137 HOH WAT A . 
C 3 HOH 138 338 138 HOH WAT A . 
C 3 HOH 139 339 139 HOH WAT A . 
C 3 HOH 140 340 140 HOH WAT A . 
C 3 HOH 141 341 141 HOH WAT A . 
C 3 HOH 142 342 142 HOH WAT A . 
C 3 HOH 143 343 143 HOH WAT A . 
C 3 HOH 144 344 144 HOH WAT A . 
C 3 HOH 145 345 145 HOH WAT A . 
C 3 HOH 146 346 146 HOH WAT A . 
C 3 HOH 147 347 147 HOH WAT A . 
C 3 HOH 148 348 148 HOH WAT A . 
C 3 HOH 149 349 149 HOH WAT A . 
C 3 HOH 150 350 150 HOH WAT A . 
C 3 HOH 151 351 151 HOH WAT A . 
C 3 HOH 152 352 152 HOH WAT A . 
C 3 HOH 153 353 153 HOH WAT A . 
C 3 HOH 154 354 154 HOH WAT A . 
C 3 HOH 155 355 155 HOH WAT A . 
C 3 HOH 156 356 156 HOH WAT A . 
C 3 HOH 157 357 157 HOH WAT A . 
C 3 HOH 158 358 158 HOH WAT A . 
C 3 HOH 159 359 159 HOH WAT A . 
C 3 HOH 160 360 160 HOH WAT A . 
C 3 HOH 161 361 161 HOH WAT A . 
C 3 HOH 162 362 162 HOH WAT A . 
C 3 HOH 163 363 163 HOH WAT A . 
C 3 HOH 164 364 164 HOH WAT A . 
C 3 HOH 165 365 165 HOH WAT A . 
C 3 HOH 166 366 166 HOH WAT A . 
C 3 HOH 167 367 167 HOH WAT A . 
C 3 HOH 168 368 168 HOH WAT A . 
C 3 HOH 169 369 169 HOH WAT A . 
C 3 HOH 170 370 170 HOH WAT A . 
C 3 HOH 171 371 171 HOH WAT A . 
C 3 HOH 172 372 172 HOH WAT A . 
C 3 HOH 173 373 173 HOH WAT A . 
C 3 HOH 174 374 174 HOH WAT A . 
C 3 HOH 175 375 175 HOH WAT A . 
C 3 HOH 176 376 176 HOH WAT A . 
C 3 HOH 177 377 177 HOH WAT A . 
C 3 HOH 178 378 178 HOH WAT A . 
C 3 HOH 179 379 179 HOH WAT A . 
C 3 HOH 180 380 180 HOH WAT A . 
C 3 HOH 181 381 181 HOH WAT A . 
C 3 HOH 182 382 182 HOH WAT A . 
C 3 HOH 183 383 183 HOH WAT A . 
C 3 HOH 184 384 184 HOH WAT A . 
C 3 HOH 185 385 185 HOH WAT A . 
C 3 HOH 186 386 186 HOH WAT A . 
C 3 HOH 187 387 187 HOH WAT A . 
C 3 HOH 188 388 188 HOH WAT A . 
C 3 HOH 189 389 189 HOH WAT A . 
C 3 HOH 190 390 190 HOH WAT A . 
C 3 HOH 191 391 191 HOH WAT A . 
C 3 HOH 192 392 192 HOH WAT A . 
# 
loop_
_software.name 
_software.classification 
_software.version 
_software.citation_id 
_software.pdbx_ordinal 
MOSFLM 'data reduction' .         ? 1 
SCALA  'data scaling'   .         ? 2 
SHELXD phasing          '& SHARP' ? 3 
CNS    refinement       .         ? 4 
CCP4   'data scaling'   '(SCALA)' ? 5 
SHARP  phasing          .         ? 6 
# 
_cell.entry_id           1U6T 
_cell.length_a           28.886 
_cell.length_b           34.815 
_cell.length_c           97.965 
_cell.angle_alpha        90.00 
_cell.angle_beta         90.00 
_cell.angle_gamma        90.00 
_cell.Z_PDB              4 
_cell.pdbx_unique_axis   ? 
_cell.length_a_esd       ? 
_cell.length_b_esd       ? 
_cell.length_c_esd       ? 
_cell.angle_alpha_esd    ? 
_cell.angle_beta_esd     ? 
_cell.angle_gamma_esd    ? 
# 
_symmetry.entry_id                         1U6T 
_symmetry.space_group_name_H-M             'P 21 21 21' 
_symmetry.pdbx_full_space_group_name_H-M   ? 
_symmetry.cell_setting                     ? 
_symmetry.Int_Tables_number                19 
_symmetry.space_group_name_Hall            ? 
# 
_exptl.entry_id          1U6T 
_exptl.method            'X-RAY DIFFRACTION' 
_exptl.crystals_number   1 
# 
_exptl_crystal.id                    1 
_exptl_crystal.density_meas          ? 
_exptl_crystal.density_Matthews      1.86 
_exptl_crystal.density_percent_sol   33.7876 
_exptl_crystal.description           ? 
_exptl_crystal.F_000                 ? 
_exptl_crystal.preparation           ? 
# 
_exptl_crystal_grow.crystal_id      1 
_exptl_crystal_grow.method          'VAPOR DIFFUSION, HANGING DROP' 
_exptl_crystal_grow.temp            293 
_exptl_crystal_grow.temp_details    ? 
_exptl_crystal_grow.pH              8.0 
_exptl_crystal_grow.pdbx_details    'tri-Sodium Citrate dihydrate, pH 8.0, VAPOR DIFFUSION, HANGING DROP, temperature 293K' 
_exptl_crystal_grow.pdbx_pH_range   . 
# 
_diffrn.id                     1 
_diffrn.ambient_temp           100.0 
_diffrn.ambient_temp_details   ? 
_diffrn.crystal_id             1 
# 
_diffrn_detector.diffrn_id              1 
_diffrn_detector.detector               'IMAGE PLATE' 
_diffrn_detector.type                   'RIGAKU RAXIS IV' 
_diffrn_detector.pdbx_collection_date   2004-06-09 
_diffrn_detector.details                ? 
# 
_diffrn_radiation.diffrn_id                        1 
_diffrn_radiation.wavelength_id                    1 
_diffrn_radiation.pdbx_monochromatic_or_laue_m_l   M 
_diffrn_radiation.monochromator                    Confocal 
_diffrn_radiation.pdbx_diffrn_protocol             'SINGLE WAVELENGTH' 
_diffrn_radiation.pdbx_scattering_type             x-ray 
# 
_diffrn_radiation_wavelength.id           1 
_diffrn_radiation_wavelength.wavelength   1.5418 
_diffrn_radiation_wavelength.wt           1.0 
# 
_diffrn_source.diffrn_id                   1 
_diffrn_source.source                      'ROTATING ANODE' 
_diffrn_source.type                        'RIGAKU RU200' 
_diffrn_source.pdbx_synchrotron_site       ? 
_diffrn_source.pdbx_synchrotron_beamline   ? 
_diffrn_source.pdbx_wavelength             ? 
_diffrn_source.pdbx_wavelength_list        1.5418 
# 
_reflns.entry_id                     1U6T 
_reflns.observed_criterion_sigma_F   0 
_reflns.observed_criterion_sigma_I   0 
_reflns.d_resolution_high            1.90 
_reflns.d_resolution_low             28.38 
_reflns.number_all                   8290 
_reflns.number_obs                   8126 
_reflns.percent_possible_obs         98.0 
_reflns.pdbx_Rmerge_I_obs            0.05 
_reflns.pdbx_Rsym_value              0.05 
_reflns.pdbx_netI_over_sigmaI        9.1 
_reflns.B_iso_Wilson_estimate        18.781 
_reflns.pdbx_redundancy              3.6 
_reflns.R_free_details               ? 
_reflns.limit_h_max                  ? 
_reflns.limit_h_min                  ? 
_reflns.limit_k_max                  ? 
_reflns.limit_k_min                  ? 
_reflns.limit_l_max                  ? 
_reflns.limit_l_min                  ? 
_reflns.observed_criterion_F_max     ? 
_reflns.observed_criterion_F_min     ? 
_reflns.pdbx_chi_squared             ? 
_reflns.pdbx_scaling_rejects         ? 
_reflns.pdbx_diffrn_id               1 
_reflns.pdbx_ordinal                 1 
# 
_reflns_shell.d_res_high             1.90 
_reflns_shell.d_res_low              1.99 
_reflns_shell.percent_possible_all   85.2 
_reflns_shell.Rmerge_I_obs           0.12 
_reflns_shell.pdbx_Rsym_value        0.12 
_reflns_shell.meanI_over_sigI_obs    4.9 
_reflns_shell.pdbx_redundancy        1.9 
_reflns_shell.percent_possible_obs   ? 
_reflns_shell.number_unique_all      856 
_reflns_shell.number_measured_all    ? 
_reflns_shell.number_measured_obs    ? 
_reflns_shell.number_unique_obs      ? 
_reflns_shell.pdbx_chi_squared       ? 
_reflns_shell.pdbx_diffrn_id         ? 
_reflns_shell.pdbx_ordinal           1 
# 
_refine.entry_id                                 1U6T 
_refine.ls_d_res_high                            1.9 
_refine.ls_d_res_low                             28.38 
_refine.pdbx_ls_sigma_F                          0 
_refine.pdbx_ls_sigma_I                          ? 
_refine.ls_number_reflns_all                     8290 
_refine.ls_number_reflns_obs                     8126 
_refine.ls_number_reflns_R_free                  848 
_refine.ls_percent_reflns_obs                    98.0 
_refine.ls_R_factor_all                          ? 
_refine.ls_R_factor_obs                          0.168 
_refine.ls_R_factor_R_work                       0.168 
_refine.ls_R_factor_R_free                       0.212 
_refine.ls_redundancy_reflns_obs                 ? 
_refine.pdbx_data_cutoff_high_absF               ? 
_refine.pdbx_data_cutoff_low_absF                ? 
_refine.ls_number_parameters                     ? 
_refine.ls_number_restraints                     ? 
_refine.ls_percent_reflns_R_free                 ? 
_refine.ls_R_factor_R_free_error                 ? 
_refine.ls_R_factor_R_free_error_details         ? 
_refine.pdbx_method_to_determine_struct          SIRAS 
_refine.pdbx_starting_model                      ? 
_refine.pdbx_ls_cross_valid_method               THROUGHOUT 
_refine.pdbx_R_Free_selection_details            random 
_refine.pdbx_stereochem_target_val_spec_case     ? 
_refine.pdbx_stereochemistry_target_values       'Engh & Huber' 
_refine.solvent_model_details                    ? 
_refine.solvent_model_param_bsol                 ? 
_refine.solvent_model_param_ksol                 ? 
_refine.occupancy_max                            ? 
_refine.occupancy_min                            ? 
_refine.pdbx_isotropic_thermal_model             anisotropic 
_refine.B_iso_mean                               16.32 
_refine.aniso_B[1][1]                            -0.41 
_refine.aniso_B[1][2]                            1.27 
_refine.aniso_B[1][3]                            -0.86 
_refine.aniso_B[2][2]                            0.00 
_refine.aniso_B[2][3]                            0.00 
_refine.aniso_B[3][3]                            0.00 
_refine.details                                  ? 
_refine.B_iso_min                                ? 
_refine.B_iso_max                                ? 
_refine.correlation_coeff_Fo_to_Fc               ? 
_refine.correlation_coeff_Fo_to_Fc_free          ? 
_refine.pdbx_solvent_vdw_probe_radii             ? 
_refine.pdbx_solvent_ion_probe_radii             ? 
_refine.pdbx_solvent_shrinkage_radii             ? 
_refine.overall_SU_R_Cruickshank_DPI             ? 
_refine.overall_SU_R_free                        ? 
_refine.overall_SU_B                             ? 
_refine.overall_SU_ML                            ? 
_refine.pdbx_overall_ESU_R                       ? 
_refine.pdbx_overall_ESU_R_Free                  ? 
_refine.pdbx_data_cutoff_high_rms_absF           ? 
_refine.ls_wR_factor_R_free                      ? 
_refine.ls_wR_factor_R_work                      ? 
_refine.overall_FOM_free_R_set                   ? 
_refine.overall_FOM_work_R_set                   ? 
_refine.pdbx_overall_phase_error                 ? 
_refine.pdbx_refine_id                           'X-RAY DIFFRACTION' 
_refine.pdbx_diffrn_id                           1 
_refine.pdbx_TLS_residual_ADP_flag               ? 
_refine.pdbx_overall_SU_R_free_Cruickshank_DPI   ? 
_refine.pdbx_overall_SU_R_Blow_DPI               ? 
_refine.pdbx_overall_SU_R_free_Blow_DPI          ? 
# 
_refine_analyze.entry_id                        1U6T 
_refine_analyze.Luzzati_coordinate_error_obs    0.17 
_refine_analyze.Luzzati_sigma_a_obs             0.12 
_refine_analyze.Luzzati_d_res_low_obs           5.00 
_refine_analyze.Luzzati_coordinate_error_free   0.22 
_refine_analyze.Luzzati_sigma_a_free            0.21 
_refine_analyze.Luzzati_d_res_low_free          ? 
_refine_analyze.number_disordered_residues      ? 
_refine_analyze.occupancy_sum_non_hydrogen      ? 
_refine_analyze.occupancy_sum_hydrogen          ? 
_refine_analyze.pdbx_Luzzati_d_res_high_obs     ? 
_refine_analyze.pdbx_refine_id                  'X-RAY DIFFRACTION' 
# 
_refine_hist.pdbx_refine_id                   'X-RAY DIFFRACTION' 
_refine_hist.cycle_id                         LAST 
_refine_hist.pdbx_number_atoms_protein        978 
_refine_hist.pdbx_number_atoms_nucleic_acid   0 
_refine_hist.pdbx_number_atoms_ligand         13 
_refine_hist.number_atoms_solvent             192 
_refine_hist.number_atoms_total               1183 
_refine_hist.d_res_high                       1.9 
_refine_hist.d_res_low                        28.38 
# 
loop_
_refine_ls_restr.type 
_refine_ls_restr.dev_ideal 
_refine_ls_restr.dev_ideal_target 
_refine_ls_restr.weight 
_refine_ls_restr.number 
_refine_ls_restr.pdbx_refine_id 
_refine_ls_restr.pdbx_restraint_function 
x_bond_d           0.005 ? ? ? 'X-RAY DIFFRACTION' ? 
x_angle_deg        1.2   ? ? ? 'X-RAY DIFFRACTION' ? 
x_torsion_deg      21.1  ? ? ? 'X-RAY DIFFRACTION' ? 
x_torsion_impr_deg 0.70  ? ? ? 'X-RAY DIFFRACTION' ? 
# 
loop_
_refine_ls_shell.pdbx_total_number_of_bins_used 
_refine_ls_shell.d_res_high 
_refine_ls_shell.d_res_low 
_refine_ls_shell.number_reflns_R_work 
_refine_ls_shell.R_factor_R_work 
_refine_ls_shell.percent_reflns_obs 
_refine_ls_shell.R_factor_R_free 
_refine_ls_shell.R_factor_R_free_error 
_refine_ls_shell.percent_reflns_R_free 
_refine_ls_shell.number_reflns_R_free 
_refine_ls_shell.number_reflns_obs 
_refine_ls_shell.redundancy_reflns_obs 
_refine_ls_shell.number_reflns_all 
_refine_ls_shell.R_factor_all 
_refine_ls_shell.pdbx_refine_id 
3 1.90 1.99 . 0.235 85.2 0.307 0.031 . 95 856  . . . 'X-RAY DIFFRACTION' 
3 1.99 2.09 . 0.178 99.7 0.239 0.025 . 94 1011 . . . 'X-RAY DIFFRACTION' 
3 2.09 2.22 . 0.172 100  0.207 0.024 . 77 1029 . . . 'X-RAY DIFFRACTION' 
# 
_struct.entry_id                  1U6T 
_struct.title                     'Crystal structure of the human SH3 binding glutamic-rich protein like' 
_struct.pdbx_model_details        ? 
_struct.pdbx_CASP_flag            ? 
_struct.pdbx_model_type_details   ? 
# 
_struct_keywords.entry_id        1U6T 
_struct_keywords.pdbx_keywords   'PROTEIN BINDING, SIGNALING PROTEIN' 
_struct_keywords.text            'SH3-binding, GLUTAREDOXIN, THIOREDOXIN FOLD, PROTEIN BINDING, SIGNALING PROTEIN' 
# 
loop_
_struct_asym.id 
_struct_asym.pdbx_blank_PDB_chainid_flag 
_struct_asym.pdbx_modified 
_struct_asym.entity_id 
_struct_asym.details 
A N N 1 ? 
B N N 2 ? 
C N N 3 ? 
# 
_struct_ref.id                         1 
_struct_ref.db_name                    UNP 
_struct_ref.db_code                    SH3L1_HUMAN 
_struct_ref.pdbx_db_accession          O75368 
_struct_ref.entity_id                  1 
_struct_ref.pdbx_seq_one_letter_code   
;VIRVYIASSSGSTAIKKKQQDVLGFLEANKIGFEEKDIAANEENRKWMRENVPENSRPATGYPLPPQIFNESQYRGDYDA
FFEARENNAVYAFLGLTAPPGSKEAEVQAKQQA
;
_struct_ref.pdbx_align_begin           2 
_struct_ref.pdbx_db_isoform            ? 
# 
_struct_ref_seq.align_id                      1 
_struct_ref_seq.ref_id                        1 
_struct_ref_seq.pdbx_PDB_id_code              1U6T 
_struct_ref_seq.pdbx_strand_id                A 
_struct_ref_seq.seq_align_beg                 1 
_struct_ref_seq.pdbx_seq_align_beg_ins_code   ? 
_struct_ref_seq.seq_align_end                 113 
_struct_ref_seq.pdbx_seq_align_end_ins_code   ? 
_struct_ref_seq.pdbx_db_accession             O75368 
_struct_ref_seq.db_align_beg                  2 
_struct_ref_seq.pdbx_db_align_beg_ins_code    ? 
_struct_ref_seq.db_align_end                  114 
_struct_ref_seq.pdbx_db_align_end_ins_code    ? 
_struct_ref_seq.pdbx_auth_seq_align_beg       1 
_struct_ref_seq.pdbx_auth_seq_align_end       113 
# 
loop_
_struct_ref_seq_dif.align_id 
_struct_ref_seq_dif.pdbx_pdb_id_code 
_struct_ref_seq_dif.mon_id 
_struct_ref_seq_dif.pdbx_pdb_strand_id 
_struct_ref_seq_dif.seq_num 
_struct_ref_seq_dif.pdbx_pdb_ins_code 
_struct_ref_seq_dif.pdbx_seq_db_name 
_struct_ref_seq_dif.pdbx_seq_db_accession_code 
_struct_ref_seq_dif.db_mon_id 
_struct_ref_seq_dif.pdbx_seq_db_seq_num 
_struct_ref_seq_dif.details 
_struct_ref_seq_dif.pdbx_auth_seq_num 
_struct_ref_seq_dif.pdbx_ordinal 
1 1U6T LEU A 114 ? UNP O75368 ? ? 'expression tag' 114 1 
1 1U6T GLU A 115 ? UNP O75368 ? ? 'expression tag' 115 2 
1 1U6T HIS A 116 ? UNP O75368 ? ? 'expression tag' 116 3 
1 1U6T HIS A 117 ? UNP O75368 ? ? 'expression tag' 117 4 
1 1U6T HIS A 118 ? UNP O75368 ? ? 'expression tag' 118 5 
1 1U6T HIS A 119 ? UNP O75368 ? ? 'expression tag' 119 6 
1 1U6T HIS A 120 ? UNP O75368 ? ? 'expression tag' 120 7 
1 1U6T HIS A 121 ? UNP O75368 ? ? 'expression tag' 121 8 
# 
_pdbx_struct_assembly.id                   1 
_pdbx_struct_assembly.details              author_and_software_defined_assembly 
_pdbx_struct_assembly.method_details       PISA 
_pdbx_struct_assembly.oligomeric_details   monomeric 
_pdbx_struct_assembly.oligomeric_count     1 
# 
_pdbx_struct_assembly_gen.assembly_id       1 
_pdbx_struct_assembly_gen.oper_expression   1 
_pdbx_struct_assembly_gen.asym_id_list      A,B,C 
# 
_pdbx_struct_oper_list.id                   1 
_pdbx_struct_oper_list.type                 'identity operation' 
_pdbx_struct_oper_list.name                 1_555 
_pdbx_struct_oper_list.symmetry_operation   x,y,z 
_pdbx_struct_oper_list.matrix[1][1]         1.0000000000 
_pdbx_struct_oper_list.matrix[1][2]         0.0000000000 
_pdbx_struct_oper_list.matrix[1][3]         0.0000000000 
_pdbx_struct_oper_list.vector[1]            0.0000000000 
_pdbx_struct_oper_list.matrix[2][1]         0.0000000000 
_pdbx_struct_oper_list.matrix[2][2]         1.0000000000 
_pdbx_struct_oper_list.matrix[2][3]         0.0000000000 
_pdbx_struct_oper_list.vector[2]            0.0000000000 
_pdbx_struct_oper_list.matrix[3][1]         0.0000000000 
_pdbx_struct_oper_list.matrix[3][2]         0.0000000000 
_pdbx_struct_oper_list.matrix[3][3]         1.0000000000 
_pdbx_struct_oper_list.vector[3]            0.0000000000 
# 
_struct_biol.id        1 
_struct_biol.details   ? 
# 
loop_
_struct_conf.conf_type_id 
_struct_conf.id 
_struct_conf.pdbx_PDB_helix_id 
_struct_conf.beg_label_comp_id 
_struct_conf.beg_label_asym_id 
_struct_conf.beg_label_seq_id 
_struct_conf.pdbx_beg_PDB_ins_code 
_struct_conf.end_label_comp_id 
_struct_conf.end_label_asym_id 
_struct_conf.end_label_seq_id 
_struct_conf.pdbx_end_PDB_ins_code 
_struct_conf.beg_auth_comp_id 
_struct_conf.beg_auth_asym_id 
_struct_conf.beg_auth_seq_id 
_struct_conf.end_auth_comp_id 
_struct_conf.end_auth_asym_id 
_struct_conf.end_auth_seq_id 
_struct_conf.pdbx_PDB_helix_class 
_struct_conf.details 
_struct_conf.pdbx_PDB_helix_length 
HELX_P HELX_P1 1 SER A 12  ? ASN A 29  ? SER A 12  ASN A 29  1 ? 18 
HELX_P HELX_P2 2 ASN A 41  ? VAL A 52  ? ASN A 41  VAL A 52  1 ? 12 
HELX_P HELX_P3 3 PRO A 53  ? ARG A 57  ? PRO A 53  ARG A 57  5 ? 5  
HELX_P HELX_P4 4 TYR A 78  ? ASN A 87  ? TYR A 78  ASN A 87  1 ? 10 
HELX_P HELX_P5 5 ALA A 89  ? GLY A 95  ? ALA A 89  GLY A 95  1 ? 7  
HELX_P HELX_P6 6 SER A 102 ? HIS A 120 ? SER A 102 HIS A 120 1 ? 19 
# 
_struct_conf_type.id          HELX_P 
_struct_conf_type.criteria    ? 
_struct_conf_type.reference   ? 
# 
_struct_mon_prot_cis.pdbx_id                1 
_struct_mon_prot_cis.label_comp_id          PRO 
_struct_mon_prot_cis.label_seq_id           65 
_struct_mon_prot_cis.label_asym_id          A 
_struct_mon_prot_cis.label_alt_id           . 
_struct_mon_prot_cis.pdbx_PDB_ins_code      ? 
_struct_mon_prot_cis.auth_comp_id           PRO 
_struct_mon_prot_cis.auth_seq_id            65 
_struct_mon_prot_cis.auth_asym_id           A 
_struct_mon_prot_cis.pdbx_label_comp_id_2   PRO 
_struct_mon_prot_cis.pdbx_label_seq_id_2    66 
_struct_mon_prot_cis.pdbx_label_asym_id_2   A 
_struct_mon_prot_cis.pdbx_PDB_ins_code_2    ? 
_struct_mon_prot_cis.pdbx_auth_comp_id_2    PRO 
_struct_mon_prot_cis.pdbx_auth_seq_id_2     66 
_struct_mon_prot_cis.pdbx_auth_asym_id_2    A 
_struct_mon_prot_cis.pdbx_PDB_model_num     1 
_struct_mon_prot_cis.pdbx_omega_angle       0.20 
# 
_struct_sheet.id               A 
_struct_sheet.type             ? 
_struct_sheet.number_strands   4 
_struct_sheet.details          ? 
# 
loop_
_struct_sheet_order.sheet_id 
_struct_sheet_order.range_id_1 
_struct_sheet_order.range_id_2 
_struct_sheet_order.offset 
_struct_sheet_order.sense 
A 1 2 ? parallel      
A 2 3 ? anti-parallel 
A 3 4 ? anti-parallel 
# 
loop_
_struct_sheet_range.sheet_id 
_struct_sheet_range.id 
_struct_sheet_range.beg_label_comp_id 
_struct_sheet_range.beg_label_asym_id 
_struct_sheet_range.beg_label_seq_id 
_struct_sheet_range.pdbx_beg_PDB_ins_code 
_struct_sheet_range.end_label_comp_id 
_struct_sheet_range.end_label_asym_id 
_struct_sheet_range.end_label_seq_id 
_struct_sheet_range.pdbx_end_PDB_ins_code 
_struct_sheet_range.beg_auth_comp_id 
_struct_sheet_range.beg_auth_asym_id 
_struct_sheet_range.beg_auth_seq_id 
_struct_sheet_range.end_auth_comp_id 
_struct_sheet_range.end_auth_asym_id 
_struct_sheet_range.end_auth_seq_id 
A 1 PHE A 33 ? ASP A 37 ? PHE A 33 ASP A 37 
A 2 ILE A 2  ? ILE A 6  ? ILE A 2  ILE A 6  
A 3 GLN A 67 ? ASN A 70 ? GLN A 67 ASN A 70 
A 4 GLN A 73 ? ASP A 77 ? GLN A 73 ASP A 77 
# 
loop_
_pdbx_struct_sheet_hbond.sheet_id 
_pdbx_struct_sheet_hbond.range_id_1 
_pdbx_struct_sheet_hbond.range_id_2 
_pdbx_struct_sheet_hbond.range_1_label_atom_id 
_pdbx_struct_sheet_hbond.range_1_label_comp_id 
_pdbx_struct_sheet_hbond.range_1_label_asym_id 
_pdbx_struct_sheet_hbond.range_1_label_seq_id 
_pdbx_struct_sheet_hbond.range_1_PDB_ins_code 
_pdbx_struct_sheet_hbond.range_1_auth_atom_id 
_pdbx_struct_sheet_hbond.range_1_auth_comp_id 
_pdbx_struct_sheet_hbond.range_1_auth_asym_id 
_pdbx_struct_sheet_hbond.range_1_auth_seq_id 
_pdbx_struct_sheet_hbond.range_2_label_atom_id 
_pdbx_struct_sheet_hbond.range_2_label_comp_id 
_pdbx_struct_sheet_hbond.range_2_label_asym_id 
_pdbx_struct_sheet_hbond.range_2_label_seq_id 
_pdbx_struct_sheet_hbond.range_2_PDB_ins_code 
_pdbx_struct_sheet_hbond.range_2_auth_atom_id 
_pdbx_struct_sheet_hbond.range_2_auth_comp_id 
_pdbx_struct_sheet_hbond.range_2_auth_asym_id 
_pdbx_struct_sheet_hbond.range_2_auth_seq_id 
A 1 2 O LYS A 36 ? O LYS A 36 N VAL A 4  ? N VAL A 4  
A 2 3 N TYR A 5  ? N TYR A 5  O GLN A 67 ? O GLN A 67 
A 3 4 N ASN A 70 ? N ASN A 70 O GLN A 73 ? O GLN A 73 
# 
_struct_site.id                   AC1 
_struct_site.pdbx_evidence_code   Software 
_struct_site.pdbx_auth_asym_id    A 
_struct_site.pdbx_auth_comp_id    CIT 
_struct_site.pdbx_auth_seq_id     200 
_struct_site.pdbx_auth_ins_code   ? 
_struct_site.pdbx_num_residues    8 
_struct_site.details              'BINDING SITE FOR RESIDUE CIT A 200' 
# 
loop_
_struct_site_gen.id 
_struct_site_gen.site_id 
_struct_site_gen.pdbx_num_res 
_struct_site_gen.label_comp_id 
_struct_site_gen.label_asym_id 
_struct_site_gen.label_seq_id 
_struct_site_gen.pdbx_auth_ins_code 
_struct_site_gen.auth_comp_id 
_struct_site_gen.auth_asym_id 
_struct_site_gen.auth_seq_id 
_struct_site_gen.label_atom_id 
_struct_site_gen.label_alt_id 
_struct_site_gen.symmetry 
_struct_site_gen.details 
1 AC1 8 LYS A 17  ? LYS A 17  . ? 3_745 ? 
2 AC1 8 ARG A 49  ? ARG A 49  . ? 1_555 ? 
3 AC1 8 HIS A 120 ? HIS A 120 . ? 4_456 ? 
4 AC1 8 HOH C .   ? HOH A 212 . ? 1_555 ? 
5 AC1 8 HOH C .   ? HOH A 240 . ? 1_555 ? 
6 AC1 8 HOH C .   ? HOH A 302 . ? 1_555 ? 
7 AC1 8 HOH C .   ? HOH A 323 . ? 1_555 ? 
8 AC1 8 HOH C .   ? HOH A 361 . ? 3_745 ? 
# 
loop_
_pdbx_validate_torsion.id 
_pdbx_validate_torsion.PDB_model_num 
_pdbx_validate_torsion.auth_comp_id 
_pdbx_validate_torsion.auth_asym_id 
_pdbx_validate_torsion.auth_seq_id 
_pdbx_validate_torsion.PDB_ins_code 
_pdbx_validate_torsion.label_alt_id 
_pdbx_validate_torsion.phi 
_pdbx_validate_torsion.psi 
1 1 GLU A 71  ? ? 61.24  -119.18 
2 1 PRO A 100 ? ? -33.55 -33.14  
# 
loop_
_chem_comp_atom.comp_id 
_chem_comp_atom.atom_id 
_chem_comp_atom.type_symbol 
_chem_comp_atom.pdbx_aromatic_flag 
_chem_comp_atom.pdbx_stereo_config 
_chem_comp_atom.pdbx_ordinal 
ALA N    N N N 1   
ALA CA   C N S 2   
ALA C    C N N 3   
ALA O    O N N 4   
ALA CB   C N N 5   
ALA OXT  O N N 6   
ALA H    H N N 7   
ALA H2   H N N 8   
ALA HA   H N N 9   
ALA HB1  H N N 10  
ALA HB2  H N N 11  
ALA HB3  H N N 12  
ALA HXT  H N N 13  
ARG N    N N N 14  
ARG CA   C N S 15  
ARG C    C N N 16  
ARG O    O N N 17  
ARG CB   C N N 18  
ARG CG   C N N 19  
ARG CD   C N N 20  
ARG NE   N N N 21  
ARG CZ   C N N 22  
ARG NH1  N N N 23  
ARG NH2  N N N 24  
ARG OXT  O N N 25  
ARG H    H N N 26  
ARG H2   H N N 27  
ARG HA   H N N 28  
ARG HB2  H N N 29  
ARG HB3  H N N 30  
ARG HG2  H N N 31  
ARG HG3  H N N 32  
ARG HD2  H N N 33  
ARG HD3  H N N 34  
ARG HE   H N N 35  
ARG HH11 H N N 36  
ARG HH12 H N N 37  
ARG HH21 H N N 38  
ARG HH22 H N N 39  
ARG HXT  H N N 40  
ASN N    N N N 41  
ASN CA   C N S 42  
ASN C    C N N 43  
ASN O    O N N 44  
ASN CB   C N N 45  
ASN CG   C N N 46  
ASN OD1  O N N 47  
ASN ND2  N N N 48  
ASN OXT  O N N 49  
ASN H    H N N 50  
ASN H2   H N N 51  
ASN HA   H N N 52  
ASN HB2  H N N 53  
ASN HB3  H N N 54  
ASN HD21 H N N 55  
ASN HD22 H N N 56  
ASN HXT  H N N 57  
ASP N    N N N 58  
ASP CA   C N S 59  
ASP C    C N N 60  
ASP O    O N N 61  
ASP CB   C N N 62  
ASP CG   C N N 63  
ASP OD1  O N N 64  
ASP OD2  O N N 65  
ASP OXT  O N N 66  
ASP H    H N N 67  
ASP H2   H N N 68  
ASP HA   H N N 69  
ASP HB2  H N N 70  
ASP HB3  H N N 71  
ASP HD2  H N N 72  
ASP HXT  H N N 73  
CIT C1   C N N 74  
CIT O1   O N N 75  
CIT O2   O N N 76  
CIT C2   C N N 77  
CIT C3   C N N 78  
CIT O7   O N N 79  
CIT C4   C N N 80  
CIT C5   C N N 81  
CIT O3   O N N 82  
CIT O4   O N N 83  
CIT C6   C N N 84  
CIT O5   O N N 85  
CIT O6   O N N 86  
CIT HO2  H N N 87  
CIT H21  H N N 88  
CIT H22  H N N 89  
CIT HO7  H N N 90  
CIT H41  H N N 91  
CIT H42  H N N 92  
CIT HO4  H N N 93  
CIT HO6  H N N 94  
GLN N    N N N 95  
GLN CA   C N S 96  
GLN C    C N N 97  
GLN O    O N N 98  
GLN CB   C N N 99  
GLN CG   C N N 100 
GLN CD   C N N 101 
GLN OE1  O N N 102 
GLN NE2  N N N 103 
GLN OXT  O N N 104 
GLN H    H N N 105 
GLN H2   H N N 106 
GLN HA   H N N 107 
GLN HB2  H N N 108 
GLN HB3  H N N 109 
GLN HG2  H N N 110 
GLN HG3  H N N 111 
GLN HE21 H N N 112 
GLN HE22 H N N 113 
GLN HXT  H N N 114 
GLU N    N N N 115 
GLU CA   C N S 116 
GLU C    C N N 117 
GLU O    O N N 118 
GLU CB   C N N 119 
GLU CG   C N N 120 
GLU CD   C N N 121 
GLU OE1  O N N 122 
GLU OE2  O N N 123 
GLU OXT  O N N 124 
GLU H    H N N 125 
GLU H2   H N N 126 
GLU HA   H N N 127 
GLU HB2  H N N 128 
GLU HB3  H N N 129 
GLU HG2  H N N 130 
GLU HG3  H N N 131 
GLU HE2  H N N 132 
GLU HXT  H N N 133 
GLY N    N N N 134 
GLY CA   C N N 135 
GLY C    C N N 136 
GLY O    O N N 137 
GLY OXT  O N N 138 
GLY H    H N N 139 
GLY H2   H N N 140 
GLY HA2  H N N 141 
GLY HA3  H N N 142 
GLY HXT  H N N 143 
HIS N    N N N 144 
HIS CA   C N S 145 
HIS C    C N N 146 
HIS O    O N N 147 
HIS CB   C N N 148 
HIS CG   C Y N 149 
HIS ND1  N Y N 150 
HIS CD2  C Y N 151 
HIS CE1  C Y N 152 
HIS NE2  N Y N 153 
HIS OXT  O N N 154 
HIS H    H N N 155 
HIS H2   H N N 156 
HIS HA   H N N 157 
HIS HB2  H N N 158 
HIS HB3  H N N 159 
HIS HD1  H N N 160 
HIS HD2  H N N 161 
HIS HE1  H N N 162 
HIS HE2  H N N 163 
HIS HXT  H N N 164 
HOH O    O N N 165 
HOH H1   H N N 166 
HOH H2   H N N 167 
ILE N    N N N 168 
ILE CA   C N S 169 
ILE C    C N N 170 
ILE O    O N N 171 
ILE CB   C N S 172 
ILE CG1  C N N 173 
ILE CG2  C N N 174 
ILE CD1  C N N 175 
ILE OXT  O N N 176 
ILE H    H N N 177 
ILE H2   H N N 178 
ILE HA   H N N 179 
ILE HB   H N N 180 
ILE HG12 H N N 181 
ILE HG13 H N N 182 
ILE HG21 H N N 183 
ILE HG22 H N N 184 
ILE HG23 H N N 185 
ILE HD11 H N N 186 
ILE HD12 H N N 187 
ILE HD13 H N N 188 
ILE HXT  H N N 189 
LEU N    N N N 190 
LEU CA   C N S 191 
LEU C    C N N 192 
LEU O    O N N 193 
LEU CB   C N N 194 
LEU CG   C N N 195 
LEU CD1  C N N 196 
LEU CD2  C N N 197 
LEU OXT  O N N 198 
LEU H    H N N 199 
LEU H2   H N N 200 
LEU HA   H N N 201 
LEU HB2  H N N 202 
LEU HB3  H N N 203 
LEU HG   H N N 204 
LEU HD11 H N N 205 
LEU HD12 H N N 206 
LEU HD13 H N N 207 
LEU HD21 H N N 208 
LEU HD22 H N N 209 
LEU HD23 H N N 210 
LEU HXT  H N N 211 
LYS N    N N N 212 
LYS CA   C N S 213 
LYS C    C N N 214 
LYS O    O N N 215 
LYS CB   C N N 216 
LYS CG   C N N 217 
LYS CD   C N N 218 
LYS CE   C N N 219 
LYS NZ   N N N 220 
LYS OXT  O N N 221 
LYS H    H N N 222 
LYS H2   H N N 223 
LYS HA   H N N 224 
LYS HB2  H N N 225 
LYS HB3  H N N 226 
LYS HG2  H N N 227 
LYS HG3  H N N 228 
LYS HD2  H N N 229 
LYS HD3  H N N 230 
LYS HE2  H N N 231 
LYS HE3  H N N 232 
LYS HZ1  H N N 233 
LYS HZ2  H N N 234 
LYS HZ3  H N N 235 
LYS HXT  H N N 236 
MET N    N N N 237 
MET CA   C N S 238 
MET C    C N N 239 
MET O    O N N 240 
MET CB   C N N 241 
MET CG   C N N 242 
MET SD   S N N 243 
MET CE   C N N 244 
MET OXT  O N N 245 
MET H    H N N 246 
MET H2   H N N 247 
MET HA   H N N 248 
MET HB2  H N N 249 
MET HB3  H N N 250 
MET HG2  H N N 251 
MET HG3  H N N 252 
MET HE1  H N N 253 
MET HE2  H N N 254 
MET HE3  H N N 255 
MET HXT  H N N 256 
PHE N    N N N 257 
PHE CA   C N S 258 
PHE C    C N N 259 
PHE O    O N N 260 
PHE CB   C N N 261 
PHE CG   C Y N 262 
PHE CD1  C Y N 263 
PHE CD2  C Y N 264 
PHE CE1  C Y N 265 
PHE CE2  C Y N 266 
PHE CZ   C Y N 267 
PHE OXT  O N N 268 
PHE H    H N N 269 
PHE H2   H N N 270 
PHE HA   H N N 271 
PHE HB2  H N N 272 
PHE HB3  H N N 273 
PHE HD1  H N N 274 
PHE HD2  H N N 275 
PHE HE1  H N N 276 
PHE HE2  H N N 277 
PHE HZ   H N N 278 
PHE HXT  H N N 279 
PRO N    N N N 280 
PRO CA   C N S 281 
PRO C    C N N 282 
PRO O    O N N 283 
PRO CB   C N N 284 
PRO CG   C N N 285 
PRO CD   C N N 286 
PRO OXT  O N N 287 
PRO H    H N N 288 
PRO HA   H N N 289 
PRO HB2  H N N 290 
PRO HB3  H N N 291 
PRO HG2  H N N 292 
PRO HG3  H N N 293 
PRO HD2  H N N 294 
PRO HD3  H N N 295 
PRO HXT  H N N 296 
SER N    N N N 297 
SER CA   C N S 298 
SER C    C N N 299 
SER O    O N N 300 
SER CB   C N N 301 
SER OG   O N N 302 
SER OXT  O N N 303 
SER H    H N N 304 
SER H2   H N N 305 
SER HA   H N N 306 
SER HB2  H N N 307 
SER HB3  H N N 308 
SER HG   H N N 309 
SER HXT  H N N 310 
THR N    N N N 311 
THR CA   C N S 312 
THR C    C N N 313 
THR O    O N N 314 
THR CB   C N R 315 
THR OG1  O N N 316 
THR CG2  C N N 317 
THR OXT  O N N 318 
THR H    H N N 319 
THR H2   H N N 320 
THR HA   H N N 321 
THR HB   H N N 322 
THR HG1  H N N 323 
THR HG21 H N N 324 
THR HG22 H N N 325 
THR HG23 H N N 326 
THR HXT  H N N 327 
TRP N    N N N 328 
TRP CA   C N S 329 
TRP C    C N N 330 
TRP O    O N N 331 
TRP CB   C N N 332 
TRP CG   C Y N 333 
TRP CD1  C Y N 334 
TRP CD2  C Y N 335 
TRP NE1  N Y N 336 
TRP CE2  C Y N 337 
TRP CE3  C Y N 338 
TRP CZ2  C Y N 339 
TRP CZ3  C Y N 340 
TRP CH2  C Y N 341 
TRP OXT  O N N 342 
TRP H    H N N 343 
TRP H2   H N N 344 
TRP HA   H N N 345 
TRP HB2  H N N 346 
TRP HB3  H N N 347 
TRP HD1  H N N 348 
TRP HE1  H N N 349 
TRP HE3  H N N 350 
TRP HZ2  H N N 351 
TRP HZ3  H N N 352 
TRP HH2  H N N 353 
TRP HXT  H N N 354 
TYR N    N N N 355 
TYR CA   C N S 356 
TYR C    C N N 357 
TYR O    O N N 358 
TYR CB   C N N 359 
TYR CG   C Y N 360 
TYR CD1  C Y N 361 
TYR CD2  C Y N 362 
TYR CE1  C Y N 363 
TYR CE2  C Y N 364 
TYR CZ   C Y N 365 
TYR OH   O N N 366 
TYR OXT  O N N 367 
TYR H    H N N 368 
TYR H2   H N N 369 
TYR HA   H N N 370 
TYR HB2  H N N 371 
TYR HB3  H N N 372 
TYR HD1  H N N 373 
TYR HD2  H N N 374 
TYR HE1  H N N 375 
TYR HE2  H N N 376 
TYR HH   H N N 377 
TYR HXT  H N N 378 
VAL N    N N N 379 
VAL CA   C N S 380 
VAL C    C N N 381 
VAL O    O N N 382 
VAL CB   C N N 383 
VAL CG1  C N N 384 
VAL CG2  C N N 385 
VAL OXT  O N N 386 
VAL H    H N N 387 
VAL H2   H N N 388 
VAL HA   H N N 389 
VAL HB   H N N 390 
VAL HG11 H N N 391 
VAL HG12 H N N 392 
VAL HG13 H N N 393 
VAL HG21 H N N 394 
VAL HG22 H N N 395 
VAL HG23 H N N 396 
VAL HXT  H N N 397 
# 
loop_
_chem_comp_bond.comp_id 
_chem_comp_bond.atom_id_1 
_chem_comp_bond.atom_id_2 
_chem_comp_bond.value_order 
_chem_comp_bond.pdbx_aromatic_flag 
_chem_comp_bond.pdbx_stereo_config 
_chem_comp_bond.pdbx_ordinal 
ALA N   CA   sing N N 1   
ALA N   H    sing N N 2   
ALA N   H2   sing N N 3   
ALA CA  C    sing N N 4   
ALA CA  CB   sing N N 5   
ALA CA  HA   sing N N 6   
ALA C   O    doub N N 7   
ALA C   OXT  sing N N 8   
ALA CB  HB1  sing N N 9   
ALA CB  HB2  sing N N 10  
ALA CB  HB3  sing N N 11  
ALA OXT HXT  sing N N 12  
ARG N   CA   sing N N 13  
ARG N   H    sing N N 14  
ARG N   H2   sing N N 15  
ARG CA  C    sing N N 16  
ARG CA  CB   sing N N 17  
ARG CA  HA   sing N N 18  
ARG C   O    doub N N 19  
ARG C   OXT  sing N N 20  
ARG CB  CG   sing N N 21  
ARG CB  HB2  sing N N 22  
ARG CB  HB3  sing N N 23  
ARG CG  CD   sing N N 24  
ARG CG  HG2  sing N N 25  
ARG CG  HG3  sing N N 26  
ARG CD  NE   sing N N 27  
ARG CD  HD2  sing N N 28  
ARG CD  HD3  sing N N 29  
ARG NE  CZ   sing N N 30  
ARG NE  HE   sing N N 31  
ARG CZ  NH1  sing N N 32  
ARG CZ  NH2  doub N N 33  
ARG NH1 HH11 sing N N 34  
ARG NH1 HH12 sing N N 35  
ARG NH2 HH21 sing N N 36  
ARG NH2 HH22 sing N N 37  
ARG OXT HXT  sing N N 38  
ASN N   CA   sing N N 39  
ASN N   H    sing N N 40  
ASN N   H2   sing N N 41  
ASN CA  C    sing N N 42  
ASN CA  CB   sing N N 43  
ASN CA  HA   sing N N 44  
ASN C   O    doub N N 45  
ASN C   OXT  sing N N 46  
ASN CB  CG   sing N N 47  
ASN CB  HB2  sing N N 48  
ASN CB  HB3  sing N N 49  
ASN CG  OD1  doub N N 50  
ASN CG  ND2  sing N N 51  
ASN ND2 HD21 sing N N 52  
ASN ND2 HD22 sing N N 53  
ASN OXT HXT  sing N N 54  
ASP N   CA   sing N N 55  
ASP N   H    sing N N 56  
ASP N   H2   sing N N 57  
ASP CA  C    sing N N 58  
ASP CA  CB   sing N N 59  
ASP CA  HA   sing N N 60  
ASP C   O    doub N N 61  
ASP C   OXT  sing N N 62  
ASP CB  CG   sing N N 63  
ASP CB  HB2  sing N N 64  
ASP CB  HB3  sing N N 65  
ASP CG  OD1  doub N N 66  
ASP CG  OD2  sing N N 67  
ASP OD2 HD2  sing N N 68  
ASP OXT HXT  sing N N 69  
CIT C1  O1   doub N N 70  
CIT C1  O2   sing N N 71  
CIT C1  C2   sing N N 72  
CIT O2  HO2  sing N N 73  
CIT C2  C3   sing N N 74  
CIT C2  H21  sing N N 75  
CIT C2  H22  sing N N 76  
CIT C3  O7   sing N N 77  
CIT C3  C4   sing N N 78  
CIT C3  C6   sing N N 79  
CIT O7  HO7  sing N N 80  
CIT C4  C5   sing N N 81  
CIT C4  H41  sing N N 82  
CIT C4  H42  sing N N 83  
CIT C5  O3   doub N N 84  
CIT C5  O4   sing N N 85  
CIT O4  HO4  sing N N 86  
CIT C6  O5   doub N N 87  
CIT C6  O6   sing N N 88  
CIT O6  HO6  sing N N 89  
GLN N   CA   sing N N 90  
GLN N   H    sing N N 91  
GLN N   H2   sing N N 92  
GLN CA  C    sing N N 93  
GLN CA  CB   sing N N 94  
GLN CA  HA   sing N N 95  
GLN C   O    doub N N 96  
GLN C   OXT  sing N N 97  
GLN CB  CG   sing N N 98  
GLN CB  HB2  sing N N 99  
GLN CB  HB3  sing N N 100 
GLN CG  CD   sing N N 101 
GLN CG  HG2  sing N N 102 
GLN CG  HG3  sing N N 103 
GLN CD  OE1  doub N N 104 
GLN CD  NE2  sing N N 105 
GLN NE2 HE21 sing N N 106 
GLN NE2 HE22 sing N N 107 
GLN OXT HXT  sing N N 108 
GLU N   CA   sing N N 109 
GLU N   H    sing N N 110 
GLU N   H2   sing N N 111 
GLU CA  C    sing N N 112 
GLU CA  CB   sing N N 113 
GLU CA  HA   sing N N 114 
GLU C   O    doub N N 115 
GLU C   OXT  sing N N 116 
GLU CB  CG   sing N N 117 
GLU CB  HB2  sing N N 118 
GLU CB  HB3  sing N N 119 
GLU CG  CD   sing N N 120 
GLU CG  HG2  sing N N 121 
GLU CG  HG3  sing N N 122 
GLU CD  OE1  doub N N 123 
GLU CD  OE2  sing N N 124 
GLU OE2 HE2  sing N N 125 
GLU OXT HXT  sing N N 126 
GLY N   CA   sing N N 127 
GLY N   H    sing N N 128 
GLY N   H2   sing N N 129 
GLY CA  C    sing N N 130 
GLY CA  HA2  sing N N 131 
GLY CA  HA3  sing N N 132 
GLY C   O    doub N N 133 
GLY C   OXT  sing N N 134 
GLY OXT HXT  sing N N 135 
HIS N   CA   sing N N 136 
HIS N   H    sing N N 137 
HIS N   H2   sing N N 138 
HIS CA  C    sing N N 139 
HIS CA  CB   sing N N 140 
HIS CA  HA   sing N N 141 
HIS C   O    doub N N 142 
HIS C   OXT  sing N N 143 
HIS CB  CG   sing N N 144 
HIS CB  HB2  sing N N 145 
HIS CB  HB3  sing N N 146 
HIS CG  ND1  sing Y N 147 
HIS CG  CD2  doub Y N 148 
HIS ND1 CE1  doub Y N 149 
HIS ND1 HD1  sing N N 150 
HIS CD2 NE2  sing Y N 151 
HIS CD2 HD2  sing N N 152 
HIS CE1 NE2  sing Y N 153 
HIS CE1 HE1  sing N N 154 
HIS NE2 HE2  sing N N 155 
HIS OXT HXT  sing N N 156 
HOH O   H1   sing N N 157 
HOH O   H2   sing N N 158 
ILE N   CA   sing N N 159 
ILE N   H    sing N N 160 
ILE N   H2   sing N N 161 
ILE CA  C    sing N N 162 
ILE CA  CB   sing N N 163 
ILE CA  HA   sing N N 164 
ILE C   O    doub N N 165 
ILE C   OXT  sing N N 166 
ILE CB  CG1  sing N N 167 
ILE CB  CG2  sing N N 168 
ILE CB  HB   sing N N 169 
ILE CG1 CD1  sing N N 170 
ILE CG1 HG12 sing N N 171 
ILE CG1 HG13 sing N N 172 
ILE CG2 HG21 sing N N 173 
ILE CG2 HG22 sing N N 174 
ILE CG2 HG23 sing N N 175 
ILE CD1 HD11 sing N N 176 
ILE CD1 HD12 sing N N 177 
ILE CD1 HD13 sing N N 178 
ILE OXT HXT  sing N N 179 
LEU N   CA   sing N N 180 
LEU N   H    sing N N 181 
LEU N   H2   sing N N 182 
LEU CA  C    sing N N 183 
LEU CA  CB   sing N N 184 
LEU CA  HA   sing N N 185 
LEU C   O    doub N N 186 
LEU C   OXT  sing N N 187 
LEU CB  CG   sing N N 188 
LEU CB  HB2  sing N N 189 
LEU CB  HB3  sing N N 190 
LEU CG  CD1  sing N N 191 
LEU CG  CD2  sing N N 192 
LEU CG  HG   sing N N 193 
LEU CD1 HD11 sing N N 194 
LEU CD1 HD12 sing N N 195 
LEU CD1 HD13 sing N N 196 
LEU CD2 HD21 sing N N 197 
LEU CD2 HD22 sing N N 198 
LEU CD2 HD23 sing N N 199 
LEU OXT HXT  sing N N 200 
LYS N   CA   sing N N 201 
LYS N   H    sing N N 202 
LYS N   H2   sing N N 203 
LYS CA  C    sing N N 204 
LYS CA  CB   sing N N 205 
LYS CA  HA   sing N N 206 
LYS C   O    doub N N 207 
LYS C   OXT  sing N N 208 
LYS CB  CG   sing N N 209 
LYS CB  HB2  sing N N 210 
LYS CB  HB3  sing N N 211 
LYS CG  CD   sing N N 212 
LYS CG  HG2  sing N N 213 
LYS CG  HG3  sing N N 214 
LYS CD  CE   sing N N 215 
LYS CD  HD2  sing N N 216 
LYS CD  HD3  sing N N 217 
LYS CE  NZ   sing N N 218 
LYS CE  HE2  sing N N 219 
LYS CE  HE3  sing N N 220 
LYS NZ  HZ1  sing N N 221 
LYS NZ  HZ2  sing N N 222 
LYS NZ  HZ3  sing N N 223 
LYS OXT HXT  sing N N 224 
MET N   CA   sing N N 225 
MET N   H    sing N N 226 
MET N   H2   sing N N 227 
MET CA  C    sing N N 228 
MET CA  CB   sing N N 229 
MET CA  HA   sing N N 230 
MET C   O    doub N N 231 
MET C   OXT  sing N N 232 
MET CB  CG   sing N N 233 
MET CB  HB2  sing N N 234 
MET CB  HB3  sing N N 235 
MET CG  SD   sing N N 236 
MET CG  HG2  sing N N 237 
MET CG  HG3  sing N N 238 
MET SD  CE   sing N N 239 
MET CE  HE1  sing N N 240 
MET CE  HE2  sing N N 241 
MET CE  HE3  sing N N 242 
MET OXT HXT  sing N N 243 
PHE N   CA   sing N N 244 
PHE N   H    sing N N 245 
PHE N   H2   sing N N 246 
PHE CA  C    sing N N 247 
PHE CA  CB   sing N N 248 
PHE CA  HA   sing N N 249 
PHE C   O    doub N N 250 
PHE C   OXT  sing N N 251 
PHE CB  CG   sing N N 252 
PHE CB  HB2  sing N N 253 
PHE CB  HB3  sing N N 254 
PHE CG  CD1  doub Y N 255 
PHE CG  CD2  sing Y N 256 
PHE CD1 CE1  sing Y N 257 
PHE CD1 HD1  sing N N 258 
PHE CD2 CE2  doub Y N 259 
PHE CD2 HD2  sing N N 260 
PHE CE1 CZ   doub Y N 261 
PHE CE1 HE1  sing N N 262 
PHE CE2 CZ   sing Y N 263 
PHE CE2 HE2  sing N N 264 
PHE CZ  HZ   sing N N 265 
PHE OXT HXT  sing N N 266 
PRO N   CA   sing N N 267 
PRO N   CD   sing N N 268 
PRO N   H    sing N N 269 
PRO CA  C    sing N N 270 
PRO CA  CB   sing N N 271 
PRO CA  HA   sing N N 272 
PRO C   O    doub N N 273 
PRO C   OXT  sing N N 274 
PRO CB  CG   sing N N 275 
PRO CB  HB2  sing N N 276 
PRO CB  HB3  sing N N 277 
PRO CG  CD   sing N N 278 
PRO CG  HG2  sing N N 279 
PRO CG  HG3  sing N N 280 
PRO CD  HD2  sing N N 281 
PRO CD  HD3  sing N N 282 
PRO OXT HXT  sing N N 283 
SER N   CA   sing N N 284 
SER N   H    sing N N 285 
SER N   H2   sing N N 286 
SER CA  C    sing N N 287 
SER CA  CB   sing N N 288 
SER CA  HA   sing N N 289 
SER C   O    doub N N 290 
SER C   OXT  sing N N 291 
SER CB  OG   sing N N 292 
SER CB  HB2  sing N N 293 
SER CB  HB3  sing N N 294 
SER OG  HG   sing N N 295 
SER OXT HXT  sing N N 296 
THR N   CA   sing N N 297 
THR N   H    sing N N 298 
THR N   H2   sing N N 299 
THR CA  C    sing N N 300 
THR CA  CB   sing N N 301 
THR CA  HA   sing N N 302 
THR C   O    doub N N 303 
THR C   OXT  sing N N 304 
THR CB  OG1  sing N N 305 
THR CB  CG2  sing N N 306 
THR CB  HB   sing N N 307 
THR OG1 HG1  sing N N 308 
THR CG2 HG21 sing N N 309 
THR CG2 HG22 sing N N 310 
THR CG2 HG23 sing N N 311 
THR OXT HXT  sing N N 312 
TRP N   CA   sing N N 313 
TRP N   H    sing N N 314 
TRP N   H2   sing N N 315 
TRP CA  C    sing N N 316 
TRP CA  CB   sing N N 317 
TRP CA  HA   sing N N 318 
TRP C   O    doub N N 319 
TRP C   OXT  sing N N 320 
TRP CB  CG   sing N N 321 
TRP CB  HB2  sing N N 322 
TRP CB  HB3  sing N N 323 
TRP CG  CD1  doub Y N 324 
TRP CG  CD2  sing Y N 325 
TRP CD1 NE1  sing Y N 326 
TRP CD1 HD1  sing N N 327 
TRP CD2 CE2  doub Y N 328 
TRP CD2 CE3  sing Y N 329 
TRP NE1 CE2  sing Y N 330 
TRP NE1 HE1  sing N N 331 
TRP CE2 CZ2  sing Y N 332 
TRP CE3 CZ3  doub Y N 333 
TRP CE3 HE3  sing N N 334 
TRP CZ2 CH2  doub Y N 335 
TRP CZ2 HZ2  sing N N 336 
TRP CZ3 CH2  sing Y N 337 
TRP CZ3 HZ3  sing N N 338 
TRP CH2 HH2  sing N N 339 
TRP OXT HXT  sing N N 340 
TYR N   CA   sing N N 341 
TYR N   H    sing N N 342 
TYR N   H2   sing N N 343 
TYR CA  C    sing N N 344 
TYR CA  CB   sing N N 345 
TYR CA  HA   sing N N 346 
TYR C   O    doub N N 347 
TYR C   OXT  sing N N 348 
TYR CB  CG   sing N N 349 
TYR CB  HB2  sing N N 350 
TYR CB  HB3  sing N N 351 
TYR CG  CD1  doub Y N 352 
TYR CG  CD2  sing Y N 353 
TYR CD1 CE1  sing Y N 354 
TYR CD1 HD1  sing N N 355 
TYR CD2 CE2  doub Y N 356 
TYR CD2 HD2  sing N N 357 
TYR CE1 CZ   doub Y N 358 
TYR CE1 HE1  sing N N 359 
TYR CE2 CZ   sing Y N 360 
TYR CE2 HE2  sing N N 361 
TYR CZ  OH   sing N N 362 
TYR OH  HH   sing N N 363 
TYR OXT HXT  sing N N 364 
VAL N   CA   sing N N 365 
VAL N   H    sing N N 366 
VAL N   H2   sing N N 367 
VAL CA  C    sing N N 368 
VAL CA  CB   sing N N 369 
VAL CA  HA   sing N N 370 
VAL C   O    doub N N 371 
VAL C   OXT  sing N N 372 
VAL CB  CG1  sing N N 373 
VAL CB  CG2  sing N N 374 
VAL CB  HB   sing N N 375 
VAL CG1 HG11 sing N N 376 
VAL CG1 HG12 sing N N 377 
VAL CG1 HG13 sing N N 378 
VAL CG2 HG21 sing N N 379 
VAL CG2 HG22 sing N N 380 
VAL CG2 HG23 sing N N 381 
VAL OXT HXT  sing N N 382 
# 
_atom_sites.entry_id                    1U6T 
_atom_sites.fract_transf_matrix[1][1]   -0.00886225 
_atom_sites.fract_transf_matrix[1][2]   0.03242357 
_atom_sites.fract_transf_matrix[1][3]   -0.00828539 
_atom_sites.fract_transf_matrix[2][1]   -0.01908282 
_atom_sites.fract_transf_matrix[2][2]   0.00026945 
_atom_sites.fract_transf_matrix[2][3]   0.02146588 
_atom_sites.fract_transf_matrix[3][1]   0.00716798 
_atom_sites.fract_transf_matrix[3][2]   0.00357606 
_atom_sites.fract_transf_matrix[3][3]   0.00632733 
_atom_sites.fract_transf_vector[1]      1.361909 
_atom_sites.fract_transf_vector[2]      0.446285 
_atom_sites.fract_transf_vector[3]      0.438102 
# 
loop_
_atom_type.symbol 
C 
N 
O 
S 
# 
loop_
_atom_site.group_PDB 
_atom_site.id 
_atom_site.type_symbol 
_atom_site.label_atom_id 
_atom_site.label_alt_id 
_atom_site.label_comp_id 
_atom_site.label_asym_id 
_atom_site.label_entity_id 
_atom_site.label_seq_id 
_atom_site.pdbx_PDB_ins_code 
_atom_site.Cartn_x 
_atom_site.Cartn_y 
_atom_site.Cartn_z 
_atom_site.occupancy 
_atom_site.B_iso_or_equiv 
_atom_site.pdbx_formal_charge 
_atom_site.auth_seq_id 
_atom_site.auth_comp_id 
_atom_site.auth_asym_id 
_atom_site.auth_atom_id 
_atom_site.pdbx_PDB_model_num 
ATOM   1    N N   . VAL A 1 1   ? -6.355  9.958   1.176   1.00 18.40 ? 1   VAL A N   1 
ATOM   2    C CA  . VAL A 1 1   ? -6.806  8.608   1.611   1.00 17.34 ? 1   VAL A CA  1 
ATOM   3    C C   . VAL A 1 1   ? -6.140  7.527   0.763   1.00 16.20 ? 1   VAL A C   1 
ATOM   4    O O   . VAL A 1 1   ? -5.815  7.752   -0.406  1.00 16.11 ? 1   VAL A O   1 
ATOM   5    C CB  . VAL A 1 1   ? -8.344  8.461   1.480   1.00 19.23 ? 1   VAL A CB  1 
ATOM   6    C CG1 . VAL A 1 1   ? -9.040  9.648   2.135   1.00 21.88 ? 1   VAL A CG1 1 
ATOM   7    C CG2 . VAL A 1 1   ? -8.740  8.357   0.016   1.00 22.71 ? 1   VAL A CG2 1 
ATOM   8    N N   . ILE A 1 2   ? -5.931  6.359   1.361   1.00 13.95 ? 2   ILE A N   1 
ATOM   9    C CA  . ILE A 1 2   ? -5.325  5.238   0.648   1.00 11.96 ? 2   ILE A CA  1 
ATOM   10   C C   . ILE A 1 2   ? -6.428  4.512   -0.112  1.00 12.31 ? 2   ILE A C   1 
ATOM   11   O O   . ILE A 1 2   ? -7.407  4.061   0.487   1.00 12.36 ? 2   ILE A O   1 
ATOM   12   C CB  . ILE A 1 2   ? -4.657  4.242   1.622   1.00 10.09 ? 2   ILE A CB  1 
ATOM   13   C CG1 . ILE A 1 2   ? -3.568  4.956   2.429   1.00 8.75  ? 2   ILE A CG1 1 
ATOM   14   C CG2 . ILE A 1 2   ? -4.083  3.061   0.851   1.00 7.86  ? 2   ILE A CG2 1 
ATOM   15   C CD1 . ILE A 1 2   ? -2.588  5.739   1.582   1.00 9.26  ? 2   ILE A CD1 1 
ATOM   16   N N   . ARG A 1 3   ? -6.275  4.414   -1.428  1.00 10.76 ? 3   ARG A N   1 
ATOM   17   C CA  . ARG A 1 3   ? -7.267  3.742   -2.258  1.00 10.08 ? 3   ARG A CA  1 
ATOM   18   C C   . ARG A 1 3   ? -6.810  2.334   -2.589  1.00 10.94 ? 3   ARG A C   1 
ATOM   19   O O   . ARG A 1 3   ? -5.737  2.130   -3.156  1.00 9.09  ? 3   ARG A O   1 
ATOM   20   C CB  . ARG A 1 3   ? -7.499  4.525   -3.548  1.00 11.95 ? 3   ARG A CB  1 
ATOM   21   C CG  . ARG A 1 3   ? -8.153  5.864   -3.312  1.00 13.84 ? 3   ARG A CG  1 
ATOM   22   C CD  . ARG A 1 3   ? -8.224  6.680   -4.580  1.00 15.79 ? 3   ARG A CD  1 
ATOM   23   N NE  . ARG A 1 3   ? -8.753  8.011   -4.307  1.00 16.68 ? 3   ARG A NE  1 
ATOM   24   C CZ  . ARG A 1 3   ? -8.655  9.040   -5.138  1.00 17.35 ? 3   ARG A CZ  1 
ATOM   25   N NH1 . ARG A 1 3   ? -9.170  10.214  -4.797  1.00 20.62 ? 3   ARG A NH1 1 
ATOM   26   N NH2 . ARG A 1 3   ? -8.040  8.897   -6.306  1.00 15.43 ? 3   ARG A NH2 1 
ATOM   27   N N   . VAL A 1 4   ? -7.630  1.358   -2.224  1.00 7.77  ? 4   VAL A N   1 
ATOM   28   C CA  . VAL A 1 4   ? -7.289  -0.026  -2.485  1.00 10.23 ? 4   VAL A CA  1 
ATOM   29   C C   . VAL A 1 4   ? -8.211  -0.602  -3.546  1.00 10.85 ? 4   VAL A C   1 
ATOM   30   O O   . VAL A 1 4   ? -9.412  -0.772  -3.322  1.00 11.40 ? 4   VAL A O   1 
ATOM   31   C CB  . VAL A 1 4   ? -7.400  -0.872  -1.200  1.00 8.54  ? 4   VAL A CB  1 
ATOM   32   C CG1 . VAL A 1 4   ? -6.853  -2.271  -1.450  1.00 9.60  ? 4   VAL A CG1 1 
ATOM   33   C CG2 . VAL A 1 4   ? -6.645  -0.186  -0.065  1.00 9.38  ? 4   VAL A CG2 1 
ATOM   34   N N   . TYR A 1 5   ? -7.650  -0.886  -4.715  1.00 9.85  ? 5   TYR A N   1 
ATOM   35   C CA  . TYR A 1 5   ? -8.438  -1.457  -5.791  1.00 9.49  ? 5   TYR A CA  1 
ATOM   36   C C   . TYR A 1 5   ? -8.520  -2.956  -5.618  1.00 9.59  ? 5   TYR A C   1 
ATOM   37   O O   . TYR A 1 5   ? -7.505  -3.646  -5.576  1.00 9.16  ? 5   TYR A O   1 
ATOM   38   C CB  . TYR A 1 5   ? -7.837  -1.098  -7.147  1.00 7.53  ? 5   TYR A CB  1 
ATOM   39   C CG  . TYR A 1 5   ? -8.118  0.335   -7.506  1.00 8.38  ? 5   TYR A CG  1 
ATOM   40   C CD1 . TYR A 1 5   ? -7.510  1.377   -6.806  1.00 10.23 ? 5   TYR A CD1 1 
ATOM   41   C CD2 . TYR A 1 5   ? -9.060  0.653   -8.483  1.00 5.81  ? 5   TYR A CD2 1 
ATOM   42   C CE1 . TYR A 1 5   ? -7.837  2.699   -7.066  1.00 10.67 ? 5   TYR A CE1 1 
ATOM   43   C CE2 . TYR A 1 5   ? -9.396  1.969   -8.750  1.00 8.80  ? 5   TYR A CE2 1 
ATOM   44   C CZ  . TYR A 1 5   ? -8.782  2.988   -8.035  1.00 9.88  ? 5   TYR A CZ  1 
ATOM   45   O OH  . TYR A 1 5   ? -9.128  4.295   -8.274  1.00 9.32  ? 5   TYR A OH  1 
ATOM   46   N N   . ILE A 1 6   ? -9.749  -3.445  -5.500  1.00 11.63 ? 6   ILE A N   1 
ATOM   47   C CA  . ILE A 1 6   ? -9.999  -4.863  -5.303  1.00 9.94  ? 6   ILE A CA  1 
ATOM   48   C C   . ILE A 1 6   ? -11.005 -5.351  -6.330  1.00 9.54  ? 6   ILE A C   1 
ATOM   49   O O   . ILE A 1 6   ? -11.638 -4.556  -7.023  1.00 9.11  ? 6   ILE A O   1 
ATOM   50   C CB  . ILE A 1 6   ? -10.616 -5.132  -3.911  1.00 10.94 ? 6   ILE A CB  1 
ATOM   51   C CG1 . ILE A 1 6   ? -12.016 -4.511  -3.854  1.00 12.21 ? 6   ILE A CG1 1 
ATOM   52   C CG2 . ILE A 1 6   ? -9.738  -4.544  -2.815  1.00 9.45  ? 6   ILE A CG2 1 
ATOM   53   C CD1 . ILE A 1 6   ? -12.810 -4.872  -2.623  1.00 15.21 ? 6   ILE A CD1 1 
ATOM   54   N N   . ALA A 1 7   ? -11.150 -6.670  -6.406  1.00 8.86  ? 7   ALA A N   1 
ATOM   55   C CA  . ALA A 1 7   ? -12.113 -7.300  -7.298  1.00 9.61  ? 7   ALA A CA  1 
ATOM   56   C C   . ALA A 1 7   ? -12.938 -8.217  -6.398  1.00 8.87  ? 7   ALA A C   1 
ATOM   57   O O   . ALA A 1 7   ? -12.476 -9.287  -6.009  1.00 9.09  ? 7   ALA A O   1 
ATOM   58   C CB  . ALA A 1 7   ? -11.395 -8.112  -8.376  1.00 9.20  ? 7   ALA A CB  1 
ATOM   59   N N   . SER A 1 8   ? -14.150 -7.788  -6.054  1.00 10.49 ? 8   SER A N   1 
ATOM   60   C CA  . SER A 1 8   ? -15.019 -8.572  -5.178  1.00 11.39 ? 8   SER A CA  1 
ATOM   61   C C   . SER A 1 8   ? -15.393 -9.940  -5.739  1.00 12.41 ? 8   SER A C   1 
ATOM   62   O O   . SER A 1 8   ? -15.584 -10.892 -4.982  1.00 12.83 ? 8   SER A O   1 
ATOM   63   C CB  . SER A 1 8   ? -16.295 -7.787  -4.852  1.00 9.72  ? 8   SER A CB  1 
ATOM   64   O OG  . SER A 1 8   ? -16.983 -7.410  -6.029  1.00 10.72 ? 8   SER A OG  1 
ATOM   65   N N   . SER A 1 9   ? -15.499 -10.043 -7.061  1.00 11.75 ? 9   SER A N   1 
ATOM   66   C CA  . SER A 1 9   ? -15.854 -11.315 -7.677  1.00 11.53 ? 9   SER A CA  1 
ATOM   67   C C   . SER A 1 9   ? -14.664 -11.993 -8.343  1.00 11.82 ? 9   SER A C   1 
ATOM   68   O O   . SER A 1 9   ? -14.818 -12.721 -9.322  1.00 11.60 ? 9   SER A O   1 
ATOM   69   C CB  . SER A 1 9   ? -16.989 -11.127 -8.688  1.00 10.43 ? 9   SER A CB  1 
ATOM   70   O OG  . SER A 1 9   ? -16.670 -10.146 -9.654  1.00 11.30 ? 9   SER A OG  1 
ATOM   71   N N   . SER A 1 10  ? -13.472 -11.745 -7.809  1.00 11.37 ? 10  SER A N   1 
ATOM   72   C CA  . SER A 1 10  ? -12.265 -12.364 -8.336  1.00 10.48 ? 10  SER A CA  1 
ATOM   73   C C   . SER A 1 10  ? -12.483 -13.871 -8.427  1.00 11.25 ? 10  SER A C   1 
ATOM   74   O O   . SER A 1 10  ? -13.143 -14.457 -7.569  1.00 12.13 ? 10  SER A O   1 
ATOM   75   C CB  . SER A 1 10  ? -11.083 -12.085 -7.408  1.00 11.69 ? 10  SER A CB  1 
ATOM   76   O OG  . SER A 1 10  ? -9.994  -12.935 -7.720  1.00 11.09 ? 10  SER A OG  1 
ATOM   77   N N   . GLY A 1 11  ? -11.921 -14.496 -9.455  1.00 9.93  ? 11  GLY A N   1 
ATOM   78   C CA  . GLY A 1 11  ? -12.081 -15.931 -9.610  1.00 13.57 ? 11  GLY A CA  1 
ATOM   79   C C   . GLY A 1 11  ? -11.150 -16.737 -8.718  1.00 12.57 ? 11  GLY A C   1 
ATOM   80   O O   . GLY A 1 11  ? -11.179 -17.966 -8.738  1.00 14.11 ? 11  GLY A O   1 
ATOM   81   N N   . SER A 1 12  ? -10.340 -16.046 -7.923  1.00 13.44 ? 12  SER A N   1 
ATOM   82   C CA  . SER A 1 12  ? -9.378  -16.700 -7.043  1.00 13.39 ? 12  SER A CA  1 
ATOM   83   C C   . SER A 1 12  ? -9.588  -16.402 -5.562  1.00 13.23 ? 12  SER A C   1 
ATOM   84   O O   . SER A 1 12  ? -9.706  -15.243 -5.164  1.00 11.58 ? 12  SER A O   1 
ATOM   85   C CB  . SER A 1 12  ? -7.959  -16.287 -7.447  1.00 14.40 ? 12  SER A CB  1 
ATOM   86   O OG  . SER A 1 12  ? -6.994  -16.750 -6.519  1.00 19.32 ? 12  SER A OG  1 
ATOM   87   N N   . THR A 1 13  ? -9.626  -17.455 -4.747  1.00 11.69 ? 13  THR A N   1 
ATOM   88   C CA  . THR A 1 13  ? -9.802  -17.292 -3.307  1.00 13.19 ? 13  THR A CA  1 
ATOM   89   C C   . THR A 1 13  ? -8.574  -16.597 -2.722  1.00 11.56 ? 13  THR A C   1 
ATOM   90   O O   . THR A 1 13  ? -8.676  -15.855 -1.744  1.00 12.63 ? 13  THR A O   1 
ATOM   91   C CB  . THR A 1 13  ? -9.998  -18.659 -2.601  1.00 14.25 ? 13  THR A CB  1 
ATOM   92   O OG1 . THR A 1 13  ? -11.197 -19.281 -3.080  1.00 15.92 ? 13  THR A OG1 1 
ATOM   93   C CG2 . THR A 1 13  ? -10.114 -18.471 -1.094  1.00 16.73 ? 13  THR A CG2 1 
ATOM   94   N N   . ALA A 1 14  ? -7.419  -16.841 -3.332  1.00 11.39 ? 14  ALA A N   1 
ATOM   95   C CA  . ALA A 1 14  ? -6.162  -16.239 -2.892  1.00 11.66 ? 14  ALA A CA  1 
ATOM   96   C C   . ALA A 1 14  ? -6.229  -14.718 -2.989  1.00 11.82 ? 14  ALA A C   1 
ATOM   97   O O   . ALA A 1 14  ? -5.776  -14.006 -2.088  1.00 11.33 ? 14  ALA A O   1 
ATOM   98   C CB  . ALA A 1 14  ? -5.006  -16.761 -3.743  1.00 10.98 ? 14  ALA A CB  1 
ATOM   99   N N   . ILE A 1 15  ? -6.784  -14.226 -4.091  1.00 12.03 ? 15  ILE A N   1 
ATOM   100  C CA  . ILE A 1 15  ? -6.917  -12.789 -4.302  1.00 11.93 ? 15  ILE A CA  1 
ATOM   101  C C   . ILE A 1 15  ? -7.849  -12.202 -3.239  1.00 11.64 ? 15  ILE A C   1 
ATOM   102  O O   . ILE A 1 15  ? -7.543  -11.183 -2.615  1.00 13.44 ? 15  ILE A O   1 
ATOM   103  C CB  . ILE A 1 15  ? -7.485  -12.491 -5.710  1.00 12.76 ? 15  ILE A CB  1 
ATOM   104  C CG1 . ILE A 1 15  ? -6.489  -12.944 -6.785  1.00 12.22 ? 15  ILE A CG1 1 
ATOM   105  C CG2 . ILE A 1 15  ? -7.797  -11.006 -5.848  1.00 13.26 ? 15  ILE A CG2 1 
ATOM   106  C CD1 . ILE A 1 15  ? -5.158  -12.212 -6.757  1.00 13.17 ? 15  ILE A CD1 1 
ATOM   107  N N   . LYS A 1 16  ? -8.987  -12.859 -3.034  1.00 10.75 ? 16  LYS A N   1 
ATOM   108  C CA  . LYS A 1 16  ? -9.961  -12.413 -2.050  1.00 12.04 ? 16  LYS A CA  1 
ATOM   109  C C   . LYS A 1 16  ? -9.291  -12.254 -0.684  1.00 11.18 ? 16  LYS A C   1 
ATOM   110  O O   . LYS A 1 16  ? -9.474  -11.242 -0.001  1.00 10.02 ? 16  LYS A O   1 
ATOM   111  C CB  . LYS A 1 16  ? -11.112 -13.424 -1.970  1.00 15.02 ? 16  LYS A CB  1 
ATOM   112  C CG  . LYS A 1 16  ? -12.281 -13.015 -1.089  1.00 18.93 ? 16  LYS A CG  1 
ATOM   113  C CD  . LYS A 1 16  ? -12.258 -13.735 0.251   1.00 19.92 ? 16  LYS A CD  1 
ATOM   114  C CE  . LYS A 1 16  ? -13.505 -13.408 1.062   1.00 20.34 ? 16  LYS A CE  1 
ATOM   115  N NZ  . LYS A 1 16  ? -13.520 -14.104 2.375   1.00 21.17 ? 16  LYS A NZ  1 
ATOM   116  N N   . LYS A 1 17  ? -8.497  -13.248 -0.299  1.00 10.53 ? 17  LYS A N   1 
ATOM   117  C CA  . LYS A 1 17  ? -7.810  -13.207 0.983   1.00 12.73 ? 17  LYS A CA  1 
ATOM   118  C C   . LYS A 1 17  ? -6.754  -12.102 1.022   1.00 10.90 ? 17  LYS A C   1 
ATOM   119  O O   . LYS A 1 17  ? -6.596  -11.431 2.040   1.00 9.75  ? 17  LYS A O   1 
ATOM   120  C CB  . LYS A 1 17  ? -7.181  -14.573 1.285   1.00 14.86 ? 17  LYS A CB  1 
ATOM   121  C CG  . LYS A 1 17  ? -8.210  -15.692 1.447   1.00 18.85 ? 17  LYS A CG  1 
ATOM   122  C CD  . LYS A 1 17  ? -7.558  -17.061 1.572   1.00 22.84 ? 17  LYS A CD  1 
ATOM   123  C CE  . LYS A 1 17  ? -6.850  -17.244 2.906   1.00 27.02 ? 17  LYS A CE  1 
ATOM   124  N NZ  . LYS A 1 17  ? -7.811  -17.359 4.038   1.00 30.29 ? 17  LYS A NZ  1 
ATOM   125  N N   . LYS A 1 18  ? -6.034  -11.901 -0.079  1.00 10.70 ? 18  LYS A N   1 
ATOM   126  C CA  . LYS A 1 18  ? -5.017  -10.854 -0.115  1.00 10.22 ? 18  LYS A CA  1 
ATOM   127  C C   . LYS A 1 18  ? -5.663  -9.476  0.047   1.00 12.15 ? 18  LYS A C   1 
ATOM   128  O O   . LYS A 1 18  ? -5.124  -8.605  0.733   1.00 11.94 ? 18  LYS A O   1 
ATOM   129  C CB  . LYS A 1 18  ? -4.221  -10.911 -1.425  1.00 10.42 ? 18  LYS A CB  1 
ATOM   130  C CG  . LYS A 1 18  ? -3.216  -12.063 -1.492  1.00 12.26 ? 18  LYS A CG  1 
ATOM   131  C CD  . LYS A 1 18  ? -2.479  -12.100 -2.825  1.00 14.26 ? 18  LYS A CD  1 
ATOM   132  C CE  . LYS A 1 18  ? -1.483  -13.258 -2.869  1.00 15.91 ? 18  LYS A CE  1 
ATOM   133  N NZ  . LYS A 1 18  ? -0.784  -13.354 -4.188  1.00 19.00 ? 18  LYS A NZ  1 
ATOM   134  N N   . GLN A 1 19  ? -6.826  -9.288  -0.574  1.00 11.45 ? 19  GLN A N   1 
ATOM   135  C CA  . GLN A 1 19  ? -7.537  -8.015  -0.483  1.00 12.90 ? 19  GLN A CA  1 
ATOM   136  C C   . GLN A 1 19  ? -7.996  -7.765  0.953   1.00 14.21 ? 19  GLN A C   1 
ATOM   137  O O   . GLN A 1 19  ? -7.816  -6.673  1.492   1.00 12.50 ? 19  GLN A O   1 
ATOM   138  C CB  . GLN A 1 19  ? -8.739  -8.018  -1.431  1.00 13.83 ? 19  GLN A CB  1 
ATOM   139  C CG  . GLN A 1 19  ? -8.339  -8.334  -2.860  1.00 14.52 ? 19  GLN A CG  1 
ATOM   140  C CD  . GLN A 1 19  ? -9.508  -8.432  -3.813  1.00 12.97 ? 19  GLN A CD  1 
ATOM   141  O OE1 . GLN A 1 19  ? -10.591 -8.900  -3.450  1.00 15.66 ? 19  GLN A OE1 1 
ATOM   142  N NE2 . GLN A 1 19  ? -9.287  -8.015  -5.053  1.00 9.63  ? 19  GLN A NE2 1 
ATOM   143  N N   . GLN A 1 20  ? -8.582  -8.781  1.573   1.00 13.45 ? 20  GLN A N   1 
ATOM   144  C CA  . GLN A 1 20  ? -9.047  -8.636  2.947   1.00 15.84 ? 20  GLN A CA  1 
ATOM   145  C C   . GLN A 1 20  ? -7.881  -8.352  3.886   1.00 15.52 ? 20  GLN A C   1 
ATOM   146  O O   . GLN A 1 20  ? -8.025  -7.619  4.866   1.00 14.50 ? 20  GLN A O   1 
ATOM   147  C CB  . GLN A 1 20  ? -9.802  -9.896  3.384   1.00 17.98 ? 20  GLN A CB  1 
ATOM   148  C CG  . GLN A 1 20  ? -11.099 -10.099 2.617   1.00 24.33 ? 20  GLN A CG  1 
ATOM   149  C CD  . GLN A 1 20  ? -11.944 -8.831  2.564   1.00 28.51 ? 20  GLN A CD  1 
ATOM   150  O OE1 . GLN A 1 20  ? -12.288 -8.255  3.599   1.00 31.45 ? 20  GLN A OE1 1 
ATOM   151  N NE2 . GLN A 1 20  ? -12.278 -8.390  1.354   1.00 31.09 ? 20  GLN A NE2 1 
ATOM   152  N N   . ASP A 1 21  ? -6.722  -8.923  3.573   1.00 14.66 ? 21  ASP A N   1 
ATOM   153  C CA  . ASP A 1 21  ? -5.528  -8.715  4.380   1.00 14.32 ? 21  ASP A CA  1 
ATOM   154  C C   . ASP A 1 21  ? -5.184  -7.223  4.396   1.00 13.93 ? 21  ASP A C   1 
ATOM   155  O O   . ASP A 1 21  ? -5.002  -6.629  5.458   1.00 13.12 ? 21  ASP A O   1 
ATOM   156  C CB  . ASP A 1 21  ? -4.351  -9.513  3.805   1.00 15.87 ? 21  ASP A CB  1 
ATOM   157  C CG  . ASP A 1 21  ? -3.115  -9.460  4.692   1.00 18.39 ? 21  ASP A CG  1 
ATOM   158  O OD1 . ASP A 1 21  ? -2.027  -9.858  4.231   1.00 16.76 ? 21  ASP A OD1 1 
ATOM   159  O OD2 . ASP A 1 21  ? -3.233  -9.028  5.857   1.00 21.38 ? 21  ASP A OD2 1 
ATOM   160  N N   . VAL A 1 22  ? -5.105  -6.618  3.214   1.00 11.13 ? 22  VAL A N   1 
ATOM   161  C CA  . VAL A 1 22  ? -4.780  -5.198  3.110   1.00 12.14 ? 22  VAL A CA  1 
ATOM   162  C C   . VAL A 1 22  ? -5.842  -4.318  3.771   1.00 10.91 ? 22  VAL A C   1 
ATOM   163  O O   . VAL A 1 22  ? -5.522  -3.462  4.596   1.00 8.89  ? 22  VAL A O   1 
ATOM   164  C CB  . VAL A 1 22  ? -4.611  -4.767  1.627   1.00 10.73 ? 22  VAL A CB  1 
ATOM   165  C CG1 . VAL A 1 22  ? -4.367  -3.261  1.533   1.00 8.95  ? 22  VAL A CG1 1 
ATOM   166  C CG2 . VAL A 1 22  ? -3.449  -5.521  1.002   1.00 10.74 ? 22  VAL A CG2 1 
ATOM   167  N N   . LEU A 1 23  ? -7.105  -4.535  3.416   1.00 10.61 ? 23  LEU A N   1 
ATOM   168  C CA  . LEU A 1 23  ? -8.193  -3.740  3.978   1.00 11.84 ? 23  LEU A CA  1 
ATOM   169  C C   . LEU A 1 23  ? -8.222  -3.834  5.503   1.00 12.03 ? 23  LEU A C   1 
ATOM   170  O O   . LEU A 1 23  ? -8.413  -2.829  6.192   1.00 10.21 ? 23  LEU A O   1 
ATOM   171  C CB  . LEU A 1 23  ? -9.535  -4.199  3.401   1.00 12.07 ? 23  LEU A CB  1 
ATOM   172  C CG  . LEU A 1 23  ? -9.696  -4.077  1.882   1.00 10.13 ? 23  LEU A CG  1 
ATOM   173  C CD1 . LEU A 1 23  ? -10.997 -4.740  1.461   1.00 12.34 ? 23  LEU A CD1 1 
ATOM   174  C CD2 . LEU A 1 23  ? -9.674  -2.614  1.465   1.00 10.22 ? 23  LEU A CD2 1 
ATOM   175  N N   . GLY A 1 24  ? -8.025  -5.041  6.023   1.00 12.01 ? 24  GLY A N   1 
ATOM   176  C CA  . GLY A 1 24  ? -8.031  -5.239  7.461   1.00 11.96 ? 24  GLY A CA  1 
ATOM   177  C C   . GLY A 1 24  ? -6.900  -4.503  8.155   1.00 13.44 ? 24  GLY A C   1 
ATOM   178  O O   . GLY A 1 24  ? -7.087  -3.942  9.234   1.00 13.23 ? 24  GLY A O   1 
ATOM   179  N N   . PHE A 1 25  ? -5.722  -4.507  7.539   1.00 11.79 ? 25  PHE A N   1 
ATOM   180  C CA  . PHE A 1 25  ? -4.563  -3.833  8.110   1.00 13.84 ? 25  PHE A CA  1 
ATOM   181  C C   . PHE A 1 25  ? -4.791  -2.330  8.237   1.00 13.26 ? 25  PHE A C   1 
ATOM   182  O O   . PHE A 1 25  ? -4.484  -1.727  9.268   1.00 14.68 ? 25  PHE A O   1 
ATOM   183  C CB  . PHE A 1 25  ? -3.327  -4.068  7.245   1.00 13.52 ? 25  PHE A CB  1 
ATOM   184  C CG  . PHE A 1 25  ? -2.101  -3.358  7.746   1.00 15.82 ? 25  PHE A CG  1 
ATOM   185  C CD1 . PHE A 1 25  ? -1.343  -3.897  8.779   1.00 16.96 ? 25  PHE A CD1 1 
ATOM   186  C CD2 . PHE A 1 25  ? -1.728  -2.132  7.213   1.00 15.58 ? 25  PHE A CD2 1 
ATOM   187  C CE1 . PHE A 1 25  ? -0.228  -3.221  9.275   1.00 17.82 ? 25  PHE A CE1 1 
ATOM   188  C CE2 . PHE A 1 25  ? -0.617  -1.447  7.702   1.00 15.82 ? 25  PHE A CE2 1 
ATOM   189  C CZ  . PHE A 1 25  ? 0.134   -1.993  8.734   1.00 16.43 ? 25  PHE A CZ  1 
ATOM   190  N N   . LEU A 1 26  ? -5.316  -1.727  7.178   1.00 11.70 ? 26  LEU A N   1 
ATOM   191  C CA  . LEU A 1 26  ? -5.578  -0.294  7.167   1.00 13.91 ? 26  LEU A CA  1 
ATOM   192  C C   . LEU A 1 26  ? -6.570  0.067   8.261   1.00 14.37 ? 26  LEU A C   1 
ATOM   193  O O   . LEU A 1 26  ? -6.380  1.039   8.993   1.00 17.30 ? 26  LEU A O   1 
ATOM   194  C CB  . LEU A 1 26  ? -6.116  0.118   5.794   1.00 12.48 ? 26  LEU A CB  1 
ATOM   195  C CG  . LEU A 1 26  ? -5.120  -0.165  4.664   1.00 11.84 ? 26  LEU A CG  1 
ATOM   196  C CD1 . LEU A 1 26  ? -5.775  0.076   3.314   1.00 9.04  ? 26  LEU A CD1 1 
ATOM   197  C CD2 . LEU A 1 26  ? -3.884  0.722   4.839   1.00 9.59  ? 26  LEU A CD2 1 
ATOM   198  N N   . GLU A 1 27  ? -7.625  -0.730  8.370   1.00 16.33 ? 27  GLU A N   1 
ATOM   199  C CA  . GLU A 1 27  ? -8.651  -0.515  9.382   1.00 18.93 ? 27  GLU A CA  1 
ATOM   200  C C   . GLU A 1 27  ? -8.036  -0.600  10.774  1.00 18.18 ? 27  GLU A C   1 
ATOM   201  O O   . GLU A 1 27  ? -8.233  0.286   11.607  1.00 16.40 ? 27  GLU A O   1 
ATOM   202  C CB  . GLU A 1 27  ? -9.753  -1.567  9.232   1.00 21.25 ? 27  GLU A CB  1 
ATOM   203  C CG  . GLU A 1 27  ? -10.782 -1.574  10.348  1.00 28.20 ? 27  GLU A CG  1 
ATOM   204  C CD  . GLU A 1 27  ? -11.357 -0.201  10.617  1.00 33.01 ? 27  GLU A CD  1 
ATOM   205  O OE1 . GLU A 1 27  ? -11.732 0.486   9.644   1.00 36.31 ? 27  GLU A OE1 1 
ATOM   206  O OE2 . GLU A 1 27  ? -11.438 0.190   11.804  1.00 36.28 ? 27  GLU A OE2 1 
ATOM   207  N N   . ALA A 1 28  ? -7.279  -1.665  11.013  1.00 17.20 ? 28  ALA A N   1 
ATOM   208  C CA  . ALA A 1 28  ? -6.638  -1.885  12.303  1.00 17.07 ? 28  ALA A CA  1 
ATOM   209  C C   . ALA A 1 28  ? -5.723  -0.743  12.725  1.00 17.32 ? 28  ALA A C   1 
ATOM   210  O O   . ALA A 1 28  ? -5.705  -0.356  13.896  1.00 18.79 ? 28  ALA A O   1 
ATOM   211  C CB  . ALA A 1 28  ? -5.849  -3.191  12.273  1.00 16.44 ? 28  ALA A CB  1 
ATOM   212  N N   . ASN A 1 29  ? -4.965  -0.203  11.776  1.00 14.45 ? 29  ASN A N   1 
ATOM   213  C CA  . ASN A 1 29  ? -4.037  0.879   12.076  1.00 15.48 ? 29  ASN A CA  1 
ATOM   214  C C   . ASN A 1 29  ? -4.644  2.263   11.921  1.00 14.89 ? 29  ASN A C   1 
ATOM   215  O O   . ASN A 1 29  ? -3.936  3.268   11.972  1.00 13.81 ? 29  ASN A O   1 
ATOM   216  C CB  . ASN A 1 29  ? -2.791  0.745   11.203  1.00 16.81 ? 29  ASN A CB  1 
ATOM   217  C CG  . ASN A 1 29  ? -1.908  -0.414  11.632  1.00 20.11 ? 29  ASN A CG  1 
ATOM   218  O OD1 . ASN A 1 29  ? -1.041  -0.263  12.493  1.00 19.97 ? 29  ASN A OD1 1 
ATOM   219  N ND2 . ASN A 1 29  ? -2.140  -1.583  11.046  1.00 21.06 ? 29  ASN A ND2 1 
ATOM   220  N N   . LYS A 1 30  ? -5.961  2.302   11.743  1.00 14.14 ? 30  LYS A N   1 
ATOM   221  C CA  . LYS A 1 30  ? -6.696  3.549   11.584  1.00 16.79 ? 30  LYS A CA  1 
ATOM   222  C C   . LYS A 1 30  ? -6.101  4.438   10.501  1.00 16.51 ? 30  LYS A C   1 
ATOM   223  O O   . LYS A 1 30  ? -5.942  5.644   10.678  1.00 17.54 ? 30  LYS A O   1 
ATOM   224  C CB  . LYS A 1 30  ? -6.752  4.302   12.915  1.00 18.24 ? 30  LYS A CB  1 
ATOM   225  C CG  . LYS A 1 30  ? -7.376  3.490   14.034  1.00 21.46 ? 30  LYS A CG  1 
ATOM   226  C CD  . LYS A 1 30  ? -7.444  4.279   15.332  1.00 28.39 ? 30  LYS A CD  1 
ATOM   227  C CE  . LYS A 1 30  ? -7.768  3.370   16.508  1.00 31.42 ? 30  LYS A CE  1 
ATOM   228  N NZ  . LYS A 1 30  ? -9.027  2.598   16.298  1.00 35.18 ? 30  LYS A NZ  1 
ATOM   229  N N   . ILE A 1 31  ? -5.760  3.825   9.377   1.00 15.47 ? 31  ILE A N   1 
ATOM   230  C CA  . ILE A 1 31  ? -5.221  4.565   8.253   1.00 13.38 ? 31  ILE A CA  1 
ATOM   231  C C   . ILE A 1 31  ? -6.423  4.860   7.365   1.00 13.13 ? 31  ILE A C   1 
ATOM   232  O O   . ILE A 1 31  ? -7.166  3.945   7.007   1.00 11.21 ? 31  ILE A O   1 
ATOM   233  C CB  . ILE A 1 31  ? -4.187  3.717   7.482   1.00 13.06 ? 31  ILE A CB  1 
ATOM   234  C CG1 . ILE A 1 31  ? -2.992  3.424   8.390   1.00 15.44 ? 31  ILE A CG1 1 
ATOM   235  C CG2 . ILE A 1 31  ? -3.743  4.451   6.225   1.00 12.71 ? 31  ILE A CG2 1 
ATOM   236  C CD1 . ILE A 1 31  ? -1.968  2.468   7.800   1.00 11.22 ? 31  ILE A CD1 1 
ATOM   237  N N   . GLY A 1 32  ? -6.633  6.133   7.038   1.00 12.27 ? 32  GLY A N   1 
ATOM   238  C CA  . GLY A 1 32  ? -7.761  6.500   6.197   1.00 12.24 ? 32  GLY A CA  1 
ATOM   239  C C   . GLY A 1 32  ? -7.676  5.798   4.853   1.00 12.95 ? 32  GLY A C   1 
ATOM   240  O O   . GLY A 1 32  ? -6.675  5.929   4.148   1.00 12.76 ? 32  GLY A O   1 
ATOM   241  N N   . PHE A 1 33  ? -8.723  5.061   4.489   1.00 11.80 ? 33  PHE A N   1 
ATOM   242  C CA  . PHE A 1 33  ? -8.717  4.340   3.225   1.00 12.95 ? 33  PHE A CA  1 
ATOM   243  C C   . PHE A 1 33  ? -10.110 4.146   2.646   1.00 13.65 ? 33  PHE A C   1 
ATOM   244  O O   . PHE A 1 33  ? -11.123 4.359   3.315   1.00 13.63 ? 33  PHE A O   1 
ATOM   245  C CB  . PHE A 1 33  ? -8.089  2.961   3.426   1.00 14.02 ? 33  PHE A CB  1 
ATOM   246  C CG  . PHE A 1 33  ? -9.013  1.974   4.083   1.00 15.05 ? 33  PHE A CG  1 
ATOM   247  C CD1 . PHE A 1 33  ? -9.798  1.119   3.315   1.00 17.16 ? 33  PHE A CD1 1 
ATOM   248  C CD2 . PHE A 1 33  ? -9.144  1.942   5.468   1.00 14.61 ? 33  PHE A CD2 1 
ATOM   249  C CE1 . PHE A 1 33  ? -10.706 0.247   3.916   1.00 18.44 ? 33  PHE A CE1 1 
ATOM   250  C CE2 . PHE A 1 33  ? -10.049 1.075   6.081   1.00 16.08 ? 33  PHE A CE2 1 
ATOM   251  C CZ  . PHE A 1 33  ? -10.832 0.227   5.304   1.00 17.99 ? 33  PHE A CZ  1 
ATOM   252  N N   . GLU A 1 34  ? -10.144 3.725   1.390   1.00 14.37 ? 34  GLU A N   1 
ATOM   253  C CA  . GLU A 1 34  ? -11.392 3.443   0.702   1.00 15.87 ? 34  GLU A CA  1 
ATOM   254  C C   . GLU A 1 34  ? -11.120 2.370   -0.334  1.00 16.03 ? 34  GLU A C   1 
ATOM   255  O O   . GLU A 1 34  ? -10.062 2.353   -0.966  1.00 14.51 ? 34  GLU A O   1 
ATOM   256  C CB  . GLU A 1 34  ? -11.952 4.694   0.022   1.00 18.41 ? 34  GLU A CB  1 
ATOM   257  C CG  . GLU A 1 34  ? -10.993 5.408   -0.905  1.00 22.84 ? 34  GLU A CG  1 
ATOM   258  C CD  . GLU A 1 34  ? -11.658 6.555   -1.647  1.00 25.11 ? 34  GLU A CD  1 
ATOM   259  O OE1 . GLU A 1 34  ? -12.567 7.188   -1.068  1.00 24.17 ? 34  GLU A OE1 1 
ATOM   260  O OE2 . GLU A 1 34  ? -11.265 6.833   -2.799  1.00 25.35 ? 34  GLU A OE2 1 
ATOM   261  N N   . GLU A 1 35  ? -12.061 1.453   -0.490  1.00 13.74 ? 35  GLU A N   1 
ATOM   262  C CA  . GLU A 1 35  ? -11.889 0.407   -1.474  1.00 13.16 ? 35  GLU A CA  1 
ATOM   263  C C   . GLU A 1 35  ? -12.506 0.879   -2.775  1.00 11.56 ? 35  GLU A C   1 
ATOM   264  O O   . GLU A 1 35  ? -13.482 1.627   -2.773  1.00 13.35 ? 35  GLU A O   1 
ATOM   265  C CB  . GLU A 1 35  ? -12.575 -0.884  -1.024  1.00 14.34 ? 35  GLU A CB  1 
ATOM   266  C CG  . GLU A 1 35  ? -14.089 -0.848  -1.075  1.00 16.71 ? 35  GLU A CG  1 
ATOM   267  C CD  . GLU A 1 35  ? -14.699 -2.230  -0.930  1.00 18.24 ? 35  GLU A CD  1 
ATOM   268  O OE1 . GLU A 1 35  ? -14.413 -2.901  0.083   1.00 17.53 ? 35  GLU A OE1 1 
ATOM   269  O OE2 . GLU A 1 35  ? -15.465 -2.643  -1.830  1.00 20.19 ? 35  GLU A OE2 1 
ATOM   270  N N   . LYS A 1 36  ? -11.912 0.459   -3.883  1.00 11.02 ? 36  LYS A N   1 
ATOM   271  C CA  . LYS A 1 36  ? -12.410 0.798   -5.209  1.00 10.08 ? 36  LYS A CA  1 
ATOM   272  C C   . LYS A 1 36  ? -12.544 -0.564  -5.875  1.00 8.63  ? 36  LYS A C   1 
ATOM   273  O O   . LYS A 1 36  ? -11.541 -1.188  -6.228  1.00 9.86  ? 36  LYS A O   1 
ATOM   274  C CB  . LYS A 1 36  ? -11.400 1.668   -5.959  1.00 9.72  ? 36  LYS A CB  1 
ATOM   275  C CG  . LYS A 1 36  ? -10.979 2.935   -5.204  1.00 11.86 ? 36  LYS A CG  1 
ATOM   276  C CD  . LYS A 1 36  ? -12.124 3.920   -5.034  1.00 12.69 ? 36  LYS A CD  1 
ATOM   277  C CE  . LYS A 1 36  ? -12.621 4.424   -6.378  1.00 12.78 ? 36  LYS A CE  1 
ATOM   278  N NZ  . LYS A 1 36  ? -13.649 5.490   -6.213  1.00 17.16 ? 36  LYS A NZ  1 
ATOM   279  N N   . ASP A 1 37  ? -13.781 -1.031  -6.013  1.00 8.76  ? 37  ASP A N   1 
ATOM   280  C CA  . ASP A 1 37  ? -14.057 -2.343  -6.598  1.00 9.23  ? 37  ASP A CA  1 
ATOM   281  C C   . ASP A 1 37  ? -14.055 -2.251  -8.121  1.00 10.33 ? 37  ASP A C   1 
ATOM   282  O O   . ASP A 1 37  ? -14.766 -1.433  -8.702  1.00 10.26 ? 37  ASP A O   1 
ATOM   283  C CB  . ASP A 1 37  ? -15.418 -2.854  -6.098  1.00 8.65  ? 37  ASP A CB  1 
ATOM   284  C CG  . ASP A 1 37  ? -15.591 -4.363  -6.263  1.00 8.81  ? 37  ASP A CG  1 
ATOM   285  O OD1 . ASP A 1 37  ? -14.784 -4.999  -6.973  1.00 5.62  ? 37  ASP A OD1 1 
ATOM   286  O OD2 . ASP A 1 37  ? -16.553 -4.914  -5.683  1.00 10.39 ? 37  ASP A OD2 1 
ATOM   287  N N   . ILE A 1 38  ? -13.247 -3.094  -8.757  1.00 10.15 ? 38  ILE A N   1 
ATOM   288  C CA  . ILE A 1 38  ? -13.136 -3.111  -10.212 1.00 10.00 ? 38  ILE A CA  1 
ATOM   289  C C   . ILE A 1 38  ? -13.963 -4.239  -10.810 1.00 9.19  ? 38  ILE A C   1 
ATOM   290  O O   . ILE A 1 38  ? -14.132 -4.316  -12.026 1.00 10.76 ? 38  ILE A O   1 
ATOM   291  C CB  . ILE A 1 38  ? -11.672 -3.328  -10.662 1.00 7.14  ? 38  ILE A CB  1 
ATOM   292  C CG1 . ILE A 1 38  ? -11.249 -4.772  -10.370 1.00 9.20  ? 38  ILE A CG1 1 
ATOM   293  C CG2 . ILE A 1 38  ? -10.752 -2.355  -9.931  1.00 7.20  ? 38  ILE A CG2 1 
ATOM   294  C CD1 . ILE A 1 38  ? -9.838  -5.123  -10.847 1.00 10.35 ? 38  ILE A CD1 1 
ATOM   295  N N   . ALA A 1 39  ? -14.476 -5.112  -9.950  1.00 10.68 ? 39  ALA A N   1 
ATOM   296  C CA  . ALA A 1 39  ? -15.252 -6.265  -10.396 1.00 11.47 ? 39  ALA A CA  1 
ATOM   297  C C   . ALA A 1 39  ? -16.469 -5.912  -11.246 1.00 11.81 ? 39  ALA A C   1 
ATOM   298  O O   . ALA A 1 39  ? -16.723 -6.556  -12.266 1.00 11.70 ? 39  ALA A O   1 
ATOM   299  C CB  . ALA A 1 39  ? -15.681 -7.093  -9.191  1.00 10.60 ? 39  ALA A CB  1 
ATOM   300  N N   . ALA A 1 40  ? -17.213 -4.892  -10.828 1.00 12.40 ? 40  ALA A N   1 
ATOM   301  C CA  . ALA A 1 40  ? -18.413 -4.479  -11.545 1.00 12.12 ? 40  ALA A CA  1 
ATOM   302  C C   . ALA A 1 40  ? -18.480 -2.975  -11.801 1.00 12.77 ? 40  ALA A C   1 
ATOM   303  O O   . ALA A 1 40  ? -19.564 -2.384  -11.807 1.00 9.03  ? 40  ALA A O   1 
ATOM   304  C CB  . ALA A 1 40  ? -19.656 -4.934  -10.781 1.00 12.13 ? 40  ALA A CB  1 
ATOM   305  N N   . ASN A 1 41  ? -17.321 -2.362  -12.012 1.00 11.32 ? 41  ASN A N   1 
ATOM   306  C CA  . ASN A 1 41  ? -17.245 -0.932  -12.286 1.00 13.85 ? 41  ASN A CA  1 
ATOM   307  C C   . ASN A 1 41  ? -16.147 -0.716  -13.322 1.00 15.28 ? 41  ASN A C   1 
ATOM   308  O O   . ASN A 1 41  ? -14.961 -0.856  -13.022 1.00 13.35 ? 41  ASN A O   1 
ATOM   309  C CB  . ASN A 1 41  ? -16.924 -0.156  -11.006 1.00 15.51 ? 41  ASN A CB  1 
ATOM   310  C CG  . ASN A 1 41  ? -17.021 1.348   -11.195 1.00 18.83 ? 41  ASN A CG  1 
ATOM   311  O OD1 . ASN A 1 41  ? -16.270 1.939   -11.975 1.00 15.40 ? 41  ASN A OD1 1 
ATOM   312  N ND2 . ASN A 1 41  ? -17.954 1.976   -10.481 1.00 19.10 ? 41  ASN A ND2 1 
ATOM   313  N N   . GLU A 1 42  ? -16.547 -0.376  -14.542 1.00 16.04 ? 42  GLU A N   1 
ATOM   314  C CA  . GLU A 1 42  ? -15.583 -0.173  -15.613 1.00 17.29 ? 42  GLU A CA  1 
ATOM   315  C C   . GLU A 1 42  ? -14.595 0.957   -15.351 1.00 15.64 ? 42  GLU A C   1 
ATOM   316  O O   . GLU A 1 42  ? -13.412 0.828   -15.666 1.00 14.72 ? 42  GLU A O   1 
ATOM   317  C CB  . GLU A 1 42  ? -16.304 0.066   -16.936 1.00 19.88 ? 42  GLU A CB  1 
ATOM   318  C CG  . GLU A 1 42  ? -15.361 0.128   -18.118 1.00 25.48 ? 42  GLU A CG  1 
ATOM   319  C CD  . GLU A 1 42  ? -16.085 0.115   -19.441 1.00 28.32 ? 42  GLU A CD  1 
ATOM   320  O OE1 . GLU A 1 42  ? -15.410 0.269   -20.481 1.00 31.26 ? 42  GLU A OE1 1 
ATOM   321  O OE2 . GLU A 1 42  ? -17.322 -0.056  -19.441 1.00 30.70 ? 42  GLU A OE2 1 
ATOM   322  N N   . GLU A 1 43  ? -15.067 2.064   -14.779 1.00 14.35 ? 43  GLU A N   1 
ATOM   323  C CA  . GLU A 1 43  ? -14.172 3.180   -14.491 1.00 14.44 ? 43  GLU A CA  1 
ATOM   324  C C   . GLU A 1 43  ? -13.073 2.732   -13.527 1.00 12.98 ? 43  GLU A C   1 
ATOM   325  O O   . GLU A 1 43  ? -11.887 2.940   -13.785 1.00 13.64 ? 43  GLU A O   1 
ATOM   326  C CB  . GLU A 1 43  ? -14.943 4.365   -13.892 1.00 16.24 ? 43  GLU A CB  1 
ATOM   327  C CG  . GLU A 1 43  ? -14.047 5.546   -13.522 1.00 18.15 ? 43  GLU A CG  1 
ATOM   328  C CD  . GLU A 1 43  ? -14.824 6.770   -13.058 1.00 21.07 ? 43  GLU A CD  1 
ATOM   329  O OE1 . GLU A 1 43  ? -14.178 7.775   -12.700 1.00 22.24 ? 43  GLU A OE1 1 
ATOM   330  O OE2 . GLU A 1 43  ? -16.073 6.732   -13.052 1.00 21.80 ? 43  GLU A OE2 1 
ATOM   331  N N   . ASN A 1 44  ? -13.469 2.119   -12.416 1.00 11.39 ? 44  ASN A N   1 
ATOM   332  C CA  . ASN A 1 44  ? -12.499 1.636   -11.434 1.00 10.84 ? 44  ASN A CA  1 
ATOM   333  C C   . ASN A 1 44  ? -11.529 0.643   -12.071 1.00 11.24 ? 44  ASN A C   1 
ATOM   334  O O   . ASN A 1 44  ? -10.321 0.725   -11.860 1.00 10.53 ? 44  ASN A O   1 
ATOM   335  C CB  . ASN A 1 44  ? -13.208 0.942   -10.266 1.00 9.70  ? 44  ASN A CB  1 
ATOM   336  C CG  . ASN A 1 44  ? -13.913 1.913   -9.343  1.00 10.35 ? 44  ASN A CG  1 
ATOM   337  O OD1 . ASN A 1 44  ? -14.720 1.507   -8.504  1.00 11.22 ? 44  ASN A OD1 1 
ATOM   338  N ND2 . ASN A 1 44  ? -13.607 3.198   -9.481  1.00 7.77  ? 44  ASN A ND2 1 
ATOM   339  N N   . ARG A 1 45  ? -12.065 -0.294  -12.851 1.00 10.36 ? 45  ARG A N   1 
ATOM   340  C CA  . ARG A 1 45  ? -11.237 -1.309  -13.494 1.00 11.86 ? 45  ARG A CA  1 
ATOM   341  C C   . ARG A 1 45  ? -10.232 -0.710  -14.478 1.00 12.04 ? 45  ARG A C   1 
ATOM   342  O O   . ARG A 1 45  ? -9.039  -1.013  -14.405 1.00 9.03  ? 45  ARG A O   1 
ATOM   343  C CB  . ARG A 1 45  ? -12.113 -2.349  -14.205 1.00 10.86 ? 45  ARG A CB  1 
ATOM   344  C CG  . ARG A 1 45  ? -11.329 -3.560  -14.705 1.00 12.34 ? 45  ARG A CG  1 
ATOM   345  C CD  . ARG A 1 45  ? -12.240 -4.740  -15.038 1.00 14.53 ? 45  ARG A CD  1 
ATOM   346  N NE  . ARG A 1 45  ? -13.237 -4.408  -16.047 1.00 16.38 ? 45  ARG A NE  1 
ATOM   347  C CZ  . ARG A 1 45  ? -14.546 -4.347  -15.820 1.00 19.33 ? 45  ARG A CZ  1 
ATOM   348  N NH1 . ARG A 1 45  ? -15.027 -4.601  -14.609 1.00 17.95 ? 45  ARG A NH1 1 
ATOM   349  N NH2 . ARG A 1 45  ? -15.375 -4.033  -16.805 1.00 16.39 ? 45  ARG A NH2 1 
ATOM   350  N N   . LYS A 1 46  ? -10.709 0.140   -15.386 1.00 10.42 ? 46  LYS A N   1 
ATOM   351  C CA  . LYS A 1 46  ? -9.823  0.773   -16.361 1.00 10.82 ? 46  LYS A CA  1 
ATOM   352  C C   . LYS A 1 46  ? -8.796  1.659   -15.656 1.00 10.03 ? 46  LYS A C   1 
ATOM   353  O O   . LYS A 1 46  ? -7.603  1.610   -15.965 1.00 9.51  ? 46  LYS A O   1 
ATOM   354  C CB  . LYS A 1 46  ? -10.622 1.626   -17.355 1.00 12.89 ? 46  LYS A CB  1 
ATOM   355  C CG  . LYS A 1 46  ? -11.508 0.855   -18.337 1.00 17.45 ? 46  LYS A CG  1 
ATOM   356  C CD  . LYS A 1 46  ? -10.685 -0.020  -19.270 1.00 20.70 ? 46  LYS A CD  1 
ATOM   357  C CE  . LYS A 1 46  ? -11.394 -0.247  -20.607 1.00 21.39 ? 46  LYS A CE  1 
ATOM   358  N NZ  . LYS A 1 46  ? -12.730 -0.881  -20.467 1.00 22.20 ? 46  LYS A NZ  1 
ATOM   359  N N   . TRP A 1 47  ? -9.258  2.467   -14.704 1.00 10.77 ? 47  TRP A N   1 
ATOM   360  C CA  . TRP A 1 47  ? -8.355  3.360   -13.982 1.00 8.42  ? 47  TRP A CA  1 
ATOM   361  C C   . TRP A 1 47  ? -7.206  2.590   -13.344 1.00 8.18  ? 47  TRP A C   1 
ATOM   362  O O   . TRP A 1 47  ? -6.040  2.963   -13.493 1.00 7.76  ? 47  TRP A O   1 
ATOM   363  C CB  . TRP A 1 47  ? -9.096  4.131   -12.887 1.00 10.08 ? 47  TRP A CB  1 
ATOM   364  C CG  . TRP A 1 47  ? -8.305  5.308   -12.394 1.00 9.64  ? 47  TRP A CG  1 
ATOM   365  C CD1 . TRP A 1 47  ? -8.327  6.576   -12.901 1.00 7.70  ? 47  TRP A CD1 1 
ATOM   366  C CD2 . TRP A 1 47  ? -7.306  5.304   -11.370 1.00 8.95  ? 47  TRP A CD2 1 
ATOM   367  N NE1 . TRP A 1 47  ? -7.401  7.362   -12.257 1.00 9.85  ? 47  TRP A NE1 1 
ATOM   368  C CE2 . TRP A 1 47  ? -6.760  6.605   -11.312 1.00 9.03  ? 47  TRP A CE2 1 
ATOM   369  C CE3 . TRP A 1 47  ? -6.814  4.323   -10.495 1.00 9.44  ? 47  TRP A CE3 1 
ATOM   370  C CZ2 . TRP A 1 47  ? -5.742  6.954   -10.415 1.00 10.48 ? 47  TRP A CZ2 1 
ATOM   371  C CZ3 . TRP A 1 47  ? -5.799  4.671   -9.602  1.00 9.58  ? 47  TRP A CZ3 1 
ATOM   372  C CH2 . TRP A 1 47  ? -5.277  5.976   -9.572  1.00 8.64  ? 47  TRP A CH2 1 
ATOM   373  N N   . MET A 1 48  ? -7.531  1.517   -12.629 1.00 6.72  ? 48  MET A N   1 
ATOM   374  C CA  . MET A 1 48  ? -6.496  0.724   -11.979 1.00 6.93  ? 48  MET A CA  1 
ATOM   375  C C   . MET A 1 48  ? -5.481  0.201   -12.989 1.00 7.69  ? 48  MET A C   1 
ATOM   376  O O   . MET A 1 48  ? -4.274  0.408   -12.846 1.00 7.57  ? 48  MET A O   1 
ATOM   377  C CB  . MET A 1 48  ? -7.105  -0.464  -11.225 1.00 7.04  ? 48  MET A CB  1 
ATOM   378  C CG  . MET A 1 48  ? -6.062  -1.258  -10.445 1.00 7.82  ? 48  MET A CG  1 
ATOM   379  S SD  . MET A 1 48  ? -6.589  -2.878  -9.883  1.00 9.77  ? 48  MET A SD  1 
ATOM   380  C CE  . MET A 1 48  ? -6.298  -3.859  -11.363 1.00 13.51 ? 48  MET A CE  1 
ATOM   381  N N   . ARG A 1 49  ? -5.978  -0.477  -14.016 1.00 7.69  ? 49  ARG A N   1 
ATOM   382  C CA  . ARG A 1 49  ? -5.112  -1.053  -15.038 1.00 9.16  ? 49  ARG A CA  1 
ATOM   383  C C   . ARG A 1 49  ? -4.182  -0.048  -15.718 1.00 9.24  ? 49  ARG A C   1 
ATOM   384  O O   . ARG A 1 49  ? -3.039  -0.376  -16.030 1.00 9.77  ? 49  ARG A O   1 
ATOM   385  C CB  . ARG A 1 49  ? -5.967  -1.799  -16.068 1.00 8.18  ? 49  ARG A CB  1 
ATOM   386  C CG  . ARG A 1 49  ? -6.623  -3.039  -15.455 1.00 9.82  ? 49  ARG A CG  1 
ATOM   387  C CD  . ARG A 1 49  ? -7.653  -3.721  -16.351 1.00 9.47  ? 49  ARG A CD  1 
ATOM   388  N NE  . ARG A 1 49  ? -8.034  -5.010  -15.780 1.00 10.84 ? 49  ARG A NE  1 
ATOM   389  C CZ  . ARG A 1 49  ? -8.906  -5.854  -16.322 1.00 13.09 ? 49  ARG A CZ  1 
ATOM   390  N NH1 . ARG A 1 49  ? -9.509  -5.552  -17.462 1.00 11.13 ? 49  ARG A NH1 1 
ATOM   391  N NH2 . ARG A 1 49  ? -9.157  -7.018  -15.734 1.00 15.12 ? 49  ARG A NH2 1 
ATOM   392  N N   . GLU A 1 50  ? -4.661  1.172   -15.932 1.00 8.79  ? 50  GLU A N   1 
ATOM   393  C CA  . GLU A 1 50  ? -3.838  2.195   -16.572 1.00 11.34 ? 50  GLU A CA  1 
ATOM   394  C C   . GLU A 1 50  ? -2.881  2.868   -15.598 1.00 11.60 ? 50  GLU A C   1 
ATOM   395  O O   . GLU A 1 50  ? -1.755  3.217   -15.962 1.00 12.56 ? 50  GLU A O   1 
ATOM   396  C CB  . GLU A 1 50  ? -4.724  3.269   -17.214 1.00 11.16 ? 50  GLU A CB  1 
ATOM   397  C CG  . GLU A 1 50  ? -3.941  4.365   -17.933 1.00 12.76 ? 50  GLU A CG  1 
ATOM   398  C CD  . GLU A 1 50  ? -3.198  3.843   -19.149 1.00 14.34 ? 50  GLU A CD  1 
ATOM   399  O OE1 . GLU A 1 50  ? -3.866  3.370   -20.092 1.00 14.69 ? 50  GLU A OE1 1 
ATOM   400  O OE2 . GLU A 1 50  ? -1.949  3.895   -19.162 1.00 15.71 ? 50  GLU A OE2 1 
ATOM   401  N N   . ASN A 1 51  ? -3.318  3.046   -14.357 1.00 10.86 ? 51  ASN A N   1 
ATOM   402  C CA  . ASN A 1 51  ? -2.480  3.719   -13.377 1.00 10.10 ? 51  ASN A CA  1 
ATOM   403  C C   . ASN A 1 51  ? -1.463  2.863   -12.644 1.00 10.75 ? 51  ASN A C   1 
ATOM   404  O O   . ASN A 1 51  ? -0.679  3.368   -11.842 1.00 9.54  ? 51  ASN A O   1 
ATOM   405  C CB  . ASN A 1 51  ? -3.353  4.506   -12.407 1.00 8.99  ? 51  ASN A CB  1 
ATOM   406  C CG  . ASN A 1 51  ? -4.022  5.685   -13.085 1.00 9.94  ? 51  ASN A CG  1 
ATOM   407  O OD1 . ASN A 1 51  ? -5.045  5.538   -13.758 1.00 11.80 ? 51  ASN A OD1 1 
ATOM   408  N ND2 . ASN A 1 51  ? -3.428  6.857   -12.940 1.00 9.09  ? 51  ASN A ND2 1 
ATOM   409  N N   . VAL A 1 52  ? -1.475  1.563   -12.906 1.00 11.68 ? 52  VAL A N   1 
ATOM   410  C CA  . VAL A 1 52  ? -0.460  0.702   -12.323 1.00 10.62 ? 52  VAL A CA  1 
ATOM   411  C C   . VAL A 1 52  ? 0.685   0.897   -13.315 1.00 10.81 ? 52  VAL A C   1 
ATOM   412  O O   . VAL A 1 52  ? 0.520   0.664   -14.513 1.00 8.43  ? 52  VAL A O   1 
ATOM   413  C CB  . VAL A 1 52  ? -0.873  -0.776  -12.314 1.00 11.04 ? 52  VAL A CB  1 
ATOM   414  C CG1 . VAL A 1 52  ? 0.351   -1.651  -12.036 1.00 11.16 ? 52  VAL A CG1 1 
ATOM   415  C CG2 . VAL A 1 52  ? -1.925  -1.007  -11.243 1.00 8.34  ? 52  VAL A CG2 1 
ATOM   416  N N   . PRO A 1 53  ? 1.849   1.357   -12.833 1.00 11.76 ? 53  PRO A N   1 
ATOM   417  C CA  . PRO A 1 53  ? 3.001   1.579   -13.710 1.00 14.62 ? 53  PRO A CA  1 
ATOM   418  C C   . PRO A 1 53  ? 3.447   0.325   -14.450 1.00 14.74 ? 53  PRO A C   1 
ATOM   419  O O   . PRO A 1 53  ? 3.276   -0.795  -13.967 1.00 13.02 ? 53  PRO A O   1 
ATOM   420  C CB  . PRO A 1 53  ? 4.069   2.114   -12.755 1.00 13.77 ? 53  PRO A CB  1 
ATOM   421  C CG  . PRO A 1 53  ? 3.721   1.439   -11.459 1.00 17.44 ? 53  PRO A CG  1 
ATOM   422  C CD  . PRO A 1 53  ? 2.213   1.574   -11.424 1.00 14.34 ? 53  PRO A CD  1 
ATOM   423  N N   . GLU A 1 54  ? 4.023   0.538   -15.626 1.00 16.80 ? 54  GLU A N   1 
ATOM   424  C CA  . GLU A 1 54  ? 4.505   -0.537  -16.483 1.00 18.97 ? 54  GLU A CA  1 
ATOM   425  C C   . GLU A 1 54  ? 5.374   -1.559  -15.744 1.00 18.57 ? 54  GLU A C   1 
ATOM   426  O O   . GLU A 1 54  ? 5.228   -2.767  -15.943 1.00 17.11 ? 54  GLU A O   1 
ATOM   427  C CB  . GLU A 1 54  ? 5.305   0.066   -17.639 1.00 22.64 ? 54  GLU A CB  1 
ATOM   428  C CG  . GLU A 1 54  ? 5.512   -0.867  -18.804 1.00 28.54 ? 54  GLU A CG  1 
ATOM   429  C CD  . GLU A 1 54  ? 4.234   -1.097  -19.578 1.00 31.83 ? 54  GLU A CD  1 
ATOM   430  O OE1 . GLU A 1 54  ? 3.670   -0.106  -20.093 1.00 33.98 ? 54  GLU A OE1 1 
ATOM   431  O OE2 . GLU A 1 54  ? 3.793   -2.263  -19.669 1.00 34.48 ? 54  GLU A OE2 1 
ATOM   432  N N   . ASN A 1 55  ? 6.273   -1.080  -14.889 1.00 17.31 ? 55  ASN A N   1 
ATOM   433  C CA  . ASN A 1 55  ? 7.163   -1.979  -14.164 1.00 17.11 ? 55  ASN A CA  1 
ATOM   434  C C   . ASN A 1 55  ? 6.504   -2.814  -13.069 1.00 16.31 ? 55  ASN A C   1 
ATOM   435  O O   . ASN A 1 55  ? 7.169   -3.607  -12.400 1.00 16.26 ? 55  ASN A O   1 
ATOM   436  C CB  . ASN A 1 55  ? 8.358   -1.201  -13.597 1.00 20.03 ? 55  ASN A CB  1 
ATOM   437  C CG  . ASN A 1 55  ? 7.948   -0.088  -12.652 1.00 21.37 ? 55  ASN A CG  1 
ATOM   438  O OD1 . ASN A 1 55  ? 8.797   0.664   -12.168 1.00 24.94 ? 55  ASN A OD1 1 
ATOM   439  N ND2 . ASN A 1 55  ? 6.649   0.027   -12.385 1.00 19.55 ? 55  ASN A ND2 1 
ATOM   440  N N   . SER A 1 56  ? 5.200   -2.641  -12.884 1.00 15.19 ? 56  SER A N   1 
ATOM   441  C CA  . SER A 1 56  ? 4.470   -3.420  -11.892 1.00 15.19 ? 56  SER A CA  1 
ATOM   442  C C   . SER A 1 56  ? 3.380   -4.237  -12.573 1.00 14.58 ? 56  SER A C   1 
ATOM   443  O O   . SER A 1 56  ? 2.596   -4.918  -11.914 1.00 14.33 ? 56  SER A O   1 
ATOM   444  C CB  . SER A 1 56  ? 3.852   -2.516  -10.819 1.00 15.44 ? 56  SER A CB  1 
ATOM   445  O OG  . SER A 1 56  ? 4.813   -2.176  -9.832  1.00 16.93 ? 56  SER A OG  1 
ATOM   446  N N   . ARG A 1 57  ? 3.327   -4.155  -13.899 1.00 15.42 ? 57  ARG A N   1 
ATOM   447  C CA  . ARG A 1 57  ? 2.343   -4.911  -14.665 1.00 15.21 ? 57  ARG A CA  1 
ATOM   448  C C   . ARG A 1 57  ? 2.974   -6.247  -15.027 1.00 16.99 ? 57  ARG A C   1 
ATOM   449  O O   . ARG A 1 57  ? 4.016   -6.287  -15.679 1.00 15.04 ? 57  ARG A O   1 
ATOM   450  C CB  . ARG A 1 57  ? 1.958   -4.161  -15.941 1.00 16.03 ? 57  ARG A CB  1 
ATOM   451  C CG  . ARG A 1 57  ? 1.300   -2.814  -15.702 1.00 16.21 ? 57  ARG A CG  1 
ATOM   452  C CD  . ARG A 1 57  ? 0.960   -2.114  -17.015 1.00 16.28 ? 57  ARG A CD  1 
ATOM   453  N NE  . ARG A 1 57  ? 0.425   -0.772  -16.787 1.00 15.53 ? 57  ARG A NE  1 
ATOM   454  C CZ  . ARG A 1 57  ? 0.064   0.069   -17.753 1.00 13.99 ? 57  ARG A CZ  1 
ATOM   455  N NH1 . ARG A 1 57  ? 0.175   -0.287  -19.024 1.00 15.03 ? 57  ARG A NH1 1 
ATOM   456  N NH2 . ARG A 1 57  ? -0.407  1.271   -17.447 1.00 10.05 ? 57  ARG A NH2 1 
ATOM   457  N N   . PRO A 1 58  ? 2.358   -7.360  -14.592 1.00 17.48 ? 58  PRO A N   1 
ATOM   458  C CA  . PRO A 1 58  ? 2.876   -8.702  -14.879 1.00 17.74 ? 58  PRO A CA  1 
ATOM   459  C C   . PRO A 1 58  ? 2.993   -8.942  -16.373 1.00 16.49 ? 58  PRO A C   1 
ATOM   460  O O   . PRO A 1 58  ? 2.368   -8.242  -17.170 1.00 14.97 ? 58  PRO A O   1 
ATOM   461  C CB  . PRO A 1 58  ? 1.838   -9.621  -14.234 1.00 18.28 ? 58  PRO A CB  1 
ATOM   462  C CG  . PRO A 1 58  ? 1.326   -8.799  -13.091 1.00 19.81 ? 58  PRO A CG  1 
ATOM   463  C CD  . PRO A 1 58  ? 1.159   -7.441  -13.738 1.00 18.72 ? 58  PRO A CD  1 
ATOM   464  N N   . ALA A 1 59  ? 3.796   -9.936  -16.743 1.00 17.53 ? 59  ALA A N   1 
ATOM   465  C CA  . ALA A 1 59  ? 4.001   -10.282 -18.144 1.00 17.78 ? 59  ALA A CA  1 
ATOM   466  C C   . ALA A 1 59  ? 2.801   -11.048 -18.692 1.00 18.67 ? 59  ALA A C   1 
ATOM   467  O O   . ALA A 1 59  ? 2.700   -11.282 -19.896 1.00 19.73 ? 59  ALA A O   1 
ATOM   468  C CB  . ALA A 1 59  ? 5.267   -11.120 -18.295 1.00 18.09 ? 59  ALA A CB  1 
ATOM   469  N N   . THR A 1 60  ? 1.892   -11.437 -17.802 1.00 18.53 ? 60  THR A N   1 
ATOM   470  C CA  . THR A 1 60  ? 0.698   -12.179 -18.202 1.00 17.95 ? 60  THR A CA  1 
ATOM   471  C C   . THR A 1 60  ? -0.571  -11.459 -17.752 1.00 17.42 ? 60  THR A C   1 
ATOM   472  O O   . THR A 1 60  ? -0.695  -11.079 -16.586 1.00 18.06 ? 60  THR A O   1 
ATOM   473  C CB  . THR A 1 60  ? 0.698   -13.603 -17.592 1.00 18.10 ? 60  THR A CB  1 
ATOM   474  O OG1 . THR A 1 60  ? 1.854   -14.321 -18.045 1.00 21.24 ? 60  THR A OG1 1 
ATOM   475  C CG2 . THR A 1 60  ? -0.555  -14.362 -17.998 1.00 17.96 ? 60  THR A CG2 1 
ATOM   476  N N   . GLY A 1 61  ? -1.507  -11.280 -18.681 1.00 15.90 ? 61  GLY A N   1 
ATOM   477  C CA  . GLY A 1 61  ? -2.766  -10.623 -18.369 1.00 16.35 ? 61  GLY A CA  1 
ATOM   478  C C   . GLY A 1 61  ? -2.653  -9.212  -17.820 1.00 16.50 ? 61  GLY A C   1 
ATOM   479  O O   . GLY A 1 61  ? -1.800  -8.432  -18.244 1.00 17.23 ? 61  GLY A O   1 
ATOM   480  N N   . TYR A 1 62  ? -3.535  -8.882  -16.883 1.00 15.48 ? 62  TYR A N   1 
ATOM   481  C CA  . TYR A 1 62  ? -3.555  -7.565  -16.258 1.00 13.37 ? 62  TYR A CA  1 
ATOM   482  C C   . TYR A 1 62  ? -3.059  -7.637  -14.822 1.00 13.76 ? 62  TYR A C   1 
ATOM   483  O O   . TYR A 1 62  ? -3.111  -8.696  -14.190 1.00 12.38 ? 62  TYR A O   1 
ATOM   484  C CB  . TYR A 1 62  ? -4.977  -6.996  -16.243 1.00 13.49 ? 62  TYR A CB  1 
ATOM   485  C CG  . TYR A 1 62  ? -5.451  -6.460  -17.569 1.00 9.88  ? 62  TYR A CG  1 
ATOM   486  C CD1 . TYR A 1 62  ? -6.400  -7.149  -18.327 1.00 11.17 ? 62  TYR A CD1 1 
ATOM   487  C CD2 . TYR A 1 62  ? -4.958  -5.253  -18.064 1.00 8.89  ? 62  TYR A CD2 1 
ATOM   488  C CE1 . TYR A 1 62  ? -6.852  -6.642  -19.550 1.00 10.05 ? 62  TYR A CE1 1 
ATOM   489  C CE2 . TYR A 1 62  ? -5.397  -4.740  -19.281 1.00 6.49  ? 62  TYR A CE2 1 
ATOM   490  C CZ  . TYR A 1 62  ? -6.341  -5.435  -20.018 1.00 8.97  ? 62  TYR A CZ  1 
ATOM   491  O OH  . TYR A 1 62  ? -6.757  -4.927  -21.229 1.00 11.14 ? 62  TYR A OH  1 
ATOM   492  N N   . PRO A 1 63  ? -2.578  -6.504  -14.282 1.00 13.91 ? 63  PRO A N   1 
ATOM   493  C CA  . PRO A 1 63  ? -2.096  -6.519  -12.898 1.00 12.74 ? 63  PRO A CA  1 
ATOM   494  C C   . PRO A 1 63  ? -3.242  -6.969  -11.997 1.00 11.51 ? 63  PRO A C   1 
ATOM   495  O O   . PRO A 1 63  ? -4.394  -6.604  -12.223 1.00 11.33 ? 63  PRO A O   1 
ATOM   496  C CB  . PRO A 1 63  ? -1.662  -5.070  -12.661 1.00 12.61 ? 63  PRO A CB  1 
ATOM   497  C CG  . PRO A 1 63  ? -2.507  -4.285  -13.621 1.00 13.97 ? 63  PRO A CG  1 
ATOM   498  C CD  . PRO A 1 63  ? -2.525  -5.146  -14.854 1.00 12.45 ? 63  PRO A CD  1 
ATOM   499  N N   . LEU A 1 64  ? -2.922  -7.769  -10.985 1.00 10.63 ? 64  LEU A N   1 
ATOM   500  C CA  . LEU A 1 64  ? -3.935  -8.311  -10.085 1.00 10.87 ? 64  LEU A CA  1 
ATOM   501  C C   . LEU A 1 64  ? -4.204  -7.510  -8.816  1.00 9.57  ? 64  LEU A C   1 
ATOM   502  O O   . LEU A 1 64  ? -3.292  -6.931  -8.223  1.00 8.09  ? 64  LEU A O   1 
ATOM   503  C CB  . LEU A 1 64  ? -3.550  -9.737  -9.678  1.00 11.78 ? 64  LEU A CB  1 
ATOM   504  C CG  . LEU A 1 64  ? -3.234  -10.747 -10.788 1.00 14.39 ? 64  LEU A CG  1 
ATOM   505  C CD1 . LEU A 1 64  ? -2.891  -12.088 -10.160 1.00 14.08 ? 64  LEU A CD1 1 
ATOM   506  C CD2 . LEU A 1 64  ? -4.425  -10.893 -11.725 1.00 13.75 ? 64  LEU A CD2 1 
ATOM   507  N N   . PRO A 1 65  ? -5.473  -7.465  -8.386  1.00 9.67  ? 65  PRO A N   1 
ATOM   508  C CA  . PRO A 1 65  ? -5.800  -6.726  -7.165  1.00 10.60 ? 65  PRO A CA  1 
ATOM   509  C C   . PRO A 1 65  ? -5.278  -7.551  -5.991  1.00 10.19 ? 65  PRO A C   1 
ATOM   510  O O   . PRO A 1 65  ? -5.121  -8.767  -6.101  1.00 12.12 ? 65  PRO A O   1 
ATOM   511  C CB  . PRO A 1 65  ? -7.326  -6.654  -7.201  1.00 10.78 ? 65  PRO A CB  1 
ATOM   512  C CG  . PRO A 1 65  ? -7.702  -7.931  -7.897  1.00 12.39 ? 65  PRO A CG  1 
ATOM   513  C CD  . PRO A 1 65  ? -6.689  -8.003  -9.023  1.00 8.39  ? 65  PRO A CD  1 
ATOM   514  N N   . PRO A 1 66  ? -5.003  -6.907  -4.851  1.00 9.27  ? 66  PRO A N   1 
ATOM   515  C CA  . PRO A 1 66  ? -5.159  -5.472  -4.613  1.00 9.07  ? 66  PRO A CA  1 
ATOM   516  C C   . PRO A 1 66  ? -4.011  -4.594  -5.123  1.00 9.59  ? 66  PRO A C   1 
ATOM   517  O O   . PRO A 1 66  ? -2.844  -4.978  -5.067  1.00 10.52 ? 66  PRO A O   1 
ATOM   518  C CB  . PRO A 1 66  ? -5.289  -5.404  -3.099  1.00 8.88  ? 66  PRO A CB  1 
ATOM   519  C CG  . PRO A 1 66  ? -4.302  -6.462  -2.659  1.00 8.95  ? 66  PRO A CG  1 
ATOM   520  C CD  . PRO A 1 66  ? -4.597  -7.605  -3.615  1.00 9.81  ? 66  PRO A CD  1 
ATOM   521  N N   . GLN A 1 67  ? -4.364  -3.419  -5.632  1.00 9.74  ? 67  GLN A N   1 
ATOM   522  C CA  . GLN A 1 67  ? -3.380  -2.446  -6.095  1.00 10.27 ? 67  GLN A CA  1 
ATOM   523  C C   . GLN A 1 67  ? -3.615  -1.253  -5.178  1.00 9.31  ? 67  GLN A C   1 
ATOM   524  O O   . GLN A 1 67  ? -4.743  -0.765  -5.053  1.00 9.95  ? 67  GLN A O   1 
ATOM   525  C CB  . GLN A 1 67  ? -3.609  -2.073  -7.561  1.00 7.08  ? 67  GLN A CB  1 
ATOM   526  C CG  . GLN A 1 67  ? -3.229  -3.175  -8.555  1.00 8.91  ? 67  GLN A CG  1 
ATOM   527  C CD  . GLN A 1 67  ? -1.768  -3.609  -8.452  1.00 9.08  ? 67  GLN A CD  1 
ATOM   528  O OE1 . GLN A 1 67  ? -0.885  -2.811  -8.127  1.00 9.19  ? 67  GLN A OE1 1 
ATOM   529  N NE2 . GLN A 1 67  ? -1.508  -4.876  -8.753  1.00 8.88  ? 67  GLN A NE2 1 
ATOM   530  N N   . ILE A 1 68  ? -2.550  -0.798  -4.531  1.00 8.20  ? 68  ILE A N   1 
ATOM   531  C CA  . ILE A 1 68  ? -2.638  0.284   -3.558  1.00 10.01 ? 68  ILE A CA  1 
ATOM   532  C C   . ILE A 1 68  ? -2.140  1.652   -4.014  1.00 8.87  ? 68  ILE A C   1 
ATOM   533  O O   . ILE A 1 68  ? -1.012  1.790   -4.491  1.00 10.47 ? 68  ILE A O   1 
ATOM   534  C CB  . ILE A 1 68  ? -1.875  -0.125  -2.278  1.00 10.12 ? 68  ILE A CB  1 
ATOM   535  C CG1 . ILE A 1 68  ? -2.354  -1.508  -1.828  1.00 12.24 ? 68  ILE A CG1 1 
ATOM   536  C CG2 . ILE A 1 68  ? -2.089  0.908   -1.169  1.00 8.96  ? 68  ILE A CG2 1 
ATOM   537  C CD1 . ILE A 1 68  ? -1.488  -2.147  -0.762  1.00 11.97 ? 68  ILE A CD1 1 
ATOM   538  N N   . PHE A 1 69  ? -2.990  2.663   -3.846  1.00 9.37  ? 69  PHE A N   1 
ATOM   539  C CA  . PHE A 1 69  ? -2.648  4.031   -4.214  1.00 10.52 ? 69  PHE A CA  1 
ATOM   540  C C   . PHE A 1 69  ? -2.887  4.995   -3.054  1.00 10.89 ? 69  PHE A C   1 
ATOM   541  O O   . PHE A 1 69  ? -3.702  4.738   -2.167  1.00 12.25 ? 69  PHE A O   1 
ATOM   542  C CB  . PHE A 1 69  ? -3.496  4.520   -5.396  1.00 9.55  ? 69  PHE A CB  1 
ATOM   543  C CG  . PHE A 1 69  ? -3.396  3.672   -6.631  1.00 9.88  ? 69  PHE A CG  1 
ATOM   544  C CD1 . PHE A 1 69  ? -4.039  2.438   -6.704  1.00 8.90  ? 69  PHE A CD1 1 
ATOM   545  C CD2 . PHE A 1 69  ? -2.682  4.123   -7.740  1.00 7.91  ? 69  PHE A CD2 1 
ATOM   546  C CE1 . PHE A 1 69  ? -3.979  1.669   -7.869  1.00 10.51 ? 69  PHE A CE1 1 
ATOM   547  C CE2 . PHE A 1 69  ? -2.615  3.363   -8.908  1.00 8.75  ? 69  PHE A CE2 1 
ATOM   548  C CZ  . PHE A 1 69  ? -3.262  2.136   -8.973  1.00 10.21 ? 69  PHE A CZ  1 
ATOM   549  N N   . ASN A 1 70  ? -2.158  6.104   -3.065  1.00 11.25 ? 70  ASN A N   1 
ATOM   550  C CA  . ASN A 1 70  ? -2.333  7.154   -2.066  1.00 11.24 ? 70  ASN A CA  1 
ATOM   551  C C   . ASN A 1 70  ? -2.993  8.210   -2.945  1.00 11.57 ? 70  ASN A C   1 
ATOM   552  O O   . ASN A 1 70  ? -2.325  8.877   -3.736  1.00 10.32 ? 70  ASN A O   1 
ATOM   553  C CB  . ASN A 1 70  ? -0.976  7.634   -1.542  1.00 9.85  ? 70  ASN A CB  1 
ATOM   554  C CG  . ASN A 1 70  ? -1.108  8.657   -0.424  1.00 11.45 ? 70  ASN A CG  1 
ATOM   555  O OD1 . ASN A 1 70  ? -0.213  8.795   0.414   1.00 13.37 ? 70  ASN A OD1 1 
ATOM   556  N ND2 . ASN A 1 70  ? -2.213  9.388   -0.415  1.00 10.12 ? 70  ASN A ND2 1 
ATOM   557  N N   . GLU A 1 71  ? -4.312  8.338   -2.815  1.00 12.86 ? 71  GLU A N   1 
ATOM   558  C CA  . GLU A 1 71  ? -5.085  9.247   -3.655  1.00 14.31 ? 71  GLU A CA  1 
ATOM   559  C C   . GLU A 1 71  ? -4.858  8.714   -5.074  1.00 13.88 ? 71  GLU A C   1 
ATOM   560  O O   . GLU A 1 71  ? -5.190  7.559   -5.340  1.00 13.26 ? 71  GLU A O   1 
ATOM   561  C CB  . GLU A 1 71  ? -4.609  10.696  -3.496  1.00 17.74 ? 71  GLU A CB  1 
ATOM   562  C CG  . GLU A 1 71  ? -4.973  11.298  -2.142  1.00 22.38 ? 71  GLU A CG  1 
ATOM   563  C CD  . GLU A 1 71  ? -6.474  11.517  -1.968  1.00 25.73 ? 71  GLU A CD  1 
ATOM   564  O OE1 . GLU A 1 71  ? -6.961  11.428  -0.821  1.00 28.41 ? 71  GLU A OE1 1 
ATOM   565  O OE2 . GLU A 1 71  ? -7.168  11.792  -2.972  1.00 25.58 ? 71  GLU A OE2 1 
ATOM   566  N N   . SER A 1 72  ? -4.280  9.502   -5.977  1.00 12.47 ? 72  SER A N   1 
ATOM   567  C CA  . SER A 1 72  ? -4.056  8.997   -7.333  1.00 13.98 ? 72  SER A CA  1 
ATOM   568  C C   . SER A 1 72  ? -2.637  8.478   -7.574  1.00 14.02 ? 72  SER A C   1 
ATOM   569  O O   . SER A 1 72  ? -2.324  8.014   -8.670  1.00 15.49 ? 72  SER A O   1 
ATOM   570  C CB  A SER A 1 72  ? -4.379  10.083  -8.367  0.50 12.60 ? 72  SER A CB  1 
ATOM   571  C CB  B SER A 1 72  ? -4.380  10.087  -8.364  0.50 14.65 ? 72  SER A CB  1 
ATOM   572  O OG  A SER A 1 72  ? -5.766  10.362  -8.404  0.50 10.09 ? 72  SER A OG  1 
ATOM   573  O OG  B SER A 1 72  ? -3.507  11.197  -8.237  0.50 17.97 ? 72  SER A OG  1 
ATOM   574  N N   . GLN A 1 73  ? -1.789  8.536   -6.549  1.00 14.28 ? 73  GLN A N   1 
ATOM   575  C CA  . GLN A 1 73  ? -0.398  8.089   -6.677  1.00 14.54 ? 73  GLN A CA  1 
ATOM   576  C C   . GLN A 1 73  ? -0.204  6.615   -6.328  1.00 13.35 ? 73  GLN A C   1 
ATOM   577  O O   . GLN A 1 73  ? -0.571  6.173   -5.241  1.00 10.86 ? 73  GLN A O   1 
ATOM   578  C CB  . GLN A 1 73  ? 0.502   8.948   -5.786  1.00 15.80 ? 73  GLN A CB  1 
ATOM   579  C CG  . GLN A 1 73  ? 1.971   8.575   -5.817  1.00 20.95 ? 73  GLN A CG  1 
ATOM   580  C CD  . GLN A 1 73  ? 2.745   9.245   -4.699  1.00 27.63 ? 73  GLN A CD  1 
ATOM   581  O OE1 . GLN A 1 73  ? 2.441   9.051   -3.519  1.00 29.36 ? 73  GLN A OE1 1 
ATOM   582  N NE2 . GLN A 1 73  ? 3.748   10.042  -5.061  1.00 28.95 ? 73  GLN A NE2 1 
ATOM   583  N N   . TYR A 1 74  ? 0.393   5.863   -7.252  1.00 11.05 ? 74  TYR A N   1 
ATOM   584  C CA  . TYR A 1 74  ? 0.631   4.433   -7.054  1.00 10.97 ? 74  TYR A CA  1 
ATOM   585  C C   . TYR A 1 74  ? 1.653   4.130   -5.968  1.00 11.26 ? 74  TYR A C   1 
ATOM   586  O O   . TYR A 1 74  ? 2.736   4.721   -5.932  1.00 11.32 ? 74  TYR A O   1 
ATOM   587  C CB  . TYR A 1 74  ? 1.112   3.786   -8.354  1.00 11.27 ? 74  TYR A CB  1 
ATOM   588  C CG  . TYR A 1 74  ? 1.262   2.281   -8.262  1.00 11.26 ? 74  TYR A CG  1 
ATOM   589  C CD1 . TYR A 1 74  ? 0.141   1.455   -8.172  1.00 12.79 ? 74  TYR A CD1 1 
ATOM   590  C CD2 . TYR A 1 74  ? 2.522   1.680   -8.285  1.00 12.03 ? 74  TYR A CD2 1 
ATOM   591  C CE1 . TYR A 1 74  ? 0.267   0.068   -8.114  1.00 10.85 ? 74  TYR A CE1 1 
ATOM   592  C CE2 . TYR A 1 74  ? 2.660   0.294   -8.230  1.00 11.22 ? 74  TYR A CE2 1 
ATOM   593  C CZ  . TYR A 1 74  ? 1.527   -0.506  -8.147  1.00 11.99 ? 74  TYR A CZ  1 
ATOM   594  O OH  . TYR A 1 74  ? 1.651   -1.878  -8.108  1.00 13.19 ? 74  TYR A OH  1 
ATOM   595  N N   . ARG A 1 75  ? 1.310   3.198   -5.088  1.00 11.07 ? 75  ARG A N   1 
ATOM   596  C CA  . ARG A 1 75  ? 2.219   2.807   -4.023  1.00 11.10 ? 75  ARG A CA  1 
ATOM   597  C C   . ARG A 1 75  ? 2.761   1.399   -4.252  1.00 10.63 ? 75  ARG A C   1 
ATOM   598  O O   . ARG A 1 75  ? 3.955   1.166   -4.093  1.00 10.33 ? 75  ARG A O   1 
ATOM   599  C CB  . ARG A 1 75  ? 1.529   2.901   -2.658  1.00 11.52 ? 75  ARG A CB  1 
ATOM   600  C CG  . ARG A 1 75  ? 1.027   4.303   -2.313  1.00 11.63 ? 75  ARG A CG  1 
ATOM   601  C CD  . ARG A 1 75  ? 2.082   5.388   -2.577  1.00 14.26 ? 75  ARG A CD  1 
ATOM   602  N NE  . ARG A 1 75  ? 3.320   5.195   -1.822  1.00 11.59 ? 75  ARG A NE  1 
ATOM   603  C CZ  . ARG A 1 75  ? 4.340   6.049   -1.833  1.00 13.91 ? 75  ARG A CZ  1 
ATOM   604  N NH1 . ARG A 1 75  ? 5.432   5.797   -1.117  1.00 14.49 ? 75  ARG A NH1 1 
ATOM   605  N NH2 . ARG A 1 75  ? 4.271   7.162   -2.557  1.00 13.15 ? 75  ARG A NH2 1 
ATOM   606  N N   . GLY A 1 76  ? 1.895   0.463   -4.637  1.00 10.35 ? 76  GLY A N   1 
ATOM   607  C CA  . GLY A 1 76  ? 2.362   -0.894  -4.877  1.00 12.09 ? 76  GLY A CA  1 
ATOM   608  C C   . GLY A 1 76  ? 1.292   -1.970  -4.833  1.00 11.76 ? 76  GLY A C   1 
ATOM   609  O O   . GLY A 1 76  ? 0.141   -1.704  -4.475  1.00 12.05 ? 76  GLY A O   1 
ATOM   610  N N   . ASP A 1 77  ? 1.674   -3.190  -5.203  1.00 10.88 ? 77  ASP A N   1 
ATOM   611  C CA  . ASP A 1 77  ? 0.746   -4.318  -5.203  1.00 9.94  ? 77  ASP A CA  1 
ATOM   612  C C   . ASP A 1 77  ? 0.807   -5.062  -3.875  1.00 9.78  ? 77  ASP A C   1 
ATOM   613  O O   . ASP A 1 77  ? 1.401   -4.576  -2.912  1.00 8.89  ? 77  ASP A O   1 
ATOM   614  C CB  . ASP A 1 77  ? 1.053   -5.283  -6.360  1.00 9.81  ? 77  ASP A CB  1 
ATOM   615  C CG  . ASP A 1 77  ? 2.499   -5.766  -6.367  1.00 11.40 ? 77  ASP A CG  1 
ATOM   616  O OD1 . ASP A 1 77  ? 3.170   -5.703  -5.317  1.00 11.11 ? 77  ASP A OD1 1 
ATOM   617  O OD2 . ASP A 1 77  ? 2.960   -6.230  -7.431  1.00 11.36 ? 77  ASP A OD2 1 
ATOM   618  N N   . TYR A 1 78  ? 0.190   -6.237  -3.814  1.00 10.24 ? 78  TYR A N   1 
ATOM   619  C CA  . TYR A 1 78  ? 0.195   -6.996  -2.575  1.00 11.73 ? 78  TYR A CA  1 
ATOM   620  C C   . TYR A 1 78  ? 1.593   -7.405  -2.125  1.00 11.10 ? 78  TYR A C   1 
ATOM   621  O O   . TYR A 1 78  ? 1.918   -7.309  -0.942  1.00 11.33 ? 78  TYR A O   1 
ATOM   622  C CB  . TYR A 1 78  ? -0.690  -8.236  -2.692  1.00 10.55 ? 78  TYR A CB  1 
ATOM   623  C CG  . TYR A 1 78  ? -0.740  -9.024  -1.406  1.00 10.70 ? 78  TYR A CG  1 
ATOM   624  C CD1 . TYR A 1 78  ? 0.061   -10.149 -1.220  1.00 10.84 ? 78  TYR A CD1 1 
ATOM   625  C CD2 . TYR A 1 78  ? -1.545  -8.606  -0.347  1.00 12.46 ? 78  TYR A CD2 1 
ATOM   626  C CE1 . TYR A 1 78  ? 0.064   -10.835 -0.010  1.00 11.80 ? 78  TYR A CE1 1 
ATOM   627  C CE2 . TYR A 1 78  ? -1.549  -9.285  0.865   1.00 12.39 ? 78  TYR A CE2 1 
ATOM   628  C CZ  . TYR A 1 78  ? -0.744  -10.395 1.027   1.00 12.36 ? 78  TYR A CZ  1 
ATOM   629  O OH  . TYR A 1 78  ? -0.743  -11.058 2.229   1.00 14.19 ? 78  TYR A OH  1 
ATOM   630  N N   . ASP A 1 79  ? 2.423   -7.861  -3.056  1.00 12.62 ? 79  ASP A N   1 
ATOM   631  C CA  . ASP A 1 79  ? 3.778   -8.268  -2.698  1.00 13.95 ? 79  ASP A CA  1 
ATOM   632  C C   . ASP A 1 79  ? 4.555   -7.118  -2.066  1.00 13.26 ? 79  ASP A C   1 
ATOM   633  O O   . ASP A 1 79  ? 5.277   -7.311  -1.085  1.00 11.93 ? 79  ASP A O   1 
ATOM   634  C CB  . ASP A 1 79  ? 4.535   -8.793  -3.923  1.00 13.46 ? 79  ASP A CB  1 
ATOM   635  C CG  . ASP A 1 79  ? 3.960   -10.095 -4.448  1.00 16.22 ? 79  ASP A CG  1 
ATOM   636  O OD1 . ASP A 1 79  ? 3.521   -10.929 -3.626  1.00 14.47 ? 79  ASP A OD1 1 
ATOM   637  O OD2 . ASP A 1 79  ? 3.955   -10.289 -5.681  1.00 17.34 ? 79  ASP A OD2 1 
ATOM   638  N N   . ALA A 1 80  ? 4.403   -5.921  -2.623  1.00 12.24 ? 80  ALA A N   1 
ATOM   639  C CA  . ALA A 1 80  ? 5.090   -4.749  -2.093  1.00 12.63 ? 80  ALA A CA  1 
ATOM   640  C C   . ALA A 1 80  ? 4.555   -4.425  -0.697  1.00 12.26 ? 80  ALA A C   1 
ATOM   641  O O   . ALA A 1 80  ? 5.309   -4.039  0.197   1.00 11.00 ? 80  ALA A O   1 
ATOM   642  C CB  . ALA A 1 80  ? 4.896   -3.556  -3.028  1.00 12.80 ? 80  ALA A CB  1 
ATOM   643  N N   . PHE A 1 81  ? 3.249   -4.586  -0.511  1.00 10.60 ? 81  PHE A N   1 
ATOM   644  C CA  . PHE A 1 81  ? 2.637   -4.330  0.784   1.00 11.31 ? 81  PHE A CA  1 
ATOM   645  C C   . PHE A 1 81  ? 3.087   -5.385  1.788   1.00 12.32 ? 81  PHE A C   1 
ATOM   646  O O   . PHE A 1 81  ? 3.379   -5.076  2.941   1.00 12.50 ? 81  PHE A O   1 
ATOM   647  C CB  . PHE A 1 81  ? 1.112   -4.370  0.682   1.00 10.04 ? 81  PHE A CB  1 
ATOM   648  C CG  . PHE A 1 81  ? 0.429   -4.552  2.007   1.00 12.76 ? 81  PHE A CG  1 
ATOM   649  C CD1 . PHE A 1 81  ? 0.343   -3.498  2.915   1.00 11.85 ? 81  PHE A CD1 1 
ATOM   650  C CD2 . PHE A 1 81  ? -0.083  -5.793  2.372   1.00 14.20 ? 81  PHE A CD2 1 
ATOM   651  C CE1 . PHE A 1 81  ? -0.240  -3.681  4.168   1.00 12.28 ? 81  PHE A CE1 1 
ATOM   652  C CE2 . PHE A 1 81  ? -0.667  -5.987  3.624   1.00 13.89 ? 81  PHE A CE2 1 
ATOM   653  C CZ  . PHE A 1 81  ? -0.745  -4.926  4.524   1.00 14.03 ? 81  PHE A CZ  1 
ATOM   654  N N   . PHE A 1 82  ? 3.130   -6.636  1.337   1.00 11.78 ? 82  PHE A N   1 
ATOM   655  C CA  . PHE A 1 82  ? 3.525   -7.741  2.192   1.00 13.37 ? 82  PHE A CA  1 
ATOM   656  C C   . PHE A 1 82  ? 4.924   -7.530  2.746   1.00 14.68 ? 82  PHE A C   1 
ATOM   657  O O   . PHE A 1 82  ? 5.167   -7.742  3.935   1.00 15.67 ? 82  PHE A O   1 
ATOM   658  C CB  . PHE A 1 82  ? 3.491   -9.060  1.421   1.00 13.69 ? 82  PHE A CB  1 
ATOM   659  C CG  . PHE A 1 82  ? 3.669   -10.268 2.293   1.00 14.42 ? 82  PHE A CG  1 
ATOM   660  C CD1 . PHE A 1 82  ? 2.594   -10.791 3.004   1.00 14.43 ? 82  PHE A CD1 1 
ATOM   661  C CD2 . PHE A 1 82  ? 4.921   -10.861 2.435   1.00 15.80 ? 82  PHE A CD2 1 
ATOM   662  C CE1 . PHE A 1 82  ? 2.759   -11.893 3.848   1.00 16.36 ? 82  PHE A CE1 1 
ATOM   663  C CE2 . PHE A 1 82  ? 5.101   -11.960 3.277   1.00 17.02 ? 82  PHE A CE2 1 
ATOM   664  C CZ  . PHE A 1 82  ? 4.015   -12.477 3.986   1.00 17.32 ? 82  PHE A CZ  1 
ATOM   665  N N   . GLU A 1 83  ? 5.841   -7.122  1.876   1.00 14.13 ? 83  GLU A N   1 
ATOM   666  C CA  . GLU A 1 83  ? 7.221   -6.890  2.278   1.00 15.81 ? 83  GLU A CA  1 
ATOM   667  C C   . GLU A 1 83  ? 7.348   -5.670  3.178   1.00 15.66 ? 83  GLU A C   1 
ATOM   668  O O   . GLU A 1 83  ? 8.114   -5.682  4.144   1.00 16.40 ? 83  GLU A O   1 
ATOM   669  C CB  . GLU A 1 83  ? 8.114   -6.718  1.051   1.00 17.61 ? 83  GLU A CB  1 
ATOM   670  C CG  . GLU A 1 83  ? 9.548   -6.347  1.399   1.00 20.94 ? 83  GLU A CG  1 
ATOM   671  C CD  . GLU A 1 83  ? 10.454  -6.330  0.193   1.00 22.31 ? 83  GLU A CD  1 
ATOM   672  O OE1 . GLU A 1 83  ? 10.734  -7.416  -0.351  1.00 25.97 ? 83  GLU A OE1 1 
ATOM   673  O OE2 . GLU A 1 83  ? 10.883  -5.229  -0.213  1.00 26.06 ? 83  GLU A OE2 1 
ATOM   674  N N   . ALA A 1 84  ? 6.604   -4.615  2.863   1.00 14.15 ? 84  ALA A N   1 
ATOM   675  C CA  . ALA A 1 84  ? 6.645   -3.409  3.677   1.00 14.23 ? 84  ALA A CA  1 
ATOM   676  C C   . ALA A 1 84  ? 6.239   -3.746  5.109   1.00 14.48 ? 84  ALA A C   1 
ATOM   677  O O   . ALA A 1 84  ? 6.841   -3.250  6.062   1.00 15.91 ? 84  ALA A O   1 
ATOM   678  C CB  . ALA A 1 84  ? 5.714   -2.348  3.100   1.00 12.86 ? 84  ALA A CB  1 
ATOM   679  N N   . ARG A 1 85  ? 5.224   -4.594  5.260   1.00 15.86 ? 85  ARG A N   1 
ATOM   680  C CA  . ARG A 1 85  ? 4.763   -4.981  6.590   1.00 16.94 ? 85  ARG A CA  1 
ATOM   681  C C   . ARG A 1 85  ? 5.770   -5.894  7.286   1.00 19.09 ? 85  ARG A C   1 
ATOM   682  O O   . ARG A 1 85  ? 5.902   -5.862  8.508   1.00 20.31 ? 85  ARG A O   1 
ATOM   683  C CB  . ARG A 1 85  ? 3.406   -5.679  6.517   1.00 16.96 ? 85  ARG A CB  1 
ATOM   684  C CG  . ARG A 1 85  ? 2.882   -6.125  7.879   1.00 16.36 ? 85  ARG A CG  1 
ATOM   685  C CD  . ARG A 1 85  ? 1.488   -6.704  7.767   1.00 15.82 ? 85  ARG A CD  1 
ATOM   686  N NE  . ARG A 1 85  ? 1.440   -7.792  6.798   1.00 17.28 ? 85  ARG A NE  1 
ATOM   687  C CZ  . ARG A 1 85  ? 0.320   -8.359  6.371   1.00 15.85 ? 85  ARG A CZ  1 
ATOM   688  N NH1 . ARG A 1 85  ? 0.370   -9.346  5.487   1.00 17.43 ? 85  ARG A NH1 1 
ATOM   689  N NH2 . ARG A 1 85  ? -0.850  -7.935  6.827   1.00 16.25 ? 85  ARG A NH2 1 
ATOM   690  N N   . GLU A 1 86  ? 6.473   -6.714  6.515   1.00 18.92 ? 86  GLU A N   1 
ATOM   691  C CA  . GLU A 1 86  ? 7.477   -7.595  7.100   1.00 21.47 ? 86  GLU A CA  1 
ATOM   692  C C   . GLU A 1 86  ? 8.611   -6.741  7.661   1.00 20.41 ? 86  GLU A C   1 
ATOM   693  O O   . GLU A 1 86  ? 9.202   -7.074  8.685   1.00 22.58 ? 86  GLU A O   1 
ATOM   694  C CB  . GLU A 1 86  ? 8.031   -8.559  6.047   1.00 21.57 ? 86  GLU A CB  1 
ATOM   695  C CG  . GLU A 1 86  ? 7.029   -9.596  5.583   1.00 26.42 ? 86  GLU A CG  1 
ATOM   696  C CD  . GLU A 1 86  ? 6.660   -10.569 6.680   1.00 29.86 ? 86  GLU A CD  1 
ATOM   697  O OE1 . GLU A 1 86  ? 5.599   -11.219 6.564   1.00 33.77 ? 86  GLU A OE1 1 
ATOM   698  O OE2 . GLU A 1 86  ? 7.435   -10.691 7.653   1.00 31.96 ? 86  GLU A OE2 1 
ATOM   699  N N   . ASN A 1 87  ? 8.896   -5.630  6.987   1.00 21.31 ? 87  ASN A N   1 
ATOM   700  C CA  . ASN A 1 87  ? 9.961   -4.727  7.410   1.00 20.26 ? 87  ASN A CA  1 
ATOM   701  C C   . ASN A 1 87  ? 9.479   -3.604  8.321   1.00 20.09 ? 87  ASN A C   1 
ATOM   702  O O   . ASN A 1 87  ? 10.248  -2.706  8.666   1.00 19.92 ? 87  ASN A O   1 
ATOM   703  C CB  . ASN A 1 87  ? 10.649  -4.124  6.188   1.00 21.66 ? 87  ASN A CB  1 
ATOM   704  C CG  . ASN A 1 87  ? 11.212  -5.179  5.270   1.00 22.05 ? 87  ASN A CG  1 
ATOM   705  O OD1 . ASN A 1 87  ? 11.403  -6.323  5.677   1.00 23.38 ? 87  ASN A OD1 1 
ATOM   706  N ND2 . ASN A 1 87  ? 11.493  -4.801  4.028   1.00 21.60 ? 87  ASN A ND2 1 
ATOM   707  N N   . ASN A 1 88  ? 8.210   -3.660  8.707   1.00 19.30 ? 88  ASN A N   1 
ATOM   708  C CA  . ASN A 1 88  ? 7.626   -2.646  9.579   1.00 20.22 ? 88  ASN A CA  1 
ATOM   709  C C   . ASN A 1 88  ? 7.899   -1.245  9.020   1.00 19.55 ? 88  ASN A C   1 
ATOM   710  O O   . ASN A 1 88  ? 8.343   -0.346  9.740   1.00 18.49 ? 88  ASN A O   1 
ATOM   711  C CB  . ASN A 1 88  ? 8.202   -2.784  10.995  1.00 21.25 ? 88  ASN A CB  1 
ATOM   712  C CG  . ASN A 1 88  ? 7.362   -2.076  12.042  1.00 23.83 ? 88  ASN A CG  1 
ATOM   713  O OD1 . ASN A 1 88  ? 7.607   -2.207  13.243  1.00 27.07 ? 88  ASN A OD1 1 
ATOM   714  N ND2 . ASN A 1 88  ? 6.366   -1.320  11.596  1.00 22.95 ? 88  ASN A ND2 1 
ATOM   715  N N   . ALA A 1 89  ? 7.631   -1.080  7.727   1.00 17.14 ? 89  ALA A N   1 
ATOM   716  C CA  . ALA A 1 89  ? 7.823   0.189   7.032   1.00 14.56 ? 89  ALA A CA  1 
ATOM   717  C C   . ALA A 1 89  ? 6.620   0.423   6.124   1.00 14.44 ? 89  ALA A C   1 
ATOM   718  O O   . ALA A 1 89  ? 6.755   0.890   4.989   1.00 14.38 ? 89  ALA A O   1 
ATOM   719  C CB  . ALA A 1 89  ? 9.102   0.146   6.206   1.00 14.55 ? 89  ALA A CB  1 
ATOM   720  N N   . VAL A 1 90  ? 5.442   0.093   6.635   1.00 13.53 ? 90  VAL A N   1 
ATOM   721  C CA  . VAL A 1 90  ? 4.214   0.247   5.872   1.00 14.23 ? 90  VAL A CA  1 
ATOM   722  C C   . VAL A 1 90  ? 3.869   1.706   5.571   1.00 13.46 ? 90  VAL A C   1 
ATOM   723  O O   . VAL A 1 90  ? 3.474   2.030   4.453   1.00 12.07 ? 90  VAL A O   1 
ATOM   724  C CB  . VAL A 1 90  ? 3.030   -0.414  6.604   1.00 14.14 ? 90  VAL A CB  1 
ATOM   725  C CG1 . VAL A 1 90  ? 1.761   -0.267  5.780   1.00 15.12 ? 90  VAL A CG1 1 
ATOM   726  C CG2 . VAL A 1 90  ? 3.336   -1.885  6.849   1.00 15.59 ? 90  VAL A CG2 1 
ATOM   727  N N   . TYR A 1 91  ? 4.020   2.591   6.552   1.00 12.21 ? 91  TYR A N   1 
ATOM   728  C CA  . TYR A 1 91  ? 3.696   3.993   6.307   1.00 11.94 ? 91  TYR A CA  1 
ATOM   729  C C   . TYR A 1 91  ? 4.560   4.587   5.197   1.00 11.57 ? 91  TYR A C   1 
ATOM   730  O O   . TYR A 1 91  ? 4.057   5.297   4.326   1.00 10.29 ? 91  TYR A O   1 
ATOM   731  C CB  . TYR A 1 91  ? 3.807   4.808   7.598   1.00 12.33 ? 91  TYR A CB  1 
ATOM   732  C CG  . TYR A 1 91  ? 2.653   4.551   8.546   1.00 13.46 ? 91  TYR A CG  1 
ATOM   733  C CD1 . TYR A 1 91  ? 2.694   3.501   9.461   1.00 12.61 ? 91  TYR A CD1 1 
ATOM   734  C CD2 . TYR A 1 91  ? 1.497   5.332   8.492   1.00 13.36 ? 91  TYR A CD2 1 
ATOM   735  C CE1 . TYR A 1 91  ? 1.617   3.233   10.296  1.00 14.88 ? 91  TYR A CE1 1 
ATOM   736  C CE2 . TYR A 1 91  ? 0.411   5.070   9.325   1.00 13.60 ? 91  TYR A CE2 1 
ATOM   737  C CZ  . TYR A 1 91  ? 0.479   4.020   10.223  1.00 14.04 ? 91  TYR A CZ  1 
ATOM   738  O OH  . TYR A 1 91  ? -0.584  3.757   11.055  1.00 15.59 ? 91  TYR A OH  1 
ATOM   739  N N   . ALA A 1 92  ? 5.855   4.290   5.212   1.00 12.48 ? 92  ALA A N   1 
ATOM   740  C CA  . ALA A 1 92  ? 6.734   4.791   4.158   1.00 12.81 ? 92  ALA A CA  1 
ATOM   741  C C   . ALA A 1 92  ? 6.221   4.230   2.833   1.00 12.56 ? 92  ALA A C   1 
ATOM   742  O O   . ALA A 1 92  ? 6.136   4.940   1.832   1.00 13.36 ? 92  ALA A O   1 
ATOM   743  C CB  . ALA A 1 92  ? 8.165   4.331   4.397   1.00 12.83 ? 92  ALA A CB  1 
ATOM   744  N N   . PHE A 1 93  ? 5.874   2.948   2.840   1.00 12.82 ? 93  PHE A N   1 
ATOM   745  C CA  . PHE A 1 93  ? 5.359   2.295   1.643   1.00 11.83 ? 93  PHE A CA  1 
ATOM   746  C C   . PHE A 1 93  ? 4.132   3.008   1.088   1.00 11.77 ? 93  PHE A C   1 
ATOM   747  O O   . PHE A 1 93  ? 3.983   3.158   -0.123  1.00 10.56 ? 93  PHE A O   1 
ATOM   748  C CB  . PHE A 1 93  ? 4.991   0.842   1.949   1.00 12.68 ? 93  PHE A CB  1 
ATOM   749  C CG  . PHE A 1 93  ? 4.135   0.206   0.892   1.00 12.54 ? 93  PHE A CG  1 
ATOM   750  C CD1 . PHE A 1 93  ? 4.649   -0.061  -0.369  1.00 13.04 ? 93  PHE A CD1 1 
ATOM   751  C CD2 . PHE A 1 93  ? 2.799   -0.093  1.151   1.00 12.93 ? 93  PHE A CD2 1 
ATOM   752  C CE1 . PHE A 1 93  ? 3.846   -0.616  -1.363  1.00 14.63 ? 93  PHE A CE1 1 
ATOM   753  C CE2 . PHE A 1 93  ? 1.987   -0.647  0.168   1.00 12.72 ? 93  PHE A CE2 1 
ATOM   754  C CZ  . PHE A 1 93  ? 2.509   -0.909  -1.092  1.00 13.50 ? 93  PHE A CZ  1 
ATOM   755  N N   . LEU A 1 94  ? 3.256   3.441   1.986   1.00 11.54 ? 94  LEU A N   1 
ATOM   756  C CA  . LEU A 1 94  ? 2.025   4.118   1.601   1.00 11.92 ? 94  LEU A CA  1 
ATOM   757  C C   . LEU A 1 94  ? 2.219   5.593   1.284   1.00 12.77 ? 94  LEU A C   1 
ATOM   758  O O   . LEU A 1 94  ? 1.293   6.256   0.821   1.00 12.68 ? 94  LEU A O   1 
ATOM   759  C CB  . LEU A 1 94  ? 0.992   3.977   2.716   1.00 11.62 ? 94  LEU A CB  1 
ATOM   760  C CG  . LEU A 1 94  ? 0.528   2.558   3.042   1.00 10.96 ? 94  LEU A CG  1 
ATOM   761  C CD1 . LEU A 1 94  ? -0.373  2.606   4.265   1.00 7.70  ? 94  LEU A CD1 1 
ATOM   762  C CD2 . LEU A 1 94  ? -0.206  1.955   1.845   1.00 8.42  ? 94  LEU A CD2 1 
ATOM   763  N N   . GLY A 1 95  ? 3.419   6.103   1.533   1.00 13.00 ? 95  GLY A N   1 
ATOM   764  C CA  . GLY A 1 95  ? 3.685   7.505   1.276   1.00 13.60 ? 95  GLY A CA  1 
ATOM   765  C C   . GLY A 1 95  ? 3.085   8.350   2.383   1.00 14.63 ? 95  GLY A C   1 
ATOM   766  O O   . GLY A 1 95  ? 2.712   9.508   2.175   1.00 14.34 ? 95  GLY A O   1 
ATOM   767  N N   . LEU A 1 96  ? 2.988   7.761   3.568   1.00 14.42 ? 96  LEU A N   1 
ATOM   768  C CA  . LEU A 1 96  ? 2.430   8.456   4.720   1.00 14.69 ? 96  LEU A CA  1 
ATOM   769  C C   . LEU A 1 96  ? 3.484   8.653   5.801   1.00 15.65 ? 96  LEU A C   1 
ATOM   770  O O   . LEU A 1 96  ? 4.488   7.942   5.844   1.00 14.84 ? 96  LEU A O   1 
ATOM   771  C CB  . LEU A 1 96  ? 1.268   7.655   5.311   1.00 13.54 ? 96  LEU A CB  1 
ATOM   772  C CG  . LEU A 1 96  ? 0.056   7.371   4.425   1.00 13.71 ? 96  LEU A CG  1 
ATOM   773  C CD1 . LEU A 1 96  ? -0.926  6.490   5.184   1.00 10.45 ? 96  LEU A CD1 1 
ATOM   774  C CD2 . LEU A 1 96  ? -0.607  8.680   4.018   1.00 12.62 ? 96  LEU A CD2 1 
ATOM   775  N N   . THR A 1 97  ? 3.251   9.626   6.673   1.00 15.56 ? 97  THR A N   1 
ATOM   776  C CA  . THR A 1 97  ? 4.168   9.885   7.771   1.00 16.82 ? 97  THR A CA  1 
ATOM   777  C C   . THR A 1 97  ? 3.855   8.860   8.850   1.00 17.20 ? 97  THR A C   1 
ATOM   778  O O   . THR A 1 97  ? 2.694   8.675   9.213   1.00 18.55 ? 97  THR A O   1 
ATOM   779  C CB  . THR A 1 97  ? 3.964   11.298  8.362   1.00 16.32 ? 97  THR A CB  1 
ATOM   780  O OG1 . THR A 1 97  ? 4.300   12.280  7.378   1.00 17.95 ? 97  THR A OG1 1 
ATOM   781  C CG2 . THR A 1 97  ? 4.848   11.501  9.593   1.00 16.03 ? 97  THR A CG2 1 
ATOM   782  N N   . ALA A 1 98  ? 4.882   8.182   9.349   1.00 16.30 ? 98  ALA A N   1 
ATOM   783  C CA  . ALA A 1 98  ? 4.680   7.194   10.400  1.00 17.90 ? 98  ALA A CA  1 
ATOM   784  C C   . ALA A 1 98  ? 4.223   7.952   11.639  1.00 19.05 ? 98  ALA A C   1 
ATOM   785  O O   . ALA A 1 98  ? 4.849   8.932   12.038  1.00 19.91 ? 98  ALA A O   1 
ATOM   786  C CB  . ALA A 1 98  ? 5.977   6.445   10.679  1.00 17.00 ? 98  ALA A CB  1 
ATOM   787  N N   . PRO A 1 99  ? 3.118   7.513   12.261  1.00 20.03 ? 99  PRO A N   1 
ATOM   788  C CA  . PRO A 1 99  ? 2.573   8.159   13.460  1.00 20.31 ? 99  PRO A CA  1 
ATOM   789  C C   . PRO A 1 99  ? 3.488   8.155   14.686  1.00 20.09 ? 99  PRO A C   1 
ATOM   790  O O   . PRO A 1 99  ? 4.137   7.150   14.992  1.00 16.93 ? 99  PRO A O   1 
ATOM   791  C CB  . PRO A 1 99  ? 1.267   7.402   13.696  1.00 21.34 ? 99  PRO A CB  1 
ATOM   792  C CG  . PRO A 1 99  ? 1.561   6.044   13.155  1.00 21.79 ? 99  PRO A CG  1 
ATOM   793  C CD  . PRO A 1 99  ? 2.297   6.354   11.874  1.00 20.62 ? 99  PRO A CD  1 
ATOM   794  N N   . PRO A 1 100 ? 3.537   9.295   15.405  1.00 19.83 ? 100 PRO A N   1 
ATOM   795  C CA  A PRO A 1 100 ? 4.315   9.497   16.626  0.50 19.57 ? 100 PRO A CA  1 
ATOM   796  C CA  B PRO A 1 100 ? 4.368   9.544   16.593  0.50 20.43 ? 100 PRO A CA  1 
ATOM   797  C C   A PRO A 1 100 ? 3.872   8.319   17.492  0.50 18.67 ? 100 PRO A C   1 
ATOM   798  C C   B PRO A 1 100 ? 4.752   8.504   17.652  0.50 20.14 ? 100 PRO A C   1 
ATOM   799  O O   A PRO A 1 100 ? 2.681   8.006   17.537  0.50 18.23 ? 100 PRO A O   1 
ATOM   800  O O   B PRO A 1 100 ? 5.847   8.588   18.208  0.50 22.10 ? 100 PRO A O   1 
ATOM   801  C CB  . PRO A 1 100 ? 3.734   10.792  17.188  1.00 19.88 ? 100 PRO A CB  1 
ATOM   802  C CG  . PRO A 1 100 ? 3.377   11.570  15.961  1.00 20.31 ? 100 PRO A CG  1 
ATOM   803  C CD  . PRO A 1 100 ? 2.736   10.491  15.078  1.00 20.30 ? 100 PRO A CD  1 
ATOM   804  N N   A GLY A 1 101 ? 4.795   7.658   18.172  0.50 18.74 ? 101 GLY A N   1 
ATOM   805  N N   B GLY A 1 101 ? 3.900   7.534   17.950  0.50 20.26 ? 101 GLY A N   1 
ATOM   806  C CA  A GLY A 1 101 ? 4.374   6.542   18.997  0.50 19.66 ? 101 GLY A CA  1 
ATOM   807  C CA  B GLY A 1 101 ? 4.292   6.552   18.949  0.50 20.38 ? 101 GLY A CA  1 
ATOM   808  C C   . GLY A 1 101 ? 4.564   5.198   18.324  1.00 20.40 ? 101 GLY A C   1 
ATOM   809  O O   . GLY A 1 101 ? 4.740   4.191   19.016  1.00 20.77 ? 101 GLY A O   1 
ATOM   810  N N   . SER A 1 102 ? 4.559   5.176   16.993  1.00 18.61 ? 102 SER A N   1 
ATOM   811  C CA  . SER A 1 102 ? 4.767   3.939   16.253  1.00 17.43 ? 102 SER A CA  1 
ATOM   812  C C   . SER A 1 102 ? 6.244   3.574   16.186  1.00 15.69 ? 102 SER A C   1 
ATOM   813  O O   . SER A 1 102 ? 7.119   4.439   16.213  1.00 16.13 ? 102 SER A O   1 
ATOM   814  C CB  . SER A 1 102 ? 4.207   4.061   14.829  1.00 16.94 ? 102 SER A CB  1 
ATOM   815  O OG  . SER A 1 102 ? 5.001   4.926   14.032  1.00 13.06 ? 102 SER A OG  1 
ATOM   816  N N   . LYS A 1 103 ? 6.514   2.280   16.100  1.00 15.23 ? 103 LYS A N   1 
ATOM   817  C CA  . LYS A 1 103 ? 7.880   1.791   16.026  1.00 14.61 ? 103 LYS A CA  1 
ATOM   818  C C   . LYS A 1 103 ? 8.536   2.369   14.779  1.00 13.45 ? 103 LYS A C   1 
ATOM   819  O O   . LYS A 1 103 ? 9.684   2.810   14.819  1.00 13.45 ? 103 LYS A O   1 
ATOM   820  C CB  . LYS A 1 103 ? 7.883   0.263   15.949  1.00 15.85 ? 103 LYS A CB  1 
ATOM   821  C CG  . LYS A 1 103 ? 9.233   -0.381  16.199  1.00 19.75 ? 103 LYS A CG  1 
ATOM   822  C CD  . LYS A 1 103 ? 9.524   -0.491  17.690  1.00 24.80 ? 103 LYS A CD  1 
ATOM   823  C CE  . LYS A 1 103 ? 8.535   -1.425  18.383  1.00 27.28 ? 103 LYS A CE  1 
ATOM   824  N NZ  . LYS A 1 103 ? 8.833   -1.605  19.837  1.00 30.22 ? 103 LYS A NZ  1 
ATOM   825  N N   . GLU A 1 104 ? 7.794   2.378   13.675  1.00 12.61 ? 104 GLU A N   1 
ATOM   826  C CA  . GLU A 1 104 ? 8.321   2.891   12.417  1.00 13.13 ? 104 GLU A CA  1 
ATOM   827  C C   . GLU A 1 104 ? 8.806   4.325   12.584  1.00 11.43 ? 104 GLU A C   1 
ATOM   828  O O   . GLU A 1 104 ? 9.875   4.684   12.096  1.00 9.89  ? 104 GLU A O   1 
ATOM   829  C CB  . GLU A 1 104 ? 7.258   2.834   11.312  1.00 11.99 ? 104 GLU A CB  1 
ATOM   830  C CG  . GLU A 1 104 ? 7.844   2.957   9.911   1.00 11.61 ? 104 GLU A CG  1 
ATOM   831  C CD  . GLU A 1 104 ? 6.791   2.958   8.818   1.00 12.60 ? 104 GLU A CD  1 
ATOM   832  O OE1 . GLU A 1 104 ? 5.710   2.367   9.017   1.00 13.68 ? 104 GLU A OE1 1 
ATOM   833  O OE2 . GLU A 1 104 ? 7.054   3.540   7.748   1.00 11.96 ? 104 GLU A OE2 1 
ATOM   834  N N   . ALA A 1 105 ? 8.020   5.139   13.283  1.00 13.24 ? 105 ALA A N   1 
ATOM   835  C CA  . ALA A 1 105 ? 8.384   6.536   13.504  1.00 13.23 ? 105 ALA A CA  1 
ATOM   836  C C   . ALA A 1 105 ? 9.639   6.657   14.365  1.00 13.64 ? 105 ALA A C   1 
ATOM   837  O O   . ALA A 1 105 ? 10.505  7.484   14.095  1.00 13.23 ? 105 ALA A O   1 
ATOM   838  C CB  . ALA A 1 105 ? 7.229   7.283   14.160  1.00 13.96 ? 105 ALA A CB  1 
ATOM   839  N N   . GLU A 1 106 ? 9.729   5.831   15.405  1.00 15.69 ? 106 GLU A N   1 
ATOM   840  C CA  . GLU A 1 106 ? 10.886  5.861   16.295  1.00 16.47 ? 106 GLU A CA  1 
ATOM   841  C C   . GLU A 1 106 ? 12.143  5.466   15.535  1.00 16.56 ? 106 GLU A C   1 
ATOM   842  O O   . GLU A 1 106 ? 13.188  6.109   15.651  1.00 15.64 ? 106 GLU A O   1 
ATOM   843  C CB  . GLU A 1 106 ? 10.692  4.897   17.464  1.00 18.16 ? 106 GLU A CB  1 
ATOM   844  C CG  . GLU A 1 106 ? 11.878  4.871   18.410  1.00 24.65 ? 106 GLU A CG  1 
ATOM   845  C CD  . GLU A 1 106 ? 11.949  3.603   19.226  1.00 29.02 ? 106 GLU A CD  1 
ATOM   846  O OE1 . GLU A 1 106 ? 12.098  2.517   18.627  1.00 32.05 ? 106 GLU A OE1 1 
ATOM   847  O OE2 . GLU A 1 106 ? 11.858  3.691   20.468  1.00 34.24 ? 106 GLU A OE2 1 
ATOM   848  N N   . VAL A 1 107 ? 12.037  4.386   14.768  1.00 17.64 ? 107 VAL A N   1 
ATOM   849  C CA  . VAL A 1 107 ? 13.158  3.898   13.977  1.00 17.75 ? 107 VAL A CA  1 
ATOM   850  C C   . VAL A 1 107 ? 13.612  4.990   13.016  1.00 15.59 ? 107 VAL A C   1 
ATOM   851  O O   . VAL A 1 107 ? 14.807  5.242   12.864  1.00 14.41 ? 107 VAL A O   1 
ATOM   852  C CB  . VAL A 1 107 ? 12.758  2.634   13.179  1.00 17.56 ? 107 VAL A CB  1 
ATOM   853  C CG1 . VAL A 1 107 ? 13.911  2.175   12.310  1.00 18.37 ? 107 VAL A CG1 1 
ATOM   854  C CG2 . VAL A 1 107 ? 12.350  1.529   14.140  1.00 19.50 ? 107 VAL A CG2 1 
ATOM   855  N N   . GLN A 1 108 ? 12.652  5.639   12.368  1.00 15.47 ? 108 GLN A N   1 
ATOM   856  C CA  . GLN A 1 108 ? 12.959  6.717   11.434  1.00 15.02 ? 108 GLN A CA  1 
ATOM   857  C C   . GLN A 1 108 ? 13.644  7.864   12.177  1.00 15.15 ? 108 GLN A C   1 
ATOM   858  O O   . GLN A 1 108 ? 14.624  8.439   11.692  1.00 14.15 ? 108 GLN A O   1 
ATOM   859  C CB  . GLN A 1 108 ? 11.671  7.223   10.776  1.00 17.35 ? 108 GLN A CB  1 
ATOM   860  C CG  . GLN A 1 108 ? 11.849  8.446   9.882   1.00 21.21 ? 108 GLN A CG  1 
ATOM   861  C CD  . GLN A 1 108 ? 12.699  8.172   8.650   1.00 24.92 ? 108 GLN A CD  1 
ATOM   862  O OE1 . GLN A 1 108 ? 12.943  9.070   7.845   1.00 28.03 ? 108 GLN A OE1 1 
ATOM   863  N NE2 . GLN A 1 108 ? 13.149  6.929   8.496   1.00 26.13 ? 108 GLN A NE2 1 
ATOM   864  N N   . ALA A 1 109 ? 13.122  8.186   13.357  1.00 13.18 ? 109 ALA A N   1 
ATOM   865  C CA  . ALA A 1 109 ? 13.668  9.265   14.175  1.00 12.27 ? 109 ALA A CA  1 
ATOM   866  C C   . ALA A 1 109 ? 15.125  9.001   14.550  1.00 11.73 ? 109 ALA A C   1 
ATOM   867  O O   . ALA A 1 109 ? 15.972  9.889   14.441  1.00 9.33  ? 109 ALA A O   1 
ATOM   868  C CB  . ALA A 1 109 ? 12.825  9.444   15.437  1.00 12.42 ? 109 ALA A CB  1 
ATOM   869  N N   . LYS A 1 110 ? 15.411  7.784   15.000  1.00 9.64  ? 110 LYS A N   1 
ATOM   870  C CA  . LYS A 1 110 ? 16.770  7.421   15.379  1.00 10.83 ? 110 LYS A CA  1 
ATOM   871  C C   . LYS A 1 110 ? 17.717  7.466   14.189  1.00 11.58 ? 110 LYS A C   1 
ATOM   872  O O   . LYS A 1 110 ? 18.838  7.963   14.295  1.00 8.97  ? 110 LYS A O   1 
ATOM   873  C CB  . LYS A 1 110 ? 16.797  6.025   16.008  1.00 13.68 ? 110 LYS A CB  1 
ATOM   874  C CG  . LYS A 1 110 ? 16.241  5.993   17.417  1.00 14.56 ? 110 LYS A CG  1 
ATOM   875  C CD  . LYS A 1 110 ? 16.479  4.661   18.110  1.00 18.41 ? 110 LYS A CD  1 
ATOM   876  C CE  . LYS A 1 110 ? 15.556  3.579   17.586  1.00 22.44 ? 110 LYS A CE  1 
ATOM   877  N NZ  . LYS A 1 110 ? 15.684  2.336   18.395  1.00 25.00 ? 110 LYS A NZ  1 
ATOM   878  N N   . GLN A 1 111 ? 17.266  6.948   13.052  1.00 11.32 ? 111 GLN A N   1 
ATOM   879  C CA  . GLN A 1 111 ? 18.094  6.945   11.855  1.00 12.80 ? 111 GLN A CA  1 
ATOM   880  C C   . GLN A 1 111 ? 18.453  8.357   11.389  1.00 12.44 ? 111 GLN A C   1 
ATOM   881  O O   . GLN A 1 111 ? 19.601  8.619   11.030  1.00 11.85 ? 111 GLN A O   1 
ATOM   882  C CB  . GLN A 1 111 ? 17.391  6.168   10.738  1.00 12.87 ? 111 GLN A CB  1 
ATOM   883  C CG  . GLN A 1 111 ? 17.425  4.658   10.948  1.00 15.25 ? 111 GLN A CG  1 
ATOM   884  C CD  . GLN A 1 111 ? 16.513  3.910   9.997   1.00 18.94 ? 111 GLN A CD  1 
ATOM   885  O OE1 . GLN A 1 111 ? 16.173  4.408   8.925   1.00 20.83 ? 111 GLN A OE1 1 
ATOM   886  N NE2 . GLN A 1 111 ? 16.121  2.699   10.382  1.00 19.07 ? 111 GLN A NE2 1 
ATOM   887  N N   . GLN A 1 112 ? 17.481  9.263   11.394  1.00 12.18 ? 112 GLN A N   1 
ATOM   888  C CA  . GLN A 1 112 ? 17.742  10.637  10.974  1.00 13.33 ? 112 GLN A CA  1 
ATOM   889  C C   . GLN A 1 112 ? 18.657  11.351  11.971  1.00 12.63 ? 112 GLN A C   1 
ATOM   890  O O   . GLN A 1 112 ? 19.491  12.173  11.582  1.00 12.29 ? 112 GLN A O   1 
ATOM   891  C CB  . GLN A 1 112 ? 16.433  11.423  10.839  1.00 16.47 ? 112 GLN A CB  1 
ATOM   892  C CG  . GLN A 1 112 ? 15.531  10.970  9.704   1.00 20.84 ? 112 GLN A CG  1 
ATOM   893  C CD  . GLN A 1 112 ? 14.312  11.862  9.552   1.00 23.83 ? 112 GLN A CD  1 
ATOM   894  O OE1 . GLN A 1 112 ? 13.549  12.049  10.499  1.00 24.95 ? 112 GLN A OE1 1 
ATOM   895  N NE2 . GLN A 1 112 ? 14.127  12.422  8.360   1.00 26.10 ? 112 GLN A NE2 1 
ATOM   896  N N   . ALA A 1 113 ? 18.493  11.045  13.255  1.00 11.93 ? 113 ALA A N   1 
ATOM   897  C CA  . ALA A 1 113 ? 19.316  11.664  14.293  1.00 11.88 ? 113 ALA A CA  1 
ATOM   898  C C   . ALA A 1 113 ? 20.777  11.279  14.076  1.00 10.70 ? 113 ALA A C   1 
ATOM   899  O O   . ALA A 1 113 ? 21.672  12.119  14.165  1.00 10.07 ? 113 ALA A O   1 
ATOM   900  C CB  . ALA A 1 113 ? 18.849  11.212  15.681  1.00 9.44  ? 113 ALA A CB  1 
ATOM   901  N N   . LEU A 1 114 ? 21.013  10.004  13.786  1.00 10.80 ? 114 LEU A N   1 
ATOM   902  C CA  . LEU A 1 114 ? 22.366  9.530   13.547  1.00 10.81 ? 114 LEU A CA  1 
ATOM   903  C C   . LEU A 1 114 ? 22.965  10.188  12.306  1.00 11.86 ? 114 LEU A C   1 
ATOM   904  O O   . LEU A 1 114 ? 24.084  10.692  12.342  1.00 10.23 ? 114 LEU A O   1 
ATOM   905  C CB  . LEU A 1 114 ? 22.382  8.010   13.363  1.00 10.79 ? 114 LEU A CB  1 
ATOM   906  C CG  . LEU A 1 114 ? 23.774  7.425   13.106  1.00 10.74 ? 114 LEU A CG  1 
ATOM   907  C CD1 . LEU A 1 114 ? 24.621  7.580   14.361  1.00 9.68  ? 114 LEU A CD1 1 
ATOM   908  C CD2 . LEU A 1 114 ? 23.663  5.957   12.709  1.00 9.95  ? 114 LEU A CD2 1 
ATOM   909  N N   . GLU A 1 115 ? 22.222  10.181  11.204  1.00 14.03 ? 115 GLU A N   1 
ATOM   910  C CA  . GLU A 1 115 ? 22.735  10.771  9.974   1.00 15.67 ? 115 GLU A CA  1 
ATOM   911  C C   . GLU A 1 115 ? 23.054  12.252  10.161  1.00 15.74 ? 115 GLU A C   1 
ATOM   912  O O   . GLU A 1 115 ? 23.960  12.786  9.515   1.00 15.06 ? 115 GLU A O   1 
ATOM   913  C CB  . GLU A 1 115 ? 21.744  10.545  8.826   1.00 17.81 ? 115 GLU A CB  1 
ATOM   914  C CG  . GLU A 1 115 ? 21.425  9.061   8.639   1.00 21.93 ? 115 GLU A CG  1 
ATOM   915  C CD  . GLU A 1 115 ? 20.612  8.755   7.395   1.00 25.02 ? 115 GLU A CD  1 
ATOM   916  O OE1 . GLU A 1 115 ? 19.714  9.552   7.049   1.00 24.46 ? 115 GLU A OE1 1 
ATOM   917  O OE2 . GLU A 1 115 ? 20.864  7.699   6.773   1.00 24.87 ? 115 GLU A OE2 1 
ATOM   918  N N   . HIS A 1 116 ? 22.326  12.915  11.057  1.00 14.24 ? 116 HIS A N   1 
ATOM   919  C CA  . HIS A 1 116 ? 22.586  14.326  11.319  1.00 13.88 ? 116 HIS A CA  1 
ATOM   920  C C   . HIS A 1 116 ? 23.878  14.492  12.110  1.00 13.42 ? 116 HIS A C   1 
ATOM   921  O O   . HIS A 1 116 ? 24.697  15.351  11.801  1.00 13.52 ? 116 HIS A O   1 
ATOM   922  C CB  . HIS A 1 116 ? 21.444  14.971  12.106  1.00 14.76 ? 116 HIS A CB  1 
ATOM   923  C CG  . HIS A 1 116 ? 21.822  16.277  12.737  1.00 15.00 ? 116 HIS A CG  1 
ATOM   924  N ND1 . HIS A 1 116 ? 22.545  16.353  13.910  1.00 14.48 ? 116 HIS A ND1 1 
ATOM   925  C CD2 . HIS A 1 116 ? 21.651  17.554  12.317  1.00 15.30 ? 116 HIS A CD2 1 
ATOM   926  C CE1 . HIS A 1 116 ? 22.806  17.620  14.182  1.00 16.55 ? 116 HIS A CE1 1 
ATOM   927  N NE2 . HIS A 1 116 ? 22.275  18.368  13.231  1.00 17.12 ? 116 HIS A NE2 1 
ATOM   928  N N   . HIS A 1 117 ? 24.056  13.671  13.138  1.00 13.46 ? 117 HIS A N   1 
ATOM   929  C CA  . HIS A 1 117 ? 25.255  13.768  13.958  1.00 14.64 ? 117 HIS A CA  1 
ATOM   930  C C   . HIS A 1 117 ? 26.519  13.484  13.155  1.00 13.86 ? 117 HIS A C   1 
ATOM   931  O O   . HIS A 1 117 ? 27.580  14.025  13.452  1.00 12.64 ? 117 HIS A O   1 
ATOM   932  C CB  . HIS A 1 117 ? 25.129  12.841  15.168  1.00 15.39 ? 117 HIS A CB  1 
ATOM   933  C CG  . HIS A 1 117 ? 24.029  13.244  16.103  1.00 17.77 ? 117 HIS A CG  1 
ATOM   934  N ND1 . HIS A 1 117 ? 23.529  12.408  17.078  1.00 19.14 ? 117 HIS A ND1 1 
ATOM   935  C CD2 . HIS A 1 117 ? 23.321  14.395  16.196  1.00 17.20 ? 117 HIS A CD2 1 
ATOM   936  C CE1 . HIS A 1 117 ? 22.558  13.025  17.728  1.00 17.21 ? 117 HIS A CE1 1 
ATOM   937  N NE2 . HIS A 1 117 ? 22.411  14.232  17.212  1.00 18.80 ? 117 HIS A NE2 1 
ATOM   938  N N   . HIS A 1 118 ? 26.403  12.646  12.130  1.00 14.19 ? 118 HIS A N   1 
ATOM   939  C CA  . HIS A 1 118 ? 27.548  12.346  11.277  1.00 13.77 ? 118 HIS A CA  1 
ATOM   940  C C   . HIS A 1 118 ? 27.840  13.565  10.394  1.00 13.66 ? 118 HIS A C   1 
ATOM   941  O O   . HIS A 1 118 ? 29.000  13.899  10.130  1.00 13.92 ? 118 HIS A O   1 
ATOM   942  C CB  . HIS A 1 118 ? 27.251  11.118  10.411  1.00 14.37 ? 118 HIS A CB  1 
ATOM   943  C CG  . HIS A 1 118 ? 27.357  9.821   11.153  1.00 16.68 ? 118 HIS A CG  1 
ATOM   944  N ND1 . HIS A 1 118 ? 26.910  8.626   10.632  1.00 16.27 ? 118 HIS A ND1 1 
ATOM   945  C CD2 . HIS A 1 118 ? 27.889  9.529   12.365  1.00 15.71 ? 118 HIS A CD2 1 
ATOM   946  C CE1 . HIS A 1 118 ? 27.164  7.652   11.490  1.00 15.99 ? 118 HIS A CE1 1 
ATOM   947  N NE2 . HIS A 1 118 ? 27.758  8.175   12.549  1.00 15.42 ? 118 HIS A NE2 1 
ATOM   948  N N   . HIS A 1 119 ? 26.774  14.224  9.947   1.00 11.88 ? 119 HIS A N   1 
ATOM   949  C CA  . HIS A 1 119 ? 26.874  15.420  9.109   1.00 11.97 ? 119 HIS A CA  1 
ATOM   950  C C   . HIS A 1 119 ? 27.406  16.594  9.931   1.00 11.90 ? 119 HIS A C   1 
ATOM   951  O O   . HIS A 1 119 ? 28.186  17.415  9.446   1.00 9.12  ? 119 HIS A O   1 
ATOM   952  C CB  . HIS A 1 119 ? 25.488  15.770  8.549   1.00 13.95 ? 119 HIS A CB  1 
ATOM   953  C CG  . HIS A 1 119 ? 25.416  17.109  7.877   1.00 14.17 ? 119 HIS A CG  1 
ATOM   954  N ND1 . HIS A 1 119 ? 26.036  17.374  6.674   1.00 15.94 ? 119 HIS A ND1 1 
ATOM   955  C CD2 . HIS A 1 119 ? 24.791  18.253  8.236   1.00 15.20 ? 119 HIS A CD2 1 
ATOM   956  C CE1 . HIS A 1 119 ? 25.792  18.624  6.321   1.00 13.66 ? 119 HIS A CE1 1 
ATOM   957  N NE2 . HIS A 1 119 ? 25.039  19.180  7.252   1.00 14.73 ? 119 HIS A NE2 1 
ATOM   958  N N   . HIS A 1 120 ? 26.973  16.652  11.184  1.00 12.90 ? 120 HIS A N   1 
ATOM   959  C CA  . HIS A 1 120 ? 27.352  17.707  12.124  1.00 15.16 ? 120 HIS A CA  1 
ATOM   960  C C   . HIS A 1 120 ? 28.830  17.647  12.516  1.00 15.87 ? 120 HIS A C   1 
ATOM   961  O O   . HIS A 1 120 ? 29.411  16.566  12.600  1.00 14.17 ? 120 HIS A O   1 
ATOM   962  C CB  . HIS A 1 120 ? 26.462  17.587  13.367  1.00 17.36 ? 120 HIS A CB  1 
ATOM   963  C CG  . HIS A 1 120 ? 26.653  18.680  14.368  1.00 18.74 ? 120 HIS A CG  1 
ATOM   964  N ND1 . HIS A 1 120 ? 27.537  18.582  15.420  1.00 20.35 ? 120 HIS A ND1 1 
ATOM   965  C CD2 . HIS A 1 120 ? 26.064  19.894  14.480  1.00 20.37 ? 120 HIS A CD2 1 
ATOM   966  C CE1 . HIS A 1 120 ? 27.484  19.689  16.141  1.00 21.06 ? 120 HIS A CE1 1 
ATOM   967  N NE2 . HIS A 1 120 ? 26.598  20.502  15.592  1.00 20.09 ? 120 HIS A NE2 1 
ATOM   968  N N   . HIS A 1 121 ? 29.433  18.810  12.754  1.00 14.88 ? 121 HIS A N   1 
ATOM   969  C CA  . HIS A 1 121 ? 30.844  18.893  13.139  1.00 15.58 ? 121 HIS A CA  1 
ATOM   970  C C   . HIS A 1 121 ? 31.038  19.112  14.643  1.00 17.51 ? 121 HIS A C   1 
ATOM   971  O O   . HIS A 1 121 ? 31.816  18.350  15.250  1.00 18.74 ? 121 HIS A O   1 
ATOM   972  C CB  . HIS A 1 121 ? 31.537  20.028  12.379  1.00 16.27 ? 121 HIS A CB  1 
ATOM   973  C CG  . HIS A 1 121 ? 31.543  19.845  10.896  1.00 15.84 ? 121 HIS A CG  1 
ATOM   974  N ND1 . HIS A 1 121 ? 32.208  18.809  10.277  1.00 16.25 ? 121 HIS A ND1 1 
ATOM   975  C CD2 . HIS A 1 121 ? 30.961  20.563  9.906   1.00 15.28 ? 121 HIS A CD2 1 
ATOM   976  C CE1 . HIS A 1 121 ? 32.036  18.896  8.969   1.00 14.41 ? 121 HIS A CE1 1 
ATOM   977  N NE2 . HIS A 1 121 ? 31.283  19.953  8.718   1.00 14.16 ? 121 HIS A NE2 1 
ATOM   978  O OXT . HIS A 1 121 ? 30.430  20.051  15.195  1.00 17.04 ? 121 HIS A OXT 1 
HETATM 979  C C1  . CIT B 2 .   ? -8.492  -9.220  -22.068 1.00 25.80 ? 200 CIT A C1  1 
HETATM 980  O O1  . CIT B 2 .   ? -7.711  -10.257 -21.993 1.00 26.69 ? 200 CIT A O1  1 
HETATM 981  O O2  . CIT B 2 .   ? -8.353  -8.373  -23.045 1.00 25.59 ? 200 CIT A O2  1 
HETATM 982  C C2  . CIT B 2 .   ? -9.532  -9.040  -21.022 1.00 25.88 ? 200 CIT A C2  1 
HETATM 983  C C3  . CIT B 2 .   ? -10.219 -10.292 -20.378 1.00 25.52 ? 200 CIT A C3  1 
HETATM 984  O O7  . CIT B 2 .   ? -9.103  -10.922 -19.672 1.00 24.72 ? 200 CIT A O7  1 
HETATM 985  C C4  . CIT B 2 .   ? -11.252 -9.933  -19.331 1.00 25.77 ? 200 CIT A C4  1 
HETATM 986  C C5  . CIT B 2 .   ? -10.915 -8.984  -18.209 1.00 27.10 ? 200 CIT A C5  1 
HETATM 987  O O3  . CIT B 2 .   ? -10.364 -9.513  -17.110 1.00 27.79 ? 200 CIT A O3  1 
HETATM 988  O O4  . CIT B 2 .   ? -11.163 -7.802  -18.380 1.00 27.94 ? 200 CIT A O4  1 
HETATM 989  C C6  . CIT B 2 .   ? -10.840 -11.270 -21.466 1.00 25.71 ? 200 CIT A C6  1 
HETATM 990  O O5  . CIT B 2 .   ? -10.482 -12.540 -21.294 1.00 24.41 ? 200 CIT A O5  1 
HETATM 991  O O6  . CIT B 2 .   ? -11.571 -10.786 -22.350 1.00 27.13 ? 200 CIT A O6  1 
HETATM 992  O O   . HOH C 3 .   ? -4.048  -15.340 -0.198  1.00 11.44 ? 201 HOH A O   1 
HETATM 993  O O   . HOH C 3 .   ? 4.175   -2.817  -6.742  1.00 10.66 ? 202 HOH A O   1 
HETATM 994  O O   . HOH C 3 .   ? -17.325 -3.234  -8.783  1.00 7.43  ? 203 HOH A O   1 
HETATM 995  O O   . HOH C 3 .   ? -0.202  -8.057  -10.340 1.00 11.83 ? 204 HOH A O   1 
HETATM 996  O O   . HOH C 3 .   ? -1.349  -7.622  -6.005  1.00 14.32 ? 205 HOH A O   1 
HETATM 997  O O   . HOH C 3 .   ? 8.604   0.515   2.802   1.00 10.69 ? 206 HOH A O   1 
HETATM 998  O O   . HOH C 3 .   ? -11.117 4.575   -10.043 1.00 10.67 ? 207 HOH A O   1 
HETATM 999  O O   . HOH C 3 .   ? -6.965  0.574   -18.424 1.00 11.00 ? 208 HOH A O   1 
HETATM 1000 O O   . HOH C 3 .   ? -18.910 -8.360  -7.524  1.00 8.24  ? 209 HOH A O   1 
HETATM 1001 O O   . HOH C 3 .   ? 10.017  9.920   12.937  1.00 16.84 ? 210 HOH A O   1 
HETATM 1002 O O   . HOH C 3 .   ? 7.119   1.735   -15.154 1.00 15.03 ? 211 HOH A O   1 
HETATM 1003 O O   . HOH C 3 .   ? -9.008  -5.993  -22.311 1.00 11.97 ? 212 HOH A O   1 
HETATM 1004 O O   . HOH C 3 .   ? 5.360   0.714   13.355  1.00 14.32 ? 213 HOH A O   1 
HETATM 1005 O O   . HOH C 3 .   ? 0.878   3.949   -15.894 1.00 14.66 ? 214 HOH A O   1 
HETATM 1006 O O   . HOH C 3 .   ? -18.899 -3.773  -6.452  1.00 12.11 ? 215 HOH A O   1 
HETATM 1007 O O   . HOH C 3 .   ? -11.494 7.027   -11.293 1.00 17.90 ? 216 HOH A O   1 
HETATM 1008 O O   . HOH C 3 .   ? 4.682   -11.660 -1.509  1.00 15.21 ? 217 HOH A O   1 
HETATM 1009 O O   . HOH C 3 .   ? -14.744 -10.280 -11.474 1.00 14.40 ? 218 HOH A O   1 
HETATM 1010 O O   . HOH C 3 .   ? -2.521  -2.810  -16.849 1.00 12.02 ? 219 HOH A O   1 
HETATM 1011 O O   . HOH C 3 .   ? -19.515 -0.425  -15.106 1.00 15.26 ? 220 HOH A O   1 
HETATM 1012 O O   . HOH C 3 .   ? -15.502 5.207   -9.238  1.00 24.72 ? 221 HOH A O   1 
HETATM 1013 O O   . HOH C 3 .   ? 1.423   -5.922  -9.645  1.00 15.28 ? 222 HOH A O   1 
HETATM 1014 O O   . HOH C 3 .   ? -17.071 -0.924  -3.387  1.00 11.94 ? 223 HOH A O   1 
HETATM 1015 O O   . HOH C 3 .   ? 13.370  12.856  12.991  1.00 14.11 ? 224 HOH A O   1 
HETATM 1016 O O   . HOH C 3 .   ? 5.141   -0.098  9.593   1.00 12.22 ? 225 HOH A O   1 
HETATM 1017 O O   . HOH C 3 .   ? -2.662  -10.031 -5.728  1.00 14.52 ? 226 HOH A O   1 
HETATM 1018 O O   . HOH C 3 .   ? -1.163  -5.465  -18.459 1.00 17.15 ? 227 HOH A O   1 
HETATM 1019 O O   . HOH C 3 .   ? 1.541   -8.607  -5.865  1.00 20.63 ? 228 HOH A O   1 
HETATM 1020 O O   . HOH C 3 .   ? 3.796   -9.164  5.821   1.00 17.02 ? 229 HOH A O   1 
HETATM 1021 O O   . HOH C 3 .   ? -0.723  2.003   -20.504 1.00 17.14 ? 230 HOH A O   1 
HETATM 1022 O O   . HOH C 3 .   ? -4.353  -7.618  7.915   1.00 23.00 ? 231 HOH A O   1 
HETATM 1023 O O   . HOH C 3 .   ? 15.371  3.295   6.893   1.00 22.41 ? 232 HOH A O   1 
HETATM 1024 O O   . HOH C 3 .   ? -9.617  -3.478  -19.214 1.00 14.16 ? 233 HOH A O   1 
HETATM 1025 O O   . HOH C 3 .   ? 4.006   -14.009 -16.175 1.00 15.12 ? 234 HOH A O   1 
HETATM 1026 O O   . HOH C 3 .   ? -15.567 2.908   -1.736  1.00 19.75 ? 235 HOH A O   1 
HETATM 1027 O O   . HOH C 3 .   ? -1.480  -10.884 -13.901 1.00 23.63 ? 236 HOH A O   1 
HETATM 1028 O O   . HOH C 3 .   ? 5.497   2.685   -2.400  1.00 17.63 ? 237 HOH A O   1 
HETATM 1029 O O   . HOH C 3 .   ? 5.692   -5.683  -5.947  1.00 18.69 ? 238 HOH A O   1 
HETATM 1030 O O   . HOH C 3 .   ? -6.849  -12.475 4.515   1.00 15.99 ? 239 HOH A O   1 
HETATM 1031 O O   . HOH C 3 .   ? -7.598  -10.097 -16.669 1.00 26.19 ? 240 HOH A O   1 
HETATM 1032 O O   . HOH C 3 .   ? 2.996   3.004   -17.028 1.00 17.40 ? 241 HOH A O   1 
HETATM 1033 O O   . HOH C 3 .   ? -0.031  11.485  1.685   1.00 15.47 ? 242 HOH A O   1 
HETATM 1034 O O   . HOH C 3 .   ? -0.113  5.471   -17.898 1.00 22.25 ? 243 HOH A O   1 
HETATM 1035 O O   . HOH C 3 .   ? 7.639   7.076   1.390   1.00 22.96 ? 244 HOH A O   1 
HETATM 1036 O O   . HOH C 3 .   ? 18.863  5.505   7.378   1.00 21.99 ? 245 HOH A O   1 
HETATM 1037 O O   . HOH C 3 .   ? -1.428  7.572   -11.342 1.00 17.13 ? 246 HOH A O   1 
HETATM 1038 O O   . HOH C 3 .   ? -15.021 -8.268  -13.493 1.00 23.79 ? 247 HOH A O   1 
HETATM 1039 O O   . HOH C 3 .   ? 10.688  0.579   10.481  1.00 17.13 ? 248 HOH A O   1 
HETATM 1040 O O   . HOH C 3 .   ? -10.627 4.633   6.530   1.00 22.41 ? 249 HOH A O   1 
HETATM 1041 O O   . HOH C 3 .   ? 20.008  7.201   4.489   1.00 20.15 ? 250 HOH A O   1 
HETATM 1042 O O   . HOH C 3 .   ? -3.095  -14.902 -5.652  1.00 20.47 ? 251 HOH A O   1 
HETATM 1043 O O   . HOH C 3 .   ? -7.903  6.588   -8.050  1.00 16.72 ? 252 HOH A O   1 
HETATM 1044 O O   . HOH C 3 .   ? 7.678   -2.757  -0.421  1.00 15.74 ? 253 HOH A O   1 
HETATM 1045 O O   . HOH C 3 .   ? 6.362   0.002   -9.726  1.00 22.39 ? 254 HOH A O   1 
HETATM 1046 O O   . HOH C 3 .   ? 0.249   9.520   8.990   1.00 21.85 ? 255 HOH A O   1 
HETATM 1047 O O   . HOH C 3 .   ? 7.515   6.609   18.043  1.00 25.93 ? 256 HOH A O   1 
HETATM 1048 O O   . HOH C 3 .   ? -6.136  8.119   12.056  1.00 26.60 ? 257 HOH A O   1 
HETATM 1049 O O   . HOH C 3 .   ? 5.268   -2.089  15.376  1.00 26.91 ? 258 HOH A O   1 
HETATM 1050 O O   . HOH C 3 .   ? 11.172  3.313   9.743   1.00 21.14 ? 259 HOH A O   1 
HETATM 1051 O O   . HOH C 3 .   ? 31.716  14.553  10.958  1.00 26.68 ? 260 HOH A O   1 
HETATM 1052 O O   . HOH C 3 .   ? 30.077  12.143  13.687  1.00 27.20 ? 261 HOH A O   1 
HETATM 1053 O O   . HOH C 3 .   ? -4.374  8.108   7.412   1.00 23.06 ? 262 HOH A O   1 
HETATM 1054 O O   . HOH C 3 .   ? 33.324  16.540  11.413  1.00 17.49 ? 263 HOH A O   1 
HETATM 1055 O O   . HOH C 3 .   ? -12.200 -10.256 -11.288 1.00 14.56 ? 264 HOH A O   1 
HETATM 1056 O O   . HOH C 3 .   ? 12.477  -1.601  11.491  1.00 19.92 ? 265 HOH A O   1 
HETATM 1057 O O   . HOH C 3 .   ? -4.673  -6.342  10.226  1.00 21.45 ? 266 HOH A O   1 
HETATM 1058 O O   . HOH C 3 .   ? -2.155  11.922  -5.884  1.00 18.11 ? 267 HOH A O   1 
HETATM 1059 O O   . HOH C 3 .   ? -4.100  -18.204 -0.400  1.00 19.92 ? 268 HOH A O   1 
HETATM 1060 O O   . HOH C 3 .   ? 24.034  21.683  7.539   1.00 20.21 ? 269 HOH A O   1 
HETATM 1061 O O   . HOH C 3 .   ? -17.617 1.259   -1.709  1.00 20.68 ? 270 HOH A O   1 
HETATM 1062 O O   . HOH C 3 .   ? -8.559  -5.184  10.971  1.00 24.12 ? 271 HOH A O   1 
HETATM 1063 O O   . HOH C 3 .   ? 6.370   -13.517 -2.768  1.00 23.94 ? 272 HOH A O   1 
HETATM 1064 O O   . HOH C 3 .   ? 0.029   -11.987 -12.006 1.00 18.43 ? 273 HOH A O   1 
HETATM 1065 O O   . HOH C 3 .   ? 5.567   -0.586  -5.413  1.00 15.76 ? 274 HOH A O   1 
HETATM 1066 O O   . HOH C 3 .   ? 0.733   -11.171 -4.774  1.00 23.48 ? 275 HOH A O   1 
HETATM 1067 O O   . HOH C 3 .   ? 0.891   11.483  6.685   1.00 18.46 ? 276 HOH A O   1 
HETATM 1068 O O   . HOH C 3 .   ? 25.603  8.448   8.068   1.00 22.58 ? 277 HOH A O   1 
HETATM 1069 O O   . HOH C 3 .   ? -6.725  10.272  4.817   1.00 22.06 ? 278 HOH A O   1 
HETATM 1070 O O   . HOH C 3 .   ? 33.302  16.321  14.066  1.00 22.89 ? 279 HOH A O   1 
HETATM 1071 O O   . HOH C 3 .   ? 0.479   -10.992 -9.275  1.00 23.45 ? 280 HOH A O   1 
HETATM 1072 O O   . HOH C 3 .   ? -10.817 -7.639  6.015   1.00 26.04 ? 281 HOH A O   1 
HETATM 1073 O O   . HOH C 3 .   ? -7.248  -6.305  -13.458 1.00 17.35 ? 282 HOH A O   1 
HETATM 1074 O O   . HOH C 3 .   ? 27.541  20.180  9.396   1.00 24.65 ? 283 HOH A O   1 
HETATM 1075 O O   . HOH C 3 .   ? -4.574  -16.326 -7.669  1.00 22.27 ? 284 HOH A O   1 
HETATM 1076 O O   . HOH C 3 .   ? -12.446 7.619   -4.860  1.00 24.23 ? 285 HOH A O   1 
HETATM 1077 O O   . HOH C 3 .   ? -10.099 -22.170 -3.924  1.00 24.91 ? 286 HOH A O   1 
HETATM 1078 O O   . HOH C 3 .   ? -12.047 -7.649  -12.556 1.00 21.37 ? 287 HOH A O   1 
HETATM 1079 O O   . HOH C 3 .   ? -12.184 -9.361  -0.983  1.00 22.55 ? 288 HOH A O   1 
HETATM 1080 O O   . HOH C 3 .   ? -11.471 -3.049  6.697   1.00 20.03 ? 289 HOH A O   1 
HETATM 1081 O O   . HOH C 3 .   ? 1.530   7.081   -9.704  1.00 22.56 ? 290 HOH A O   1 
HETATM 1082 O O   . HOH C 3 .   ? -15.047 -10.480 -2.394  1.00 21.64 ? 291 HOH A O   1 
HETATM 1083 O O   . HOH C 3 .   ? 0.595   -8.694  -19.124 1.00 32.35 ? 292 HOH A O   1 
HETATM 1084 O O   . HOH C 3 .   ? -6.456  -19.505 -1.554  1.00 32.37 ? 293 HOH A O   1 
HETATM 1085 O O   . HOH C 3 .   ? -4.574  -13.967 4.524   1.00 23.48 ? 294 HOH A O   1 
HETATM 1086 O O   . HOH C 3 .   ? -9.838  8.106   -9.458  1.00 16.31 ? 295 HOH A O   1 
HETATM 1087 O O   . HOH C 3 .   ? 11.404  3.658   5.469   1.00 14.22 ? 296 HOH A O   1 
HETATM 1088 O O   . HOH C 3 .   ? -14.041 -4.617  -19.415 1.00 27.18 ? 297 HOH A O   1 
HETATM 1089 O O   . HOH C 3 .   ? -3.457  -13.754 2.049   1.00 27.33 ? 298 HOH A O   1 
HETATM 1090 O O   . HOH C 3 .   ? 4.664   12.045  2.562   1.00 35.45 ? 299 HOH A O   1 
HETATM 1091 O O   . HOH C 3 .   ? 15.223  6.515   5.382   1.00 16.84 ? 300 HOH A O   1 
HETATM 1092 O O   . HOH C 3 .   ? -0.847  11.183  -3.108  1.00 27.39 ? 301 HOH A O   1 
HETATM 1093 O O   . HOH C 3 .   ? -11.801 -11.618 -15.928 1.00 29.58 ? 302 HOH A O   1 
HETATM 1094 O O   . HOH C 3 .   ? 22.698  7.574   4.688   1.00 26.14 ? 303 HOH A O   1 
HETATM 1095 O O   . HOH C 3 .   ? -11.856 7.110   3.593   1.00 20.78 ? 304 HOH A O   1 
HETATM 1096 O O   . HOH C 3 .   ? 5.300   3.595   -16.072 1.00 23.26 ? 305 HOH A O   1 
HETATM 1097 O O   . HOH C 3 .   ? 4.278   0.254   16.549  1.00 25.76 ? 306 HOH A O   1 
HETATM 1098 O O   . HOH C 3 .   ? 31.001  14.827  14.621  1.00 23.71 ? 307 HOH A O   1 
HETATM 1099 O O   . HOH C 3 .   ? 7.763   10.151  11.400  1.00 34.80 ? 308 HOH A O   1 
HETATM 1100 O O   . HOH C 3 .   ? -12.160 -2.994  -18.276 1.00 20.83 ? 309 HOH A O   1 
HETATM 1101 O O   . HOH C 3 .   ? 10.058  4.279   1.182   1.00 24.74 ? 310 HOH A O   1 
HETATM 1102 O O   . HOH C 3 .   ? 13.544  5.044   6.734   1.00 18.49 ? 311 HOH A O   1 
HETATM 1103 O O   . HOH C 3 .   ? 1.327   -2.612  -20.373 1.00 20.60 ? 312 HOH A O   1 
HETATM 1104 O O   . HOH C 3 .   ? -0.037  -7.032  -16.539 1.00 19.33 ? 313 HOH A O   1 
HETATM 1105 O O   . HOH C 3 .   ? 13.632  -5.292  7.702   1.00 32.12 ? 314 HOH A O   1 
HETATM 1106 O O   . HOH C 3 .   ? 2.747   10.977  -0.291  1.00 31.45 ? 315 HOH A O   1 
HETATM 1107 O O   . HOH C 3 .   ? 13.754  8.358   5.214   1.00 21.17 ? 316 HOH A O   1 
HETATM 1108 O O   . HOH C 3 .   ? -4.129  13.760  -6.311  1.00 25.36 ? 317 HOH A O   1 
HETATM 1109 O O   . HOH C 3 .   ? 5.213   -5.716  -9.094  1.00 24.47 ? 318 HOH A O   1 
HETATM 1110 O O   . HOH C 3 .   ? -14.107 1.504   1.591   1.00 21.21 ? 319 HOH A O   1 
HETATM 1111 O O   . HOH C 3 .   ? -9.048  -13.814 4.847   1.00 25.97 ? 320 HOH A O   1 
HETATM 1112 O O   . HOH C 3 .   ? 9.609   4.122   7.662   1.00 19.65 ? 321 HOH A O   1 
HETATM 1113 O O   . HOH C 3 .   ? -15.174 0.324   -23.388 1.00 28.49 ? 322 HOH A O   1 
HETATM 1114 O O   . HOH C 3 .   ? -9.108  -9.913  -14.416 1.00 32.01 ? 323 HOH A O   1 
HETATM 1115 O O   . HOH C 3 .   ? -12.942 1.970   -23.275 1.00 18.67 ? 324 HOH A O   1 
HETATM 1116 O O   . HOH C 3 .   ? 2.306   1.131   13.618  1.00 24.50 ? 325 HOH A O   1 
HETATM 1117 O O   . HOH C 3 .   ? -4.715  7.919   4.630   1.00 17.52 ? 326 HOH A O   1 
HETATM 1118 O O   . HOH C 3 .   ? 6.547   -9.722  -0.967  1.00 22.83 ? 327 HOH A O   1 
HETATM 1119 O O   . HOH C 3 .   ? -13.208 -3.564  4.374   1.00 25.16 ? 328 HOH A O   1 
HETATM 1120 O O   . HOH C 3 .   ? -2.687  5.971   11.211  1.00 21.87 ? 329 HOH A O   1 
HETATM 1121 O O   . HOH C 3 .   ? -6.825  -6.887  12.069  1.00 28.56 ? 330 HOH A O   1 
HETATM 1122 O O   . HOH C 3 .   ? 7.875   0.270   0.296   1.00 31.00 ? 331 HOH A O   1 
HETATM 1123 O O   . HOH C 3 .   ? -3.658  9.720   2.175   1.00 22.68 ? 332 HOH A O   1 
HETATM 1124 O O   . HOH C 3 .   ? 28.570  11.196  15.897  1.00 35.22 ? 333 HOH A O   1 
HETATM 1125 O O   . HOH C 3 .   ? 16.947  4.684   5.457   1.00 30.31 ? 334 HOH A O   1 
HETATM 1126 O O   . HOH C 3 .   ? -9.453  -20.250 -8.699  1.00 35.75 ? 335 HOH A O   1 
HETATM 1127 O O   . HOH C 3 .   ? 20.515  12.012  5.472   1.00 29.91 ? 336 HOH A O   1 
HETATM 1128 O O   . HOH C 3 .   ? -11.401 -5.470  7.551   1.00 25.42 ? 337 HOH A O   1 
HETATM 1129 O O   . HOH C 3 .   ? 7.344   3.558   -13.236 1.00 25.46 ? 338 HOH A O   1 
HETATM 1130 O O   . HOH C 3 .   ? 16.857  9.936   6.530   1.00 41.22 ? 339 HOH A O   1 
HETATM 1131 O O   . HOH C 3 .   ? 5.504   -4.485  -18.318 1.00 31.02 ? 340 HOH A O   1 
HETATM 1132 O O   . HOH C 3 .   ? 15.105  0.245   17.093  1.00 36.07 ? 341 HOH A O   1 
HETATM 1133 O O   . HOH C 3 .   ? -9.102  -3.460  13.523  1.00 25.07 ? 342 HOH A O   1 
HETATM 1134 O O   . HOH C 3 .   ? -9.274  3.393   8.785   1.00 20.61 ? 343 HOH A O   1 
HETATM 1135 O O   . HOH C 3 .   ? -1.345  -7.394  10.235  1.00 42.59 ? 344 HOH A O   1 
HETATM 1136 O O   . HOH C 3 .   ? -11.313 -2.285  13.706  1.00 33.90 ? 345 HOH A O   1 
HETATM 1137 O O   . HOH C 3 .   ? 12.175  -7.654  3.070   1.00 28.61 ? 346 HOH A O   1 
HETATM 1138 O O   . HOH C 3 .   ? 6.776   -5.900  -14.918 1.00 29.43 ? 347 HOH A O   1 
HETATM 1139 O O   . HOH C 3 .   ? -0.455  -13.617 1.994   1.00 27.48 ? 348 HOH A O   1 
HETATM 1140 O O   . HOH C 3 .   ? 4.345   -8.651  -7.776  1.00 29.44 ? 349 HOH A O   1 
HETATM 1141 O O   . HOH C 3 .   ? 28.659  8.485   15.471  1.00 27.91 ? 350 HOH A O   1 
HETATM 1142 O O   . HOH C 3 .   ? -2.158  7.949   9.471   1.00 35.00 ? 351 HOH A O   1 
HETATM 1143 O O   . HOH C 3 .   ? 17.238  7.490   3.850   1.00 33.45 ? 352 HOH A O   1 
HETATM 1144 O O   . HOH C 3 .   ? 7.989   2.742   -1.507  1.00 43.37 ? 353 HOH A O   1 
HETATM 1145 O O   . HOH C 3 .   ? 0.077   2.319   13.157  1.00 32.12 ? 354 HOH A O   1 
HETATM 1146 O O   . HOH C 3 .   ? 11.704  5.176   -1.207  1.00 35.80 ? 355 HOH A O   1 
HETATM 1147 O O   . HOH C 3 .   ? 20.914  6.427   9.946   1.00 22.01 ? 356 HOH A O   1 
HETATM 1148 O O   . HOH C 3 .   ? 3.831   6.681   -8.164  1.00 29.93 ? 357 HOH A O   1 
HETATM 1149 O O   . HOH C 3 .   ? 7.470   8.848   8.826   1.00 24.14 ? 358 HOH A O   1 
HETATM 1150 O O   . HOH C 3 .   ? -13.696 -1.734  2.402   1.00 23.98 ? 359 HOH A O   1 
HETATM 1151 O O   . HOH C 3 .   ? -5.153  9.990   10.488  1.00 24.49 ? 360 HOH A O   1 
HETATM 1152 O O   . HOH C 3 .   ? -11.321 -22.044 -1.713  1.00 31.71 ? 361 HOH A O   1 
HETATM 1153 O O   . HOH C 3 .   ? -10.868 -6.023  10.088  1.00 26.90 ? 362 HOH A O   1 
HETATM 1154 O O   . HOH C 3 .   ? -11.223 -12.809 3.720   1.00 40.53 ? 363 HOH A O   1 
HETATM 1155 O O   . HOH C 3 .   ? 14.571  1.803   5.044   1.00 32.57 ? 364 HOH A O   1 
HETATM 1156 O O   . HOH C 3 .   ? 29.233  22.408  14.645  1.00 33.80 ? 365 HOH A O   1 
HETATM 1157 O O   . HOH C 3 .   ? 2.446   5.132   -13.628 1.00 31.97 ? 366 HOH A O   1 
HETATM 1158 O O   . HOH C 3 .   ? -0.626  11.612  -7.947  1.00 23.09 ? 367 HOH A O   1 
HETATM 1159 O O   . HOH C 3 .   ? 4.201   7.831   -11.494 1.00 27.97 ? 368 HOH A O   1 
HETATM 1160 O O   . HOH C 3 .   ? 14.385  -6.353  5.520   1.00 33.03 ? 369 HOH A O   1 
HETATM 1161 O O   . HOH C 3 .   ? 7.838   -6.121  -3.806  1.00 34.35 ? 370 HOH A O   1 
HETATM 1162 O O   . HOH C 3 .   ? 2.824   -1.461  10.466  1.00 28.96 ? 371 HOH A O   1 
HETATM 1163 O O   . HOH C 3 .   ? 0.460   -8.921  -21.652 1.00 41.08 ? 372 HOH A O   1 
HETATM 1164 O O   . HOH C 3 .   ? 5.091   -4.859  10.855  1.00 30.61 ? 373 HOH A O   1 
HETATM 1165 O O   . HOH C 3 .   ? 9.711   -2.768  1.661   1.00 36.62 ? 374 HOH A O   1 
HETATM 1166 O O   . HOH C 3 .   ? 9.733   6.878   7.681   1.00 28.37 ? 375 HOH A O   1 
HETATM 1167 O O   . HOH C 3 .   ? 1.615   5.272   18.469  1.00 34.19 ? 376 HOH A O   1 
HETATM 1168 O O   . HOH C 3 .   ? 8.377   -8.821  -3.100  1.00 36.58 ? 377 HOH A O   1 
HETATM 1169 O O   . HOH C 3 .   ? 0.486   5.622   -12.015 1.00 39.94 ? 378 HOH A O   1 
HETATM 1170 O O   . HOH C 3 .   ? -12.338 9.818   -0.867  1.00 30.14 ? 379 HOH A O   1 
HETATM 1171 O O   . HOH C 3 .   ? -2.626  9.906   11.147  1.00 33.09 ? 380 HOH A O   1 
HETATM 1172 O O   . HOH C 3 .   ? 7.440   12.200  3.235   1.00 43.56 ? 381 HOH A O   1 
HETATM 1173 O O   . HOH C 3 .   ? -20.409 1.088   -17.174 1.00 36.48 ? 382 HOH A O   1 
HETATM 1174 O O   . HOH C 3 .   ? 29.959  14.216  12.447  1.00 21.35 ? 383 HOH A O   1 
HETATM 1175 O O   . HOH C 3 .   ? -12.852 -8.414  -14.979 1.00 28.00 ? 384 HOH A O   1 
HETATM 1176 O O   . HOH C 3 .   ? 7.684   2.754   -10.669 1.00 36.53 ? 385 HOH A O   1 
HETATM 1177 O O   . HOH C 3 .   ? 6.383   -7.209  -17.394 1.00 36.56 ? 386 HOH A O   1 
HETATM 1178 O O   . HOH C 3 .   ? -14.513 -5.702  7.291   1.00 37.09 ? 387 HOH A O   1 
HETATM 1179 O O   . HOH C 3 .   ? 13.470  -2.843  8.186   1.00 37.85 ? 388 HOH A O   1 
HETATM 1180 O O   . HOH C 3 .   ? -1.480  -12.214 5.389   1.00 38.62 ? 389 HOH A O   1 
HETATM 1181 O O   . HOH C 3 .   ? 7.260   7.758   5.106   1.00 34.81 ? 390 HOH A O   1 
HETATM 1182 O O   . HOH C 3 .   ? 1.787   13.982  -2.915  1.00 45.10 ? 391 HOH A O   1 
HETATM 1183 O O   . HOH C 3 .   ? 3.287   -9.186  -22.184 1.00 40.41 ? 392 HOH A O   1 
# 
